data_6WRB
# 
_entry.id   6WRB 
# 
_audit_conform.dict_name       mmcif_pdbx.dic 
_audit_conform.dict_version    5.380 
_audit_conform.dict_location   http://mmcif.pdb.org/dictionaries/ascii/mmcif_pdbx.dic 
# 
loop_
_database_2.database_id 
_database_2.database_code 
_database_2.pdbx_database_accession 
_database_2.pdbx_DOI 
PDB   6WRB         pdb_00006wrb 10.2210/pdb6wrb/pdb 
WWPDB D_1000248851 ?            ?                   
# 
_pdbx_database_status.status_code                     REL 
_pdbx_database_status.status_code_sf                  REL 
_pdbx_database_status.status_code_mr                  ? 
_pdbx_database_status.entry_id                        6WRB 
_pdbx_database_status.recvd_initial_deposition_date   2020-04-29 
_pdbx_database_status.SG_entry                        N 
_pdbx_database_status.deposit_site                    RCSB 
_pdbx_database_status.process_site                    RCSB 
_pdbx_database_status.status_code_cs                  ? 
_pdbx_database_status.status_code_nmr_data            ? 
_pdbx_database_status.methods_development_category    ? 
_pdbx_database_status.pdb_format_compatible           Y 
# 
loop_
_audit_author.name 
_audit_author.pdbx_ordinal 
_audit_author.identifier_ORCID 
'Simmons, C.R.'      1 0000-0002-2290-6132 
'MacCulloch, T.'     2 0000-0001-5875-3361 
'Stephanopoulos, N.' 3 0000-0001-7859-410X 
'Yan, H.'            4 0000-0001-7397-9852 
# 
_citation.abstract                  ? 
_citation.abstract_id_CAS           ? 
_citation.book_id_ISBN              ? 
_citation.book_publisher            ? 
_citation.book_publisher_city       ? 
_citation.book_title                ? 
_citation.coordinate_linkage        ? 
_citation.country                   UK 
_citation.database_id_Medline       ? 
_citation.details                   ? 
_citation.id                        primary 
_citation.journal_abbrev            'Nat Commun' 
_citation.journal_id_ASTM           ? 
_citation.journal_id_CSD            ? 
_citation.journal_id_ISSN           2041-1723 
_citation.journal_full              ? 
_citation.journal_issue             ? 
_citation.journal_volume            13 
_citation.language                  ? 
_citation.page_first                3112 
_citation.page_last                 3112 
_citation.title                     'The influence of Holliday junction sequence and dynamics on DNA crystal self-assembly.' 
_citation.year                      2022 
_citation.database_id_CSD           ? 
_citation.pdbx_database_id_DOI      10.1038/s41467-022-30779-6 
_citation.pdbx_database_id_PubMed   35662248 
_citation.unpublished_flag          ? 
# 
loop_
_citation_author.citation_id 
_citation_author.name 
_citation_author.ordinal 
_citation_author.identifier_ORCID 
primary 'Simmons, C.R.'      1  ?                   
primary 'MacCulloch, T.'     2  ?                   
primary 'Krepl, M.'          3  0000-0002-9833-4281 
primary 'Matthies, M.'       4  ?                   
primary 'Buchberger, A.'     5  ?                   
primary 'Crawford, I.'       6  ?                   
primary 'Sponer, J.'         7  0000-0001-6558-6186 
primary 'Sulc, P.'           8  0000-0003-1565-6769 
primary 'Stephanopoulos, N.' 9  0000-0001-7859-410X 
primary 'Yan, H.'            10 0000-0001-7397-9852 
# 
_cell.angle_alpha                  90.000 
_cell.angle_alpha_esd              ? 
_cell.angle_beta                   90.000 
_cell.angle_beta_esd               ? 
_cell.angle_gamma                  120.000 
_cell.angle_gamma_esd              ? 
_cell.entry_id                     6WRB 
_cell.details                      ? 
_cell.formula_units_Z              ? 
_cell.length_a                     67.918 
_cell.length_a_esd                 ? 
_cell.length_b                     67.918 
_cell.length_b_esd                 ? 
_cell.length_c                     59.511 
_cell.length_c_esd                 ? 
_cell.volume                       ? 
_cell.volume_esd                   ? 
_cell.Z_PDB                        6 
_cell.reciprocal_angle_alpha       ? 
_cell.reciprocal_angle_beta        ? 
_cell.reciprocal_angle_gamma       ? 
_cell.reciprocal_angle_alpha_esd   ? 
_cell.reciprocal_angle_beta_esd    ? 
_cell.reciprocal_angle_gamma_esd   ? 
_cell.reciprocal_length_a          ? 
_cell.reciprocal_length_b          ? 
_cell.reciprocal_length_c          ? 
_cell.reciprocal_length_a_esd      ? 
_cell.reciprocal_length_b_esd      ? 
_cell.reciprocal_length_c_esd      ? 
_cell.pdbx_unique_axis             ? 
# 
_symmetry.entry_id                         6WRB 
_symmetry.cell_setting                     ? 
_symmetry.Int_Tables_number                154 
_symmetry.space_group_name_Hall            ? 
_symmetry.space_group_name_H-M             'P 32 2 1' 
_symmetry.pdbx_full_space_group_name_H-M   ? 
# 
loop_
_entity.id 
_entity.type 
_entity.src_method 
_entity.pdbx_description 
_entity.formula_weight 
_entity.pdbx_number_of_molecules 
_entity.pdbx_ec 
_entity.pdbx_mutation 
_entity.pdbx_fragment 
_entity.details 
1 polymer     syn 
;DNA (5'-D(*GP*AP*GP*CP*AP*GP*AP*CP*CP*CP*GP*AP*CP*GP*GP*CP*AP*CP*TP*CP*A)-3')
;
6427.165 1 ? ? ? ? 
2 polymer     syn 
;DNA (5'-D(P*CP*GP*TP*CP*G)-3')
;
1496.011 1 ? ? ? ? 
3 polymer     syn 
;DNA (5'-D(*TP*CP*TP*GP*AP*GP*TP*GP*C)-3')
;
2746.809 1 ? ? ? ? 
4 polymer     syn 
;DNA (5'-D(P*GP*GP*TP*CP*TP*GP*C)-3')
;
2129.409 1 ? ? ? ? 
5 non-polymer syn 'MAGNESIUM ION'                                                                 24.305   1 ? ? ? ? 
6 non-polymer syn 'CACODYLATE ION'                                                                136.989  1 ? ? ? ? 
# 
loop_
_entity_poly.entity_id 
_entity_poly.type 
_entity_poly.nstd_linkage 
_entity_poly.nstd_monomer 
_entity_poly.pdbx_seq_one_letter_code 
_entity_poly.pdbx_seq_one_letter_code_can 
_entity_poly.pdbx_strand_id 
_entity_poly.pdbx_target_identifier 
1 polydeoxyribonucleotide no no 
;(DG)(DA)(DG)(DC)(DA)(DG)(DA)(DC)(DC)(DC)(DG)(DA)(DC)(DG)(DG)(DC)(DA)(DC)(DT)(DC)
(DA)
;
GAGCAGACCCGACGGCACTCA A ? 
2 polydeoxyribonucleotide no no '(DC)(DG)(DT)(DC)(DG)'                                                                  CGTCG B ? 
3 polydeoxyribonucleotide no no '(DT)(DC)(DT)(DG)(DA)(DG)(DT)(DG)(DC)'                                                  TCTGAGTGC 
C ? 
4 polydeoxyribonucleotide no no '(DG)(DG)(DT)(DC)(DT)(DG)(DC)'                                                          GGTCTGC D 
? 
# 
loop_
_entity_poly_seq.entity_id 
_entity_poly_seq.num 
_entity_poly_seq.mon_id 
_entity_poly_seq.hetero 
1 1  DG n 
1 2  DA n 
1 3  DG n 
1 4  DC n 
1 5  DA n 
1 6  DG n 
1 7  DA n 
1 8  DC n 
1 9  DC n 
1 10 DC n 
1 11 DG n 
1 12 DA n 
1 13 DC n 
1 14 DG n 
1 15 DG n 
1 16 DC n 
1 17 DA n 
1 18 DC n 
1 19 DT n 
1 20 DC n 
1 21 DA n 
2 1  DC n 
2 2  DG n 
2 3  DT n 
2 4  DC n 
2 5  DG n 
3 1  DT n 
3 2  DC n 
3 3  DT n 
3 4  DG n 
3 5  DA n 
3 6  DG n 
3 7  DT n 
3 8  DG n 
3 9  DC n 
4 1  DG n 
4 2  DG n 
4 3  DT n 
4 4  DC n 
4 5  DT n 
4 6  DG n 
4 7  DC n 
# 
loop_
_pdbx_entity_src_syn.entity_id 
_pdbx_entity_src_syn.pdbx_src_id 
_pdbx_entity_src_syn.pdbx_alt_source_flag 
_pdbx_entity_src_syn.pdbx_beg_seq_num 
_pdbx_entity_src_syn.pdbx_end_seq_num 
_pdbx_entity_src_syn.organism_scientific 
_pdbx_entity_src_syn.organism_common_name 
_pdbx_entity_src_syn.ncbi_taxonomy_id 
_pdbx_entity_src_syn.details 
1 1 sample 1 21 'synthetic construct' ? 32630 ? 
2 1 sample 1 5  'synthetic construct' ? 32630 ? 
3 1 sample 1 9  'synthetic construct' ? 32630 ? 
4 1 sample 1 7  'synthetic construct' ? 32630 ? 
# 
loop_
_struct_ref.id 
_struct_ref.db_name 
_struct_ref.db_code 
_struct_ref.pdbx_db_accession 
_struct_ref.pdbx_db_isoform 
_struct_ref.entity_id 
_struct_ref.pdbx_seq_one_letter_code 
_struct_ref.pdbx_align_begin 
1 PDB 6WRB 6WRB ? 1 ? 1 
2 PDB 6WRB 6WRB ? 2 ? 1 
3 PDB 6WRB 6WRB ? 3 ? 1 
4 PDB 6WRB 6WRB ? 4 ? 1 
# 
loop_
_struct_ref_seq.align_id 
_struct_ref_seq.ref_id 
_struct_ref_seq.pdbx_PDB_id_code 
_struct_ref_seq.pdbx_strand_id 
_struct_ref_seq.seq_align_beg 
_struct_ref_seq.pdbx_seq_align_beg_ins_code 
_struct_ref_seq.seq_align_end 
_struct_ref_seq.pdbx_seq_align_end_ins_code 
_struct_ref_seq.pdbx_db_accession 
_struct_ref_seq.db_align_beg 
_struct_ref_seq.pdbx_db_align_beg_ins_code 
_struct_ref_seq.db_align_end 
_struct_ref_seq.pdbx_db_align_end_ins_code 
_struct_ref_seq.pdbx_auth_seq_align_beg 
_struct_ref_seq.pdbx_auth_seq_align_end 
1 1 6WRB A 1 ? 21 ? 6WRB 1  ? 21 ? 1  21 
2 2 6WRB B 1 ? 5  ? 6WRB 1  ? 5  ? 1  5  
3 3 6WRB C 1 ? 9  ? 6WRB 1  ? 9  ? 1  9  
4 4 6WRB D 1 ? 7  ? 6WRB 10 ? 16 ? 10 16 
# 
loop_
_chem_comp.id 
_chem_comp.type 
_chem_comp.mon_nstd_flag 
_chem_comp.name 
_chem_comp.pdbx_synonyms 
_chem_comp.formula 
_chem_comp.formula_weight 
CAC non-polymer   . 'CACODYLATE ION'                     dimethylarsinate 'C2 H6 As O2 -1'  136.989 
DA  'DNA linking' y "2'-DEOXYADENOSINE-5'-MONOPHOSPHATE" ?                'C10 H14 N5 O6 P' 331.222 
DC  'DNA linking' y "2'-DEOXYCYTIDINE-5'-MONOPHOSPHATE"  ?                'C9 H14 N3 O7 P'  307.197 
DG  'DNA linking' y "2'-DEOXYGUANOSINE-5'-MONOPHOSPHATE" ?                'C10 H14 N5 O7 P' 347.221 
DT  'DNA linking' y "THYMIDINE-5'-MONOPHOSPHATE"         ?                'C10 H15 N2 O8 P' 322.208 
MG  non-polymer   . 'MAGNESIUM ION'                      ?                'Mg 2'            24.305  
# 
_exptl.absorpt_coefficient_mu     ? 
_exptl.absorpt_correction_T_max   ? 
_exptl.absorpt_correction_T_min   ? 
_exptl.absorpt_correction_type    ? 
_exptl.absorpt_process_details    ? 
_exptl.entry_id                   6WRB 
_exptl.crystals_number            1 
_exptl.details                    ? 
_exptl.method                     'X-RAY DIFFRACTION' 
_exptl.method_details             ? 
# 
_exptl_crystal.colour                      ? 
_exptl_crystal.density_diffrn              ? 
_exptl_crystal.density_Matthews            3.10 
_exptl_crystal.density_method              ? 
_exptl_crystal.density_percent_sol         60.27 
_exptl_crystal.description                 ? 
_exptl_crystal.F_000                       ? 
_exptl_crystal.id                          1 
_exptl_crystal.preparation                 ? 
_exptl_crystal.size_max                    ? 
_exptl_crystal.size_mid                    ? 
_exptl_crystal.size_min                    ? 
_exptl_crystal.size_rad                    ? 
_exptl_crystal.colour_lustre               ? 
_exptl_crystal.colour_modifier             ? 
_exptl_crystal.colour_primary              ? 
_exptl_crystal.density_meas                ? 
_exptl_crystal.density_meas_esd            ? 
_exptl_crystal.density_meas_gt             ? 
_exptl_crystal.density_meas_lt             ? 
_exptl_crystal.density_meas_temp           ? 
_exptl_crystal.density_meas_temp_esd       ? 
_exptl_crystal.density_meas_temp_gt        ? 
_exptl_crystal.density_meas_temp_lt        ? 
_exptl_crystal.pdbx_crystal_image_url      ? 
_exptl_crystal.pdbx_crystal_image_format   ? 
_exptl_crystal.pdbx_mosaicity              ? 
_exptl_crystal.pdbx_mosaicity_esd          ? 
# 
_exptl_crystal_grow.apparatus       ? 
_exptl_crystal_grow.atmosphere      ? 
_exptl_crystal_grow.crystal_id      1 
_exptl_crystal_grow.details         ? 
_exptl_crystal_grow.method          'VAPOR DIFFUSION, SITTING DROP' 
_exptl_crystal_grow.method_ref      ? 
_exptl_crystal_grow.pH              ? 
_exptl_crystal_grow.pressure        ? 
_exptl_crystal_grow.pressure_esd    ? 
_exptl_crystal_grow.seeding         ? 
_exptl_crystal_grow.seeding_ref     ? 
_exptl_crystal_grow.temp            298 
_exptl_crystal_grow.temp_details    'temperature gradient generated from 60 to 25 C at 0.3 degrees per hour' 
_exptl_crystal_grow.temp_esd        ? 
_exptl_crystal_grow.time            ? 
_exptl_crystal_grow.pdbx_details    
;0.5 mL of 0.05 M Cacodylate pH 6.5 with 36 mM MgCl2, 2.25 mM spermine, and 5% PEG 400 was added to the reservoir with 2 uL added to the drop containing 4 uL of DNA stock
;
_exptl_crystal_grow.pdbx_pH_range   ? 
# 
_diffrn.ambient_environment              ? 
_diffrn.ambient_temp                     100 
_diffrn.ambient_temp_details             ? 
_diffrn.ambient_temp_esd                 ? 
_diffrn.crystal_id                       1 
_diffrn.crystal_support                  ? 
_diffrn.crystal_treatment                ? 
_diffrn.details                          ? 
_diffrn.id                               1 
_diffrn.ambient_pressure                 ? 
_diffrn.ambient_pressure_esd             ? 
_diffrn.ambient_pressure_gt              ? 
_diffrn.ambient_pressure_lt              ? 
_diffrn.ambient_temp_gt                  ? 
_diffrn.ambient_temp_lt                  ? 
_diffrn.pdbx_serial_crystal_experiment   N 
# 
_diffrn_detector.details                      ? 
_diffrn_detector.detector                     CCD 
_diffrn_detector.diffrn_id                    1 
_diffrn_detector.type                         'ADSC QUANTUM 210r' 
_diffrn_detector.area_resol_mean              ? 
_diffrn_detector.dtime                        ? 
_diffrn_detector.pdbx_frames_total            ? 
_diffrn_detector.pdbx_collection_time_total   ? 
_diffrn_detector.pdbx_collection_date         2017-12-15 
_diffrn_detector.pdbx_frequency               ? 
# 
_diffrn_radiation.collimation                      ? 
_diffrn_radiation.diffrn_id                        1 
_diffrn_radiation.filter_edge                      ? 
_diffrn_radiation.inhomogeneity                    ? 
_diffrn_radiation.monochromator                    ? 
_diffrn_radiation.polarisn_norm                    ? 
_diffrn_radiation.polarisn_ratio                   ? 
_diffrn_radiation.probe                            ? 
_diffrn_radiation.type                             ? 
_diffrn_radiation.xray_symbol                      ? 
_diffrn_radiation.wavelength_id                    1 
_diffrn_radiation.pdbx_monochromatic_or_laue_m_l   M 
_diffrn_radiation.pdbx_wavelength_list             ? 
_diffrn_radiation.pdbx_wavelength                  ? 
_diffrn_radiation.pdbx_diffrn_protocol             'SINGLE WAVELENGTH' 
_diffrn_radiation.pdbx_analyzer                    ? 
_diffrn_radiation.pdbx_scattering_type             x-ray 
# 
_diffrn_radiation_wavelength.id           1 
_diffrn_radiation_wavelength.wavelength   1 
_diffrn_radiation_wavelength.wt           1.0 
# 
_diffrn_source.current                     ? 
_diffrn_source.details                     ? 
_diffrn_source.diffrn_id                   1 
_diffrn_source.power                       ? 
_diffrn_source.size                        ? 
_diffrn_source.source                      SYNCHROTRON 
_diffrn_source.target                      ? 
_diffrn_source.type                        'APS BEAMLINE 19-BM' 
_diffrn_source.voltage                     ? 
_diffrn_source.take-off_angle              ? 
_diffrn_source.pdbx_wavelength_list        1 
_diffrn_source.pdbx_wavelength             ? 
_diffrn_source.pdbx_synchrotron_beamline   19-BM 
_diffrn_source.pdbx_synchrotron_site       APS 
# 
_reflns.B_iso_Wilson_estimate            77.830 
_reflns.entry_id                         6WRB 
_reflns.data_reduction_details           ? 
_reflns.data_reduction_method            ? 
_reflns.d_resolution_high                3.148 
_reflns.d_resolution_low                 50.000 
_reflns.details                          ? 
_reflns.limit_h_max                      ? 
_reflns.limit_h_min                      ? 
_reflns.limit_k_max                      ? 
_reflns.limit_k_min                      ? 
_reflns.limit_l_max                      ? 
_reflns.limit_l_min                      ? 
_reflns.number_all                       ? 
_reflns.number_obs                       2891 
_reflns.observed_criterion               ? 
_reflns.observed_criterion_F_max         ? 
_reflns.observed_criterion_F_min         ? 
_reflns.observed_criterion_I_max         ? 
_reflns.observed_criterion_I_min         ? 
_reflns.observed_criterion_sigma_F       ? 
_reflns.observed_criterion_sigma_I       ? 
_reflns.percent_possible_obs             98.000 
_reflns.R_free_details                   ? 
_reflns.Rmerge_F_all                     ? 
_reflns.Rmerge_F_obs                     ? 
_reflns.Friedel_coverage                 ? 
_reflns.number_gt                        ? 
_reflns.threshold_expression             ? 
_reflns.pdbx_redundancy                  12.300 
_reflns.pdbx_Rmerge_I_obs                0.149 
_reflns.pdbx_Rmerge_I_all                ? 
_reflns.pdbx_Rsym_value                  ? 
_reflns.pdbx_netI_over_av_sigmaI         ? 
_reflns.pdbx_netI_over_sigmaI            5.400 
_reflns.pdbx_res_netI_over_av_sigmaI_2   ? 
_reflns.pdbx_res_netI_over_sigmaI_2      ? 
_reflns.pdbx_chi_squared                 1.297 
_reflns.pdbx_scaling_rejects             ? 
_reflns.pdbx_d_res_high_opt              ? 
_reflns.pdbx_d_res_low_opt               ? 
_reflns.pdbx_d_res_opt_method            ? 
_reflns.phase_calculation_details        ? 
_reflns.pdbx_Rrim_I_all                  0.156 
_reflns.pdbx_Rpim_I_all                  0.044 
_reflns.pdbx_d_opt                       ? 
_reflns.pdbx_number_measured_all         ? 
_reflns.pdbx_diffrn_id                   1 
_reflns.pdbx_ordinal                     1 
_reflns.pdbx_CC_half                     ? 
_reflns.pdbx_CC_star                     ? 
_reflns.pdbx_R_split                     ? 
# 
loop_
_reflns_shell.d_res_high 
_reflns_shell.d_res_low 
_reflns_shell.meanI_over_sigI_all 
_reflns_shell.meanI_over_sigI_obs 
_reflns_shell.number_measured_all 
_reflns_shell.number_measured_obs 
_reflns_shell.number_possible 
_reflns_shell.number_unique_all 
_reflns_shell.number_unique_obs 
_reflns_shell.percent_possible_all 
_reflns_shell.percent_possible_obs 
_reflns_shell.Rmerge_F_all 
_reflns_shell.Rmerge_F_obs 
_reflns_shell.Rmerge_I_all 
_reflns_shell.Rmerge_I_obs 
_reflns_shell.meanI_over_sigI_gt 
_reflns_shell.meanI_over_uI_all 
_reflns_shell.meanI_over_uI_gt 
_reflns_shell.number_measured_gt 
_reflns_shell.number_unique_gt 
_reflns_shell.percent_possible_gt 
_reflns_shell.Rmerge_F_gt 
_reflns_shell.Rmerge_I_gt 
_reflns_shell.pdbx_redundancy 
_reflns_shell.pdbx_Rsym_value 
_reflns_shell.pdbx_chi_squared 
_reflns_shell.pdbx_netI_over_sigmaI_all 
_reflns_shell.pdbx_netI_over_sigmaI_obs 
_reflns_shell.pdbx_Rrim_I_all 
_reflns_shell.pdbx_Rpim_I_all 
_reflns_shell.pdbx_rejects 
_reflns_shell.pdbx_ordinal 
_reflns_shell.pdbx_diffrn_id 
_reflns_shell.pdbx_CC_half 
_reflns_shell.pdbx_CC_star 
_reflns_shell.pdbx_R_split 
3.150 3.200  ? ? ? ? ? ? 120 82.800  ? ? ? ? 0.641 ? ? ? ? ? ? ? ? 7.300  ? 1.369 ? ? 0.678 0.209 ? 1  1 0.882 ? ? 
3.200 3.260  ? ? ? ? ? ? 130 88.400  ? ? ? ? 0.385 ? ? ? ? ? ? ? ? 8.100  ? 1.179 ? ? 0.406 0.121 ? 2  1 0.968 ? ? 
3.260 3.330  ? ? ? ? ? ? 137 96.500  ? ? ? ? 0.761 ? ? ? ? ? ? ? ? 8.300  ? 1.291 ? ? 0.803 0.243 ? 3  1 0.860 ? ? 
3.330 3.390  ? ? ? ? ? ? 137 97.200  ? ? ? ? 0.615 ? ? ? ? ? ? ? ? 10.100 ? 1.326 ? ? 0.645 0.185 ? 4  1 0.933 ? ? 
3.390 3.470  ? ? ? ? ? ? 144 100.000 ? ? ? ? 0.853 ? ? ? ? ? ? ? ? 10.300 ? 1.513 ? ? 0.895 0.262 ? 5  1 0.842 ? ? 
3.470 3.550  ? ? ? ? ? ? 142 98.600  ? ? ? ? 0.703 ? ? ? ? ? ? ? ? 11.600 ? 1.414 ? ? 0.732 0.202 ? 6  1 0.913 ? ? 
3.550 3.640  ? ? ? ? ? ? 143 100.000 ? ? ? ? 0.865 ? ? ? ? ? ? ? ? 12.300 ? 1.340 ? ? 0.902 0.248 ? 7  1 0.861 ? ? 
3.640 3.730  ? ? ? ? ? ? 142 100.000 ? ? ? ? 0.857 ? ? ? ? ? ? ? ? 12.700 ? 1.665 ? ? 0.892 0.242 ? 8  1 0.817 ? ? 
3.730 3.840  ? ? ? ? ? ? 139 100.000 ? ? ? ? 0.807 ? ? ? ? ? ? ? ? 13.700 ? 1.711 ? ? 0.837 0.221 ? 9  1 0.915 ? ? 
3.840 3.970  ? ? ? ? ? ? 152 100.000 ? ? ? ? 0.822 ? ? ? ? ? ? ? ? 13.600 ? 1.429 ? ? 0.854 0.229 ? 10 1 0.895 ? ? 
3.970 4.110  ? ? ? ? ? ? 136 100.000 ? ? ? ? 0.631 ? ? ? ? ? ? ? ? 14.600 ? 1.372 ? ? 0.653 0.169 ? 11 1 0.957 ? ? 
4.110 4.270  ? ? ? ? ? ? 165 100.000 ? ? ? ? 0.495 ? ? ? ? ? ? ? ? 13.500 ? 1.408 ? ? 0.514 0.137 ? 12 1 0.967 ? ? 
4.270 4.470  ? ? ? ? ? ? 130 100.000 ? ? ? ? 0.379 ? ? ? ? ? ? ? ? 14.400 ? 1.694 ? ? 0.393 0.102 ? 13 1 0.962 ? ? 
4.470 4.700  ? ? ? ? ? ? 152 100.000 ? ? ? ? 0.378 ? ? ? ? ? ? ? ? 13.900 ? 1.327 ? ? 0.392 0.103 ? 14 1 0.982 ? ? 
4.700 5.000  ? ? ? ? ? ? 150 100.000 ? ? ? ? 0.240 ? ? ? ? ? ? ? ? 13.900 ? 1.338 ? ? 0.249 0.066 ? 15 1 0.992 ? ? 
5.000 5.380  ? ? ? ? ? ? 144 100.000 ? ? ? ? 0.128 ? ? ? ? ? ? ? ? 14.000 ? 1.139 ? ? 0.132 0.035 ? 16 1 0.997 ? ? 
5.380 5.930  ? ? ? ? ? ? 153 100.000 ? ? ? ? 0.084 ? ? ? ? ? ? ? ? 13.700 ? 1.019 ? ? 0.088 0.023 ? 17 1 0.999 ? ? 
5.930 6.780  ? ? ? ? ? ? 153 100.000 ? ? ? ? 0.088 ? ? ? ? ? ? ? ? 13.700 ? 1.013 ? ? 0.091 0.024 ? 18 1 0.998 ? ? 
6.780 8.540  ? ? ? ? ? ? 157 100.000 ? ? ? ? 0.041 ? ? ? ? ? ? ? ? 13.000 ? 0.681 ? ? 0.043 0.012 ? 19 1 1.000 ? ? 
8.540 50.000 ? ? ? ? ? ? 165 97.100  ? ? ? ? 0.035 ? ? ? ? ? ? ? ? 11.700 ? 0.864 ? ? 0.037 0.012 ? 20 1 0.997 ? ? 
# 
_refine.aniso_B[1][1]                            ? 
_refine.aniso_B[1][2]                            ? 
_refine.aniso_B[1][3]                            ? 
_refine.aniso_B[2][2]                            ? 
_refine.aniso_B[2][3]                            ? 
_refine.aniso_B[3][3]                            ? 
_refine.B_iso_max                                138.910 
_refine.B_iso_mean                               85.1767 
_refine.B_iso_min                                38.520 
_refine.correlation_coeff_Fo_to_Fc               ? 
_refine.correlation_coeff_Fo_to_Fc_free          ? 
_refine.details                                  ? 
_refine.diff_density_max                         ? 
_refine.diff_density_max_esd                     ? 
_refine.diff_density_min                         ? 
_refine.diff_density_min_esd                     ? 
_refine.diff_density_rms                         ? 
_refine.diff_density_rms_esd                     ? 
_refine.entry_id                                 6WRB 
_refine.pdbx_refine_id                           'X-RAY DIFFRACTION' 
_refine.ls_abs_structure_details                 ? 
_refine.ls_abs_structure_Flack                   ? 
_refine.ls_abs_structure_Flack_esd               ? 
_refine.ls_abs_structure_Rogers                  ? 
_refine.ls_abs_structure_Rogers_esd              ? 
_refine.ls_d_res_high                            3.15 
_refine.ls_d_res_low                             41.8340 
_refine.ls_extinction_coef                       ? 
_refine.ls_extinction_coef_esd                   ? 
_refine.ls_extinction_expression                 ? 
_refine.ls_extinction_method                     ? 
_refine.ls_goodness_of_fit_all                   ? 
_refine.ls_goodness_of_fit_all_esd               ? 
_refine.ls_goodness_of_fit_obs                   ? 
_refine.ls_goodness_of_fit_obs_esd               ? 
_refine.ls_hydrogen_treatment                    ? 
_refine.ls_matrix_type                           ? 
_refine.ls_number_constraints                    ? 
_refine.ls_number_parameters                     ? 
_refine.ls_number_reflns_all                     ? 
_refine.ls_number_reflns_obs                     2874 
_refine.ls_number_reflns_R_free                  135 
_refine.ls_number_reflns_R_work                  2739 
_refine.ls_number_restraints                     ? 
_refine.ls_percent_reflns_obs                    97.7600 
_refine.ls_percent_reflns_R_free                 4.7000 
_refine.ls_R_factor_all                          ? 
_refine.ls_R_factor_obs                          0.2514 
_refine.ls_R_factor_R_free                       0.2633 
_refine.ls_R_factor_R_free_error                 ? 
_refine.ls_R_factor_R_free_error_details         ? 
_refine.ls_R_factor_R_work                       0.2508 
_refine.ls_R_Fsqd_factor_obs                     ? 
_refine.ls_R_I_factor_obs                        ? 
_refine.ls_redundancy_reflns_all                 ? 
_refine.ls_redundancy_reflns_obs                 ? 
_refine.ls_restrained_S_all                      ? 
_refine.ls_restrained_S_obs                      ? 
_refine.ls_shift_over_esd_max                    ? 
_refine.ls_shift_over_esd_mean                   ? 
_refine.ls_structure_factor_coef                 ? 
_refine.ls_weighting_details                     ? 
_refine.ls_weighting_scheme                      ? 
_refine.ls_wR_factor_all                         ? 
_refine.ls_wR_factor_obs                         ? 
_refine.ls_wR_factor_R_free                      ? 
_refine.ls_wR_factor_R_work                      ? 
_refine.occupancy_max                            ? 
_refine.occupancy_min                            ? 
_refine.solvent_model_details                    'FLAT BULK SOLVENT MODEL' 
_refine.solvent_model_param_bsol                 ? 
_refine.solvent_model_param_ksol                 ? 
_refine.pdbx_R_complete                          ? 
_refine.ls_R_factor_gt                           ? 
_refine.ls_goodness_of_fit_gt                    ? 
_refine.ls_goodness_of_fit_ref                   ? 
_refine.ls_shift_over_su_max                     ? 
_refine.ls_shift_over_su_max_lt                  ? 
_refine.ls_shift_over_su_mean                    ? 
_refine.ls_shift_over_su_mean_lt                 ? 
_refine.pdbx_ls_sigma_I                          ? 
_refine.pdbx_ls_sigma_F                          1.980 
_refine.pdbx_ls_sigma_Fsqd                       ? 
_refine.pdbx_data_cutoff_high_absF               ? 
_refine.pdbx_data_cutoff_high_rms_absF           ? 
_refine.pdbx_data_cutoff_low_absF                ? 
_refine.pdbx_isotropic_thermal_model             ? 
_refine.pdbx_ls_cross_valid_method               THROUGHOUT 
_refine.pdbx_method_to_determine_struct          'MOLECULAR REPLACEMENT' 
_refine.pdbx_starting_model                      5KEK 
_refine.pdbx_stereochemistry_target_values       ML 
_refine.pdbx_R_Free_selection_details            ? 
_refine.pdbx_stereochem_target_val_spec_case     ? 
_refine.pdbx_overall_ESU_R                       ? 
_refine.pdbx_overall_ESU_R_Free                  ? 
_refine.pdbx_solvent_vdw_probe_radii             1.1100 
_refine.pdbx_solvent_ion_probe_radii             ? 
_refine.pdbx_solvent_shrinkage_radii             0.9000 
_refine.pdbx_real_space_R                        ? 
_refine.pdbx_density_correlation                 ? 
_refine.pdbx_pd_number_of_powder_patterns        ? 
_refine.pdbx_pd_number_of_points                 ? 
_refine.pdbx_pd_meas_number_of_points            ? 
_refine.pdbx_pd_proc_ls_prof_R_factor            ? 
_refine.pdbx_pd_proc_ls_prof_wR_factor           ? 
_refine.pdbx_pd_Marquardt_correlation_coeff      ? 
_refine.pdbx_pd_Fsqrd_R_factor                   ? 
_refine.pdbx_pd_ls_matrix_band_width             ? 
_refine.pdbx_overall_phase_error                 26.9700 
_refine.pdbx_overall_SU_R_free_Cruickshank_DPI   ? 
_refine.pdbx_overall_SU_R_free_Blow_DPI          ? 
_refine.pdbx_overall_SU_R_Blow_DPI               ? 
_refine.pdbx_TLS_residual_ADP_flag               ? 
_refine.pdbx_diffrn_id                           1 
_refine.overall_SU_B                             ? 
_refine.overall_SU_ML                            0.2000 
_refine.overall_SU_R_Cruickshank_DPI             ? 
_refine.overall_SU_R_free                        ? 
_refine.overall_FOM_free_R_set                   ? 
_refine.overall_FOM_work_R_set                   ? 
_refine.pdbx_average_fsc_overall                 ? 
_refine.pdbx_average_fsc_work                    ? 
_refine.pdbx_average_fsc_free                    ? 
# 
_refine_hist.pdbx_refine_id                   'X-RAY DIFFRACTION' 
_refine_hist.cycle_id                         final 
_refine_hist.details                          ? 
_refine_hist.d_res_high                       3.15 
_refine_hist.d_res_low                        41.8340 
_refine_hist.number_atoms_solvent             0 
_refine_hist.number_atoms_total               857 
_refine_hist.number_reflns_all                ? 
_refine_hist.number_reflns_obs                ? 
_refine_hist.number_reflns_R_free             ? 
_refine_hist.number_reflns_R_work             ? 
_refine_hist.R_factor_all                     ? 
_refine_hist.R_factor_obs                     ? 
_refine_hist.R_factor_R_free                  ? 
_refine_hist.R_factor_R_work                  ? 
_refine_hist.pdbx_number_residues_total       42 
_refine_hist.pdbx_B_iso_mean_ligand           98.12 
_refine_hist.pdbx_B_iso_mean_solvent          ? 
_refine_hist.pdbx_number_atoms_protein        0 
_refine_hist.pdbx_number_atoms_nucleic_acid   855 
_refine_hist.pdbx_number_atoms_ligand         2 
_refine_hist.pdbx_number_atoms_lipid          ? 
_refine_hist.pdbx_number_atoms_carb           ? 
_refine_hist.pdbx_pseudo_atom_details         ? 
# 
loop_
_refine_ls_restr.pdbx_refine_id 
_refine_ls_restr.criterion 
_refine_ls_restr.dev_ideal 
_refine_ls_restr.dev_ideal_target 
_refine_ls_restr.number 
_refine_ls_restr.rejects 
_refine_ls_restr.type 
_refine_ls_restr.weight 
_refine_ls_restr.pdbx_restraint_function 
'X-RAY DIFFRACTION' ? 0.005  ? 956  ? f_bond_d           ? ? 
'X-RAY DIFFRACTION' ? 0.609  ? 1467 ? f_angle_d          ? ? 
'X-RAY DIFFRACTION' ? 0.030  ? 166  ? f_chiral_restr     ? ? 
'X-RAY DIFFRACTION' ? 0.003  ? 42   ? f_plane_restr      ? ? 
'X-RAY DIFFRACTION' ? 34.733 ? 406  ? f_dihedral_angle_d ? ? 
# 
_refine_ls_shell.pdbx_refine_id                   'X-RAY DIFFRACTION' 
_refine_ls_shell.d_res_high                       3.15 
_refine_ls_shell.d_res_low                        41.8340 
_refine_ls_shell.number_reflns_all                ? 
_refine_ls_shell.number_reflns_obs                ? 
_refine_ls_shell.number_reflns_R_free             135 
_refine_ls_shell.number_reflns_R_work             2739 
_refine_ls_shell.percent_reflns_obs               98.0000 
_refine_ls_shell.percent_reflns_R_free            ? 
_refine_ls_shell.R_factor_all                     ? 
_refine_ls_shell.R_factor_obs                     ? 
_refine_ls_shell.R_factor_R_free                  0.2633 
_refine_ls_shell.R_factor_R_free_error            0.0000 
_refine_ls_shell.R_factor_R_work                  0.2508 
_refine_ls_shell.redundancy_reflns_all            ? 
_refine_ls_shell.redundancy_reflns_obs            ? 
_refine_ls_shell.wR_factor_all                    ? 
_refine_ls_shell.wR_factor_obs                    ? 
_refine_ls_shell.wR_factor_R_free                 ? 
_refine_ls_shell.wR_factor_R_work                 ? 
_refine_ls_shell.pdbx_R_complete                  ? 
_refine_ls_shell.pdbx_total_number_of_bins_used   ? 
_refine_ls_shell.pdbx_phase_error                 ? 
_refine_ls_shell.pdbx_fsc_work                    ? 
_refine_ls_shell.pdbx_fsc_free                    ? 
# 
_struct.entry_id                     6WRB 
_struct.title                        
'Self-assembly of a 3D DNA crystal lattice (4x5 duplex version) containing the J5 immobile Holliday junction' 
_struct.pdbx_model_details           ? 
_struct.pdbx_formula_weight          ? 
_struct.pdbx_formula_weight_method   ? 
_struct.pdbx_model_type_details      ? 
_struct.pdbx_CASP_flag               N 
# 
_struct_keywords.entry_id        6WRB 
_struct_keywords.text            
'Structural DNA nanotechnology, immobile Holliday junctions, 3D DNA self-assembly, designer DNA crystals, DNA' 
_struct_keywords.pdbx_keywords   DNA 
# 
loop_
_struct_asym.id 
_struct_asym.pdbx_blank_PDB_chainid_flag 
_struct_asym.pdbx_modified 
_struct_asym.entity_id 
_struct_asym.details 
A N N 1 ? 
B N N 2 ? 
C N N 3 ? 
D N N 4 ? 
E N N 5 ? 
F N N 6 ? 
# 
loop_
_struct_conn.id 
_struct_conn.conn_type_id 
_struct_conn.pdbx_leaving_atom_flag 
_struct_conn.pdbx_PDB_id 
_struct_conn.ptnr1_label_asym_id 
_struct_conn.ptnr1_label_comp_id 
_struct_conn.ptnr1_label_seq_id 
_struct_conn.ptnr1_label_atom_id 
_struct_conn.pdbx_ptnr1_label_alt_id 
_struct_conn.pdbx_ptnr1_PDB_ins_code 
_struct_conn.pdbx_ptnr1_standard_comp_id 
_struct_conn.ptnr1_symmetry 
_struct_conn.ptnr2_label_asym_id 
_struct_conn.ptnr2_label_comp_id 
_struct_conn.ptnr2_label_seq_id 
_struct_conn.ptnr2_label_atom_id 
_struct_conn.pdbx_ptnr2_label_alt_id 
_struct_conn.pdbx_ptnr2_PDB_ins_code 
_struct_conn.ptnr1_auth_asym_id 
_struct_conn.ptnr1_auth_comp_id 
_struct_conn.ptnr1_auth_seq_id 
_struct_conn.ptnr2_auth_asym_id 
_struct_conn.ptnr2_auth_comp_id 
_struct_conn.ptnr2_auth_seq_id 
_struct_conn.ptnr2_symmetry 
_struct_conn.pdbx_ptnr3_label_atom_id 
_struct_conn.pdbx_ptnr3_label_seq_id 
_struct_conn.pdbx_ptnr3_label_comp_id 
_struct_conn.pdbx_ptnr3_label_asym_id 
_struct_conn.pdbx_ptnr3_label_alt_id 
_struct_conn.pdbx_ptnr3_PDB_ins_code 
_struct_conn.details 
_struct_conn.pdbx_dist_value 
_struct_conn.pdbx_value_order 
_struct_conn.pdbx_role 
hydrog1  hydrog ? ? A DG 3  N1 ? ? ? 1_555 D DC 7 N3 ? ? A DG 3  D DC 16 1_555 ? ? ? ? ? ? WATSON-CRICK ? ? ? 
hydrog2  hydrog ? ? A DG 3  N2 ? ? ? 1_555 D DC 7 O2 ? ? A DG 3  D DC 16 1_555 ? ? ? ? ? ? WATSON-CRICK ? ? ? 
hydrog3  hydrog ? ? A DG 3  O6 ? ? ? 1_555 D DC 7 N4 ? ? A DG 3  D DC 16 1_555 ? ? ? ? ? ? WATSON-CRICK ? ? ? 
hydrog4  hydrog ? ? A DC 4  N3 ? ? ? 1_555 D DG 6 N1 ? ? A DC 4  D DG 15 1_555 ? ? ? ? ? ? WATSON-CRICK ? ? ? 
hydrog5  hydrog ? ? A DC 4  N4 ? ? ? 1_555 D DG 6 O6 ? ? A DC 4  D DG 15 1_555 ? ? ? ? ? ? WATSON-CRICK ? ? ? 
hydrog6  hydrog ? ? A DC 4  O2 ? ? ? 1_555 D DG 6 N2 ? ? A DC 4  D DG 15 1_555 ? ? ? ? ? ? WATSON-CRICK ? ? ? 
hydrog7  hydrog ? ? A DA 5  N1 ? ? ? 1_555 D DT 5 N3 ? ? A DA 5  D DT 14 1_555 ? ? ? ? ? ? WATSON-CRICK ? ? ? 
hydrog8  hydrog ? ? A DA 5  N6 ? ? ? 1_555 D DT 5 O4 ? ? A DA 5  D DT 14 1_555 ? ? ? ? ? ? WATSON-CRICK ? ? ? 
hydrog9  hydrog ? ? A DG 6  N1 ? ? ? 1_555 D DC 4 N3 ? ? A DG 6  D DC 13 1_555 ? ? ? ? ? ? WATSON-CRICK ? ? ? 
hydrog10 hydrog ? ? A DG 6  N2 ? ? ? 1_555 D DC 4 O2 ? ? A DG 6  D DC 13 1_555 ? ? ? ? ? ? WATSON-CRICK ? ? ? 
hydrog11 hydrog ? ? A DG 6  O6 ? ? ? 1_555 D DC 4 N4 ? ? A DG 6  D DC 13 1_555 ? ? ? ? ? ? WATSON-CRICK ? ? ? 
hydrog12 hydrog ? ? A DA 7  N1 ? ? ? 1_555 D DT 3 N3 ? ? A DA 7  D DT 12 1_555 ? ? ? ? ? ? WATSON-CRICK ? ? ? 
hydrog13 hydrog ? ? A DA 7  N6 ? ? ? 1_555 D DT 3 O4 ? ? A DA 7  D DT 12 1_555 ? ? ? ? ? ? WATSON-CRICK ? ? ? 
hydrog14 hydrog ? ? A DC 8  N3 ? ? ? 1_555 D DG 2 N1 ? ? A DC 8  D DG 11 1_555 ? ? ? ? ? ? WATSON-CRICK ? ? ? 
hydrog15 hydrog ? ? A DC 8  N4 ? ? ? 1_555 D DG 2 O6 ? ? A DC 8  D DG 11 1_555 ? ? ? ? ? ? WATSON-CRICK ? ? ? 
hydrog16 hydrog ? ? A DC 8  O2 ? ? ? 1_555 D DG 2 N2 ? ? A DC 8  D DG 11 1_555 ? ? ? ? ? ? WATSON-CRICK ? ? ? 
hydrog17 hydrog ? ? A DC 9  N3 ? ? ? 1_555 D DG 1 N1 ? ? A DC 9  D DG 10 1_555 ? ? ? ? ? ? WATSON-CRICK ? ? ? 
hydrog18 hydrog ? ? A DC 9  N4 ? ? ? 1_555 D DG 1 O6 ? ? A DC 9  D DG 10 1_555 ? ? ? ? ? ? WATSON-CRICK ? ? ? 
hydrog19 hydrog ? ? A DC 9  O2 ? ? ? 1_555 D DG 1 N2 ? ? A DC 9  D DG 10 1_555 ? ? ? ? ? ? WATSON-CRICK ? ? ? 
hydrog20 hydrog ? ? A DC 10 N3 ? ? ? 1_555 B DG 5 N1 ? ? A DC 10 B DG 5  1_555 ? ? ? ? ? ? WATSON-CRICK ? ? ? 
hydrog21 hydrog ? ? A DC 10 N4 ? ? ? 1_555 B DG 5 O6 ? ? A DC 10 B DG 5  1_555 ? ? ? ? ? ? WATSON-CRICK ? ? ? 
hydrog22 hydrog ? ? A DC 10 O2 ? ? ? 1_555 B DG 5 N2 ? ? A DC 10 B DG 5  1_555 ? ? ? ? ? ? WATSON-CRICK ? ? ? 
hydrog23 hydrog ? ? A DG 11 N1 ? ? ? 1_555 B DC 4 N3 ? ? A DG 11 B DC 4  1_555 ? ? ? ? ? ? WATSON-CRICK ? ? ? 
hydrog24 hydrog ? ? A DG 11 N2 ? ? ? 1_555 B DC 4 O2 ? ? A DG 11 B DC 4  1_555 ? ? ? ? ? ? WATSON-CRICK ? ? ? 
hydrog25 hydrog ? ? A DG 11 O6 ? ? ? 1_555 B DC 4 N4 ? ? A DG 11 B DC 4  1_555 ? ? ? ? ? ? WATSON-CRICK ? ? ? 
hydrog26 hydrog ? ? A DA 12 N1 ? ? ? 1_555 B DT 3 N3 ? ? A DA 12 B DT 3  1_555 ? ? ? ? ? ? WATSON-CRICK ? ? ? 
hydrog27 hydrog ? ? A DA 12 N6 ? ? ? 1_555 B DT 3 O4 ? ? A DA 12 B DT 3  1_555 ? ? ? ? ? ? WATSON-CRICK ? ? ? 
hydrog28 hydrog ? ? A DC 13 N3 ? ? ? 1_555 B DG 2 N1 ? ? A DC 13 B DG 2  1_555 ? ? ? ? ? ? WATSON-CRICK ? ? ? 
hydrog29 hydrog ? ? A DC 13 N4 ? ? ? 1_555 B DG 2 O6 ? ? A DC 13 B DG 2  1_555 ? ? ? ? ? ? WATSON-CRICK ? ? ? 
hydrog30 hydrog ? ? A DC 13 O2 ? ? ? 1_555 B DG 2 N2 ? ? A DC 13 B DG 2  1_555 ? ? ? ? ? ? WATSON-CRICK ? ? ? 
hydrog31 hydrog ? ? A DG 14 N1 ? ? ? 1_555 B DC 1 N3 ? ? A DG 14 B DC 1  1_555 ? ? ? ? ? ? WATSON-CRICK ? ? ? 
hydrog32 hydrog ? ? A DG 14 N2 ? ? ? 1_555 B DC 1 O2 ? ? A DG 14 B DC 1  1_555 ? ? ? ? ? ? WATSON-CRICK ? ? ? 
hydrog33 hydrog ? ? A DG 14 O6 ? ? ? 1_555 B DC 1 N4 ? ? A DG 14 B DC 1  1_555 ? ? ? ? ? ? WATSON-CRICK ? ? ? 
hydrog34 hydrog ? ? A DG 15 N1 ? ? ? 1_555 C DC 9 N3 ? ? A DG 15 C DC 9  1_555 ? ? ? ? ? ? WATSON-CRICK ? ? ? 
hydrog35 hydrog ? ? A DG 15 N2 ? ? ? 1_555 C DC 9 O2 ? ? A DG 15 C DC 9  1_555 ? ? ? ? ? ? WATSON-CRICK ? ? ? 
hydrog36 hydrog ? ? A DG 15 O6 ? ? ? 1_555 C DC 9 N4 ? ? A DG 15 C DC 9  1_555 ? ? ? ? ? ? WATSON-CRICK ? ? ? 
hydrog37 hydrog ? ? A DC 16 N3 ? ? ? 1_555 C DG 8 N1 ? ? A DC 16 C DG 8  1_555 ? ? ? ? ? ? WATSON-CRICK ? ? ? 
hydrog38 hydrog ? ? A DC 16 N4 ? ? ? 1_555 C DG 8 O6 ? ? A DC 16 C DG 8  1_555 ? ? ? ? ? ? WATSON-CRICK ? ? ? 
hydrog39 hydrog ? ? A DC 16 O2 ? ? ? 1_555 C DG 8 N2 ? ? A DC 16 C DG 8  1_555 ? ? ? ? ? ? WATSON-CRICK ? ? ? 
hydrog40 hydrog ? ? A DA 17 N1 ? ? ? 1_555 C DT 7 N3 ? ? A DA 17 C DT 7  1_555 ? ? ? ? ? ? WATSON-CRICK ? ? ? 
hydrog41 hydrog ? ? A DA 17 N6 ? ? ? 1_555 C DT 7 O4 ? ? A DA 17 C DT 7  1_555 ? ? ? ? ? ? WATSON-CRICK ? ? ? 
hydrog42 hydrog ? ? A DC 18 N3 ? ? ? 1_555 C DG 6 N1 ? ? A DC 18 C DG 6  1_555 ? ? ? ? ? ? WATSON-CRICK ? ? ? 
hydrog43 hydrog ? ? A DC 18 N4 ? ? ? 1_555 C DG 6 O6 ? ? A DC 18 C DG 6  1_555 ? ? ? ? ? ? WATSON-CRICK ? ? ? 
hydrog44 hydrog ? ? A DC 18 O2 ? ? ? 1_555 C DG 6 N2 ? ? A DC 18 C DG 6  1_555 ? ? ? ? ? ? WATSON-CRICK ? ? ? 
hydrog45 hydrog ? ? A DT 19 N3 ? ? ? 1_555 C DA 5 N1 ? ? A DT 19 C DA 5  1_555 ? ? ? ? ? ? WATSON-CRICK ? ? ? 
hydrog46 hydrog ? ? A DT 19 O4 ? ? ? 1_555 C DA 5 N6 ? ? A DT 19 C DA 5  1_555 ? ? ? ? ? ? WATSON-CRICK ? ? ? 
hydrog47 hydrog ? ? A DC 20 N3 ? ? ? 1_555 C DG 4 N1 ? ? A DC 20 C DG 4  1_555 ? ? ? ? ? ? WATSON-CRICK ? ? ? 
hydrog48 hydrog ? ? A DC 20 N4 ? ? ? 1_555 C DG 4 O6 ? ? A DC 20 C DG 4  1_555 ? ? ? ? ? ? WATSON-CRICK ? ? ? 
hydrog49 hydrog ? ? A DC 20 O2 ? ? ? 1_555 C DG 4 N2 ? ? A DC 20 C DG 4  1_555 ? ? ? ? ? ? WATSON-CRICK ? ? ? 
hydrog50 hydrog ? ? A DA 21 N1 ? ? ? 1_555 C DT 3 N3 ? ? A DA 21 C DT 3  1_555 ? ? ? ? ? ? WATSON-CRICK ? ? ? 
hydrog51 hydrog ? ? A DA 21 N6 ? ? ? 1_555 C DT 3 O4 ? ? A DA 21 C DT 3  1_555 ? ? ? ? ? ? WATSON-CRICK ? ? ? 
# 
_struct_conn_type.id          hydrog 
_struct_conn_type.criteria    ? 
_struct_conn_type.reference   ? 
# 
_atom_sites.entry_id                    6WRB 
_atom_sites.Cartn_transf_matrix[1][1]   ? 
_atom_sites.Cartn_transf_matrix[1][2]   ? 
_atom_sites.Cartn_transf_matrix[1][3]   ? 
_atom_sites.Cartn_transf_matrix[2][1]   ? 
_atom_sites.Cartn_transf_matrix[2][2]   ? 
_atom_sites.Cartn_transf_matrix[2][3]   ? 
_atom_sites.Cartn_transf_matrix[3][1]   ? 
_atom_sites.Cartn_transf_matrix[3][2]   ? 
_atom_sites.Cartn_transf_matrix[3][3]   ? 
_atom_sites.Cartn_transf_vector[1]      ? 
_atom_sites.Cartn_transf_vector[2]      ? 
_atom_sites.Cartn_transf_vector[3]      ? 
_atom_sites.fract_transf_matrix[1][1]   0.00000171 
_atom_sites.fract_transf_matrix[1][2]   0.00266126 
_atom_sites.fract_transf_matrix[1][3]   -0.01679229 
_atom_sites.fract_transf_matrix[2][1]   -0.00172317 
_atom_sites.fract_transf_matrix[2][2]   -0.01311113 
_atom_sites.fract_transf_matrix[2][3]   -0.01068470 
_atom_sites.fract_transf_matrix[3][1]   -0.01668840 
_atom_sites.fract_transf_matrix[3][2]   0.00194368 
_atom_sites.fract_transf_matrix[3][3]   0.00030633 
_atom_sites.fract_transf_vector[1]      -1.262048 
_atom_sites.fract_transf_vector[2]      -1.632708 
_atom_sites.fract_transf_vector[3]      2.326432 
_atom_sites.solution_primary            ? 
_atom_sites.solution_secondary          ? 
_atom_sites.solution_hydrogens          ? 
_atom_sites.special_details             ? 
# 
loop_
_atom_type.symbol 
AS 
C  
MG 
N  
O  
P  
# 
loop_
_atom_site.group_PDB 
_atom_site.id 
_atom_site.type_symbol 
_atom_site.label_atom_id 
_atom_site.label_alt_id 
_atom_site.label_comp_id 
_atom_site.label_asym_id 
_atom_site.label_entity_id 
_atom_site.label_seq_id 
_atom_site.pdbx_PDB_ins_code 
_atom_site.Cartn_x 
_atom_site.Cartn_y 
_atom_site.Cartn_z 
_atom_site.occupancy 
_atom_site.B_iso_or_equiv 
_atom_site.pdbx_formal_charge 
_atom_site.auth_seq_id 
_atom_site.auth_comp_id 
_atom_site.auth_asym_id 
_atom_site.auth_atom_id 
_atom_site.pdbx_PDB_model_num 
ATOM   1   O  "O5'" . DG  A 1 1  ? -7.736  -34.828 3.704   1.00 90.67  ? 1   DG  A "O5'" 1 
ATOM   2   C  "C5'" . DG  A 1 1  ? -6.855  -35.937 3.586   1.00 94.18  ? 1   DG  A "C5'" 1 
ATOM   3   C  "C4'" . DG  A 1 1  ? -5.782  -35.659 2.554   1.00 93.79  ? 1   DG  A "C4'" 1 
ATOM   4   O  "O4'" . DG  A 1 1  ? -6.318  -35.853 1.235   1.00 93.97  ? 1   DG  A "O4'" 1 
ATOM   5   C  "C3'" . DG  A 1 1  ? -5.259  -34.230 2.550   1.00 94.20  ? 1   DG  A "C3'" 1 
ATOM   6   O  "O3'" . DG  A 1 1  ? -4.075  -34.137 3.330   1.00 103.26 ? 1   DG  A "O3'" 1 
ATOM   7   C  "C2'" . DG  A 1 1  ? -4.976  -33.932 1.069   1.00 92.03  ? 1   DG  A "C2'" 1 
ATOM   8   C  "C1'" . DG  A 1 1  ? -5.493  -35.165 0.331   1.00 86.64  ? 1   DG  A "C1'" 1 
ATOM   9   N  N9    . DG  A 1 1  ? -6.267  -34.837 -0.857  1.00 81.15  ? 1   DG  A N9    1 
ATOM   10  C  C8    . DG  A 1 1  ? -7.606  -34.542 -0.922  1.00 80.94  ? 1   DG  A C8    1 
ATOM   11  N  N7    . DG  A 1 1  ? -8.022  -34.278 -2.130  1.00 74.17  ? 1   DG  A N7    1 
ATOM   12  C  C5    . DG  A 1 1  ? -6.884  -34.404 -2.915  1.00 80.11  ? 1   DG  A C5    1 
ATOM   13  C  C6    . DG  A 1 1  ? -6.716  -34.236 -4.310  1.00 82.76  ? 1   DG  A C6    1 
ATOM   14  O  O6    . DG  A 1 1  ? -7.569  -33.935 -5.156  1.00 83.04  ? 1   DG  A O6    1 
ATOM   15  N  N1    . DG  A 1 1  ? -5.396  -34.458 -4.701  1.00 84.77  ? 1   DG  A N1    1 
ATOM   16  C  C2    . DG  A 1 1  ? -4.372  -34.797 -3.848  1.00 86.65  ? 1   DG  A C2    1 
ATOM   17  N  N2    . DG  A 1 1  ? -3.165  -34.968 -4.409  1.00 90.16  ? 1   DG  A N2    1 
ATOM   18  N  N3    . DG  A 1 1  ? -4.516  -34.956 -2.538  1.00 76.29  ? 1   DG  A N3    1 
ATOM   19  C  C4    . DG  A 1 1  ? -5.794  -34.742 -2.145  1.00 79.11  ? 1   DG  A C4    1 
ATOM   20  P  P     . DA  A 1 2  ? -3.356  -32.714 3.531   1.00 117.84 ? 2   DA  A P     1 
ATOM   21  O  OP1   . DA  A 1 2  ? -2.478  -32.806 4.720   1.00 100.06 ? 2   DA  A OP1   1 
ATOM   22  O  OP2   . DA  A 1 2  ? -4.418  -31.683 3.459   1.00 110.82 ? 2   DA  A OP2   1 
ATOM   23  O  "O5'" . DA  A 1 2  ? -2.436  -32.550 2.229   1.00 97.52  ? 2   DA  A "O5'" 1 
ATOM   24  C  "C5'" . DA  A 1 2  ? -1.524  -33.576 1.867   1.00 92.15  ? 2   DA  A "C5'" 1 
ATOM   25  C  "C4'" . DA  A 1 2  ? -0.971  -33.336 0.473   1.00 96.14  ? 2   DA  A "C4'" 1 
ATOM   26  O  "O4'" . DA  A 1 2  ? -2.057  -33.343 -0.492  1.00 95.08  ? 2   DA  A "O4'" 1 
ATOM   27  C  "C3'" . DA  A 1 2  ? -0.240  -32.002 0.285   1.00 102.48 ? 2   DA  A "C3'" 1 
ATOM   28  O  "O3'" . DA  A 1 2  ? 0.989   -32.218 -0.404  1.00 107.56 ? 2   DA  A "O3'" 1 
ATOM   29  C  "C2'" . DA  A 1 2  ? -1.219  -31.182 -0.555  1.00 94.33  ? 2   DA  A "C2'" 1 
ATOM   30  C  "C1'" . DA  A 1 2  ? -1.882  -32.266 -1.381  1.00 89.98  ? 2   DA  A "C1'" 1 
ATOM   31  N  N9    . DA  A 1 2  ? -3.184  -31.876 -1.912  1.00 86.79  ? 2   DA  A N9    1 
ATOM   32  C  C8    . DA  A 1 2  ? -4.329  -31.656 -1.202  1.00 83.49  ? 2   DA  A C8    1 
ATOM   33  N  N7    . DA  A 1 2  ? -5.352  -31.311 -1.944  1.00 79.89  ? 2   DA  A N7    1 
ATOM   34  C  C5    . DA  A 1 2  ? -4.841  -31.300 -3.230  1.00 78.14  ? 2   DA  A C5    1 
ATOM   35  C  C6    . DA  A 1 2  ? -5.424  -31.012 -4.477  1.00 80.06  ? 2   DA  A C6    1 
ATOM   36  N  N6    . DA  A 1 2  ? -6.705  -30.666 -4.624  1.00 86.05  ? 2   DA  A N6    1 
ATOM   37  N  N1    . DA  A 1 2  ? -4.636  -31.094 -5.571  1.00 81.48  ? 2   DA  A N1    1 
ATOM   38  C  C2    . DA  A 1 2  ? -3.354  -31.442 -5.416  1.00 89.10  ? 2   DA  A C2    1 
ATOM   39  N  N3    . DA  A 1 2  ? -2.695  -31.736 -4.296  1.00 92.52  ? 2   DA  A N3    1 
ATOM   40  C  C4    . DA  A 1 2  ? -3.506  -31.644 -3.228  1.00 85.41  ? 2   DA  A C4    1 
ATOM   41  P  P     . DG  A 1 3  ? 2.099   -31.056 -0.492  1.00 117.63 ? 3   DG  A P     1 
ATOM   42  O  OP1   . DG  A 1 3  ? 3.301   -31.544 0.221   1.00 118.29 ? 3   DG  A OP1   1 
ATOM   43  O  OP2   . DG  A 1 3  ? 1.488   -29.769 -0.095  1.00 112.83 ? 3   DG  A OP2   1 
ATOM   44  O  "O5'" . DG  A 1 3  ? 2.421   -30.971 -2.054  1.00 93.07  ? 3   DG  A "O5'" 1 
ATOM   45  C  "C5'" . DG  A 1 3  ? 1.370   -31.122 -2.988  1.00 85.42  ? 3   DG  A "C5'" 1 
ATOM   46  C  "C4'" . DG  A 1 3  ? 1.802   -30.673 -4.365  1.00 92.91  ? 3   DG  A "C4'" 1 
ATOM   47  O  "O4'" . DG  A 1 3  ? 0.628   -30.374 -5.153  1.00 98.74  ? 3   DG  A "O4'" 1 
ATOM   48  C  "C3'" . DG  A 1 3  ? 2.619   -29.397 -4.392  1.00 91.47  ? 3   DG  A "C3'" 1 
ATOM   49  O  "O3'" . DG  A 1 3  ? 3.387   -29.348 -5.586  1.00 96.97  ? 3   DG  A "O3'" 1 
ATOM   50  C  "C2'" . DG  A 1 3  ? 1.537   -28.319 -4.373  1.00 93.01  ? 3   DG  A "C2'" 1 
ATOM   51  C  "C1'" . DG  A 1 3  ? 0.387   -28.976 -5.144  1.00 94.26  ? 3   DG  A "C1'" 1 
ATOM   52  N  N9    . DG  A 1 3  ? -0.924  -28.732 -4.541  1.00 90.47  ? 3   DG  A N9    1 
ATOM   53  C  C8    . DG  A 1 3  ? -1.258  -28.853 -3.213  1.00 89.95  ? 3   DG  A C8    1 
ATOM   54  N  N7    . DG  A 1 3  ? -2.505  -28.567 -2.961  1.00 80.00  ? 3   DG  A N7    1 
ATOM   55  C  C5    . DG  A 1 3  ? -3.035  -28.232 -4.199  1.00 81.11  ? 3   DG  A C5    1 
ATOM   56  C  C6    . DG  A 1 3  ? -4.345  -27.832 -4.553  1.00 85.32  ? 3   DG  A C6    1 
ATOM   57  O  O6    . DG  A 1 3  ? -5.332  -27.691 -3.816  1.00 85.42  ? 3   DG  A O6    1 
ATOM   58  N  N1    . DG  A 1 3  ? -4.458  -27.585 -5.918  1.00 81.43  ? 3   DG  A N1    1 
ATOM   59  C  C2    . DG  A 1 3  ? -3.434  -27.711 -6.827  1.00 83.61  ? 3   DG  A C2    1 
ATOM   60  N  N2    . DG  A 1 3  ? -3.731  -27.426 -8.102  1.00 86.40  ? 3   DG  A N2    1 
ATOM   61  N  N3    . DG  A 1 3  ? -2.202  -28.083 -6.509  1.00 85.01  ? 3   DG  A N3    1 
ATOM   62  C  C4    . DG  A 1 3  ? -2.076  -28.330 -5.184  1.00 82.27  ? 3   DG  A C4    1 
ATOM   63  P  P     . DC  A 1 4  ? 4.314   -28.076 -5.912  1.00 107.40 ? 4   DC  A P     1 
ATOM   64  O  OP1   . DC  A 1 4  ? 5.529   -28.578 -6.587  1.00 118.02 ? 4   DC  A OP1   1 
ATOM   65  O  OP2   . DC  A 1 4  ? 4.460   -27.271 -4.679  1.00 104.75 ? 4   DC  A OP2   1 
ATOM   66  O  "O5'" . DC  A 1 4  ? 3.451   -27.248 -6.974  1.00 88.81  ? 4   DC  A "O5'" 1 
ATOM   67  C  "C5'" . DC  A 1 4  ? 2.994   -27.891 -8.152  1.00 83.06  ? 4   DC  A "C5'" 1 
ATOM   68  C  "C4'" . DC  A 1 4  ? 2.299   -26.910 -9.077  1.00 84.12  ? 4   DC  A "C4'" 1 
ATOM   69  O  "O4'" . DC  A 1 4  ? 0.918   -26.729 -8.669  1.00 91.31  ? 4   DC  A "O4'" 1 
ATOM   70  C  "C3'" . DC  A 1 4  ? 2.908   -25.517 -9.127  1.00 81.22  ? 4   DC  A "C3'" 1 
ATOM   71  O  "O3'" . DC  A 1 4  ? 2.859   -25.047 -10.455 1.00 92.00  ? 4   DC  A "O3'" 1 
ATOM   72  C  "C2'" . DC  A 1 4  ? 1.990   -24.709 -8.209  1.00 86.92  ? 4   DC  A "C2'" 1 
ATOM   73  C  "C1'" . DC  A 1 4  ? 0.646   -25.354 -8.497  1.00 91.68  ? 4   DC  A "C1'" 1 
ATOM   74  N  N1    . DC  A 1 4  ? -0.354  -25.213 -7.386  1.00 93.95  ? 4   DC  A N1    1 
ATOM   75  C  C2    . DC  A 1 4  ? -1.663  -24.793 -7.671  1.00 85.80  ? 4   DC  A C2    1 
ATOM   76  O  O2    . DC  A 1 4  ? -1.973  -24.528 -8.841  1.00 87.40  ? 4   DC  A O2    1 
ATOM   77  N  N3    . DC  A 1 4  ? -2.555  -24.685 -6.653  1.00 81.33  ? 4   DC  A N3    1 
ATOM   78  C  C4    . DC  A 1 4  ? -2.183  -24.980 -5.405  1.00 79.96  ? 4   DC  A C4    1 
ATOM   79  N  N4    . DC  A 1 4  ? -3.092  -24.858 -4.436  1.00 73.23  ? 4   DC  A N4    1 
ATOM   80  C  C5    . DC  A 1 4  ? -0.858  -25.408 -5.097  1.00 86.95  ? 4   DC  A C5    1 
ATOM   81  C  C6    . DC  A 1 4  ? 0.013   -25.515 -6.107  1.00 90.78  ? 4   DC  A C6    1 
ATOM   82  P  P     . DA  A 1 5  ? 3.498   -23.626 -10.836 1.00 126.75 ? 5   DA  A P     1 
ATOM   83  O  OP1   . DA  A 1 5  ? 4.224   -23.796 -12.118 1.00 108.91 ? 5   DA  A OP1   1 
ATOM   84  O  OP2   . DA  A 1 5  ? 4.203   -23.114 -9.637  1.00 114.78 ? 5   DA  A OP2   1 
ATOM   85  O  "O5'" . DA  A 1 5  ? 2.226   -22.696 -11.098 1.00 98.61  ? 5   DA  A "O5'" 1 
ATOM   86  C  "C5'" . DA  A 1 5  ? 1.447   -22.878 -12.268 1.00 83.18  ? 5   DA  A "C5'" 1 
ATOM   87  C  "C4'" . DA  A 1 5  ? 0.395   -21.792 -12.393 1.00 86.98  ? 5   DA  A "C4'" 1 
ATOM   88  O  "O4'" . DA  A 1 5  ? -0.520  -21.871 -11.272 1.00 94.15  ? 5   DA  A "O4'" 1 
ATOM   89  C  "C3'" . DA  A 1 5  ? 0.930   -20.363 -12.395 1.00 89.29  ? 5   DA  A "C3'" 1 
ATOM   90  O  "O3'" . DA  A 1 5  ? 0.135   -19.563 -13.247 1.00 94.01  ? 5   DA  A "O3'" 1 
ATOM   91  C  "C2'" . DA  A 1 5  ? 0.776   -19.945 -10.937 1.00 91.12  ? 5   DA  A "C2'" 1 
ATOM   92  C  "C1'" . DA  A 1 5  ? -0.517  -20.648 -10.563 1.00 93.39  ? 5   DA  A "C1'" 1 
ATOM   93  N  N9    . DA  A 1 5  ? -0.631  -20.952 -9.141  1.00 91.07  ? 5   DA  A N9    1 
ATOM   94  C  C8    . DA  A 1 5  ? 0.357   -21.401 -8.308  1.00 89.23  ? 5   DA  A C8    1 
ATOM   95  N  N7    . DA  A 1 5  ? -0.044  -21.598 -7.074  1.00 87.92  ? 5   DA  A N7    1 
ATOM   96  C  C5    . DA  A 1 5  ? -1.388  -21.257 -7.103  1.00 85.47  ? 5   DA  A C5    1 
ATOM   97  C  C6    . DA  A 1 5  ? -2.388  -21.249 -6.110  1.00 85.20  ? 5   DA  A C6    1 
ATOM   98  N  N6    . DA  A 1 5  ? -2.171  -21.606 -4.841  1.00 88.25  ? 5   DA  A N6    1 
ATOM   99  N  N1    . DA  A 1 5  ? -3.627  -20.851 -6.475  1.00 86.33  ? 5   DA  A N1    1 
ATOM   100 C  C2    . DA  A 1 5  ? -3.840  -20.493 -7.746  1.00 90.97  ? 5   DA  A C2    1 
ATOM   101 N  N3    . DA  A 1 5  ? -2.982  -20.460 -8.762  1.00 93.02  ? 5   DA  A N3    1 
ATOM   102 C  C4    . DA  A 1 5  ? -1.763  -20.859 -8.370  1.00 87.65  ? 5   DA  A C4    1 
ATOM   103 P  P     . DG  A 1 6  ? 0.697   -18.168 -13.810 1.00 113.05 ? 6   DG  A P     1 
ATOM   104 O  OP1   . DG  A 1 6  ? 0.879   -18.307 -15.273 1.00 116.34 ? 6   DG  A OP1   1 
ATOM   105 O  OP2   . DG  A 1 6  ? 1.830   -17.747 -12.956 1.00 100.92 ? 6   DG  A OP2   1 
ATOM   106 O  "O5'" . DG  A 1 6  ? -0.500  -17.154 -13.543 1.00 105.99 ? 6   DG  A "O5'" 1 
ATOM   107 C  "C5'" . DG  A 1 6  ? -1.833  -17.588 -13.708 1.00 98.21  ? 6   DG  A "C5'" 1 
ATOM   108 C  "C4'" . DG  A 1 6  ? -2.717  -16.962 -12.655 1.00 97.63  ? 6   DG  A "C4'" 1 
ATOM   109 O  "O4'" . DG  A 1 6  ? -2.500  -17.615 -11.389 1.00 95.32  ? 6   DG  A "O4'" 1 
ATOM   110 C  "C3'" . DG  A 1 6  ? -2.453  -15.477 -12.406 1.00 97.78  ? 6   DG  A "C3'" 1 
ATOM   111 O  "O3'" . DG  A 1 6  ? -3.556  -14.717 -12.879 1.00 106.45 ? 6   DG  A "O3'" 1 
ATOM   112 C  "C2'" . DG  A 1 6  ? -2.275  -15.363 -10.878 1.00 91.74  ? 6   DG  A "C2'" 1 
ATOM   113 C  "C1'" . DG  A 1 6  ? -2.801  -16.699 -10.379 1.00 91.98  ? 6   DG  A "C1'" 1 
ATOM   114 N  N9    . DG  A 1 6  ? -2.185  -17.158 -9.137  1.00 87.70  ? 6   DG  A N9    1 
ATOM   115 C  C8    . DG  A 1 6  ? -0.875  -17.523 -8.942  1.00 83.63  ? 6   DG  A C8    1 
ATOM   116 N  N7    . DG  A 1 6  ? -0.619  -17.900 -7.718  1.00 78.57  ? 6   DG  A N7    1 
ATOM   117 C  C5    . DG  A 1 6  ? -1.839  -17.781 -7.064  1.00 82.02  ? 6   DG  A C5    1 
ATOM   118 C  C6    . DG  A 1 6  ? -2.186  -18.050 -5.719  1.00 79.93  ? 6   DG  A C6    1 
ATOM   119 O  O6    . DG  A 1 6  ? -1.457  -18.457 -4.804  1.00 70.47  ? 6   DG  A O6    1 
ATOM   120 N  N1    . DG  A 1 6  ? -3.533  -17.794 -5.473  1.00 81.96  ? 6   DG  A N1    1 
ATOM   121 C  C2    . DG  A 1 6  ? -4.431  -17.341 -6.412  1.00 86.09  ? 6   DG  A C2    1 
ATOM   122 N  N2    . DG  A 1 6  ? -5.692  -17.147 -5.998  1.00 89.25  ? 6   DG  A N2    1 
ATOM   123 N  N3    . DG  A 1 6  ? -4.116  -17.084 -7.672  1.00 86.66  ? 6   DG  A N3    1 
ATOM   124 C  C4    . DG  A 1 6  ? -2.811  -17.327 -7.927  1.00 86.77  ? 6   DG  A C4    1 
ATOM   125 P  P     . DA  A 1 7  ? -3.680  -13.149 -12.553 1.00 114.77 ? 7   DA  A P     1 
ATOM   126 O  OP1   . DA  A 1 7  ? -4.521  -12.554 -13.616 1.00 104.67 ? 7   DA  A OP1   1 
ATOM   127 O  OP2   . DA  A 1 7  ? -2.331  -12.598 -12.285 1.00 98.93  ? 7   DA  A OP2   1 
ATOM   128 O  "O5'" . DA  A 1 7  ? -4.509  -13.129 -11.193 1.00 99.04  ? 7   DA  A "O5'" 1 
ATOM   129 C  "C5'" . DA  A 1 7  ? -5.611  -14.010 -11.037 1.00 103.38 ? 7   DA  A "C5'" 1 
ATOM   130 C  "C4'" . DA  A 1 7  ? -6.446  -13.615 -9.840  1.00 108.52 ? 7   DA  A "C4'" 1 
ATOM   131 O  "O4'" . DA  A 1 7  ? -5.960  -14.302 -8.660  1.00 100.64 ? 7   DA  A "O4'" 1 
ATOM   132 C  "C3'" . DA  A 1 7  ? -6.431  -12.126 -9.519  1.00 109.43 ? 7   DA  A "C3'" 1 
ATOM   133 O  "O3'" . DA  A 1 7  ? -7.737  -11.687 -9.166  1.00 109.14 ? 7   DA  A "O3'" 1 
ATOM   134 C  "C2'" . DA  A 1 7  ? -5.444  -12.010 -8.357  1.00 103.91 ? 7   DA  A "C2'" 1 
ATOM   135 C  "C1'" . DA  A 1 7  ? -5.530  -13.378 -7.683  1.00 95.62  ? 7   DA  A "C1'" 1 
ATOM   136 N  N9    . DA  A 1 7  ? -4.246  -13.839 -7.164  1.00 88.51  ? 7   DA  A N9    1 
ATOM   137 C  C8    . DA  A 1 7  ? -3.070  -13.925 -7.854  1.00 90.08  ? 7   DA  A C8    1 
ATOM   138 N  N7    . DA  A 1 7  ? -2.067  -14.376 -7.140  1.00 86.47  ? 7   DA  A N7    1 
ATOM   139 C  C5    . DA  A 1 7  ? -2.625  -14.608 -5.894  1.00 85.10  ? 7   DA  A C5    1 
ATOM   140 C  C6    . DA  A 1 7  ? -2.080  -15.089 -4.687  1.00 83.12  ? 7   DA  A C6    1 
ATOM   141 N  N6    . DA  A 1 7  ? -0.800  -15.444 -4.549  1.00 77.17  ? 7   DA  A N6    1 
ATOM   142 N  N1    . DA  A 1 7  ? -2.907  -15.201 -3.628  1.00 87.60  ? 7   DA  A N1    1 
ATOM   143 C  C2    . DA  A 1 7  ? -4.192  -14.852 -3.773  1.00 88.39  ? 7   DA  A C2    1 
ATOM   144 N  N3    . DA  A 1 7  ? -4.817  -14.379 -4.854  1.00 87.38  ? 7   DA  A N3    1 
ATOM   145 C  C4    . DA  A 1 7  ? -3.969  -14.283 -5.890  1.00 86.95  ? 7   DA  A C4    1 
ATOM   146 P  P     . DC  A 1 8  ? -7.998  -10.152 -8.768  1.00 125.04 ? 8   DC  A P     1 
ATOM   147 O  OP1   . DC  A 1 8  ? -9.383  -9.813  -9.165  1.00 127.65 ? 8   DC  A OP1   1 
ATOM   148 O  OP2   . DC  A 1 8  ? -6.869  -9.333  -9.264  1.00 115.21 ? 8   DC  A OP2   1 
ATOM   149 O  "O5'" . DC  A 1 8  ? -7.923  -10.175 -7.177  1.00 114.53 ? 8   DC  A "O5'" 1 
ATOM   150 C  "C5'" . DC  A 1 8  ? -8.402  -11.308 -6.470  1.00 107.84 ? 8   DC  A "C5'" 1 
ATOM   151 C  "C4'" . DC  A 1 8  ? -7.985  -11.235 -5.020  1.00 107.80 ? 8   DC  A "C4'" 1 
ATOM   152 O  "O4'" . DC  A 1 8  ? -6.678  -11.838 -4.851  1.00 99.22  ? 8   DC  A "O4'" 1 
ATOM   153 C  "C3'" . DC  A 1 8  ? -7.879  -9.814  -4.464  1.00 113.45 ? 8   DC  A "C3'" 1 
ATOM   154 O  "O3'" . DC  A 1 8  ? -8.668  -9.712  -3.290  1.00 123.56 ? 8   DC  A "O3'" 1 
ATOM   155 C  "C2'" . DC  A 1 8  ? -6.380  -9.639  -4.175  1.00 102.95 ? 8   DC  A "C2'" 1 
ATOM   156 C  "C1'" . DC  A 1 8  ? -5.945  -11.071 -3.931  1.00 95.32  ? 8   DC  A "C1'" 1 
ATOM   157 N  N1    . DC  A 1 8  ? -4.491  -11.314 -4.160  1.00 90.46  ? 8   DC  A N1    1 
ATOM   158 C  C2    . DC  A 1 8  ? -3.700  -11.782 -3.109  1.00 89.09  ? 8   DC  A C2    1 
ATOM   159 O  O2    . DC  A 1 8  ? -4.225  -11.980 -2.009  1.00 90.84  ? 8   DC  A O2    1 
ATOM   160 N  N3    . DC  A 1 8  ? -2.381  -12.007 -3.327  1.00 82.64  ? 8   DC  A N3    1 
ATOM   161 C  C4    . DC  A 1 8  ? -1.857  -11.778 -4.531  1.00 80.69  ? 8   DC  A C4    1 
ATOM   162 N  N4    . DC  A 1 8  ? -0.553  -12.013 -4.702  1.00 82.66  ? 8   DC  A N4    1 
ATOM   163 C  C5    . DC  A 1 8  ? -2.649  -11.301 -5.616  1.00 91.49  ? 8   DC  A C5    1 
ATOM   164 C  C6    . DC  A 1 8  ? -3.948  -11.084 -5.388  1.00 93.32  ? 8   DC  A C6    1 
ATOM   165 P  P     . DC  A 1 9  ? -8.600  -8.403  -2.365  1.00 134.02 ? 9   DC  A P     1 
ATOM   166 O  OP1   . DC  A 1 9  ? -9.883  -8.328  -1.630  1.00 128.60 ? 9   DC  A OP1   1 
ATOM   167 O  OP2   . DC  A 1 9  ? -8.150  -7.260  -3.196  1.00 115.70 ? 9   DC  A OP2   1 
ATOM   168 O  "O5'" . DC  A 1 9  ? -7.449  -8.754  -1.317  1.00 101.53 ? 9   DC  A "O5'" 1 
ATOM   169 C  "C5'" . DC  A 1 9  ? -7.398  -10.047 -0.739  1.00 91.59  ? 9   DC  A "C5'" 1 
ATOM   170 C  "C4'" . DC  A 1 9  ? -6.599  -10.018 0.541   1.00 100.21 ? 9   DC  A "C4'" 1 
ATOM   171 O  "O4'" . DC  A 1 9  ? -5.218  -10.372 0.272   1.00 96.65  ? 9   DC  A "O4'" 1 
ATOM   172 C  "C3'" . DC  A 1 9  ? -6.565  -8.662  1.229   1.00 101.31 ? 9   DC  A "C3'" 1 
ATOM   173 O  "O3'" . DC  A 1 9  ? -6.710  -8.846  2.620   1.00 106.93 ? 9   DC  A "O3'" 1 
ATOM   174 C  "C2'" . DC  A 1 9  ? -5.184  -8.107  0.857   1.00 101.96 ? 9   DC  A "C2'" 1 
ATOM   175 C  "C1'" . DC  A 1 9  ? -4.353  -9.378  0.782   1.00 96.56  ? 9   DC  A "C1'" 1 
ATOM   176 N  N1    . DC  A 1 9  ? -3.171  -9.294  -0.132  1.00 83.86  ? 9   DC  A N1    1 
ATOM   177 C  C2    . DC  A 1 9  ? -1.885  -9.529  0.374   1.00 81.51  ? 9   DC  A C2    1 
ATOM   178 O  O2    . DC  A 1 9  ? -1.749  -9.772  1.579   1.00 79.77  ? 9   DC  A O2    1 
ATOM   179 N  N3    . DC  A 1 9  ? -0.827  -9.476  -0.476  1.00 75.88  ? 9   DC  A N3    1 
ATOM   180 C  C4    . DC  A 1 9  ? -1.023  -9.212  -1.770  1.00 82.05  ? 9   DC  A C4    1 
ATOM   181 N  N4    . DC  A 1 9  ? 0.046   -9.168  -2.571  1.00 77.43  ? 9   DC  A N4    1 
ATOM   182 C  C5    . DC  A 1 9  ? -2.325  -8.974  -2.300  1.00 85.28  ? 9   DC  A C5    1 
ATOM   183 C  C6    . DC  A 1 9  ? -3.359  -9.030  -1.455  1.00 80.60  ? 9   DC  A C6    1 
ATOM   184 P  P     . DC  A 1 10 ? -6.600  -7.595  3.614   1.00 113.41 ? 10  DC  A P     1 
ATOM   185 O  OP1   . DC  A 1 10 ? -7.394  -7.928  4.819   1.00 115.79 ? 10  DC  A OP1   1 
ATOM   186 O  OP2   . DC  A 1 10 ? -6.890  -6.361  2.846   1.00 99.29  ? 10  DC  A OP2   1 
ATOM   187 O  "O5'" . DC  A 1 10 ? -5.060  -7.586  4.016   1.00 95.30  ? 10  DC  A "O5'" 1 
ATOM   188 C  "C5'" . DC  A 1 10 ? -4.521  -8.651  4.781   1.00 93.38  ? 10  DC  A "C5'" 1 
ATOM   189 C  "C4'" . DC  A 1 10 ? -3.456  -8.133  5.723   1.00 101.39 ? 10  DC  A "C4'" 1 
ATOM   190 O  "O4'" . DC  A 1 10 ? -2.171  -8.149  5.053   1.00 91.95  ? 10  DC  A "O4'" 1 
ATOM   191 C  "C3'" . DC  A 1 10 ? -3.663  -6.698  6.185   1.00 109.94 ? 10  DC  A "C3'" 1 
ATOM   192 O  "O3'" . DC  A 1 10 ? -3.143  -6.527  7.491   1.00 121.00 ? 10  DC  A "O3'" 1 
ATOM   193 C  "C2'" . DC  A 1 10 ? -2.872  -5.893  5.159   1.00 104.59 ? 10  DC  A "C2'" 1 
ATOM   194 C  "C1'" . DC  A 1 10 ? -1.712  -6.828  4.845   1.00 92.73  ? 10  DC  A "C1'" 1 
ATOM   195 N  N1    . DC  A 1 10 ? -1.232  -6.722  3.448   1.00 88.43  ? 10  DC  A N1    1 
ATOM   196 C  C2    . DC  A 1 10 ? 0.125   -6.858  3.190   1.00 84.47  ? 10  DC  A C2    1 
ATOM   197 O  O2    . DC  A 1 10 ? 0.885   -7.064  4.142   1.00 82.75  ? 10  DC  A O2    1 
ATOM   198 N  N3    . DC  A 1 10 ? 0.566   -6.761  1.912   1.00 78.68  ? 10  DC  A N3    1 
ATOM   199 C  C4    . DC  A 1 10 ? -0.301  -6.539  0.922   1.00 81.45  ? 10  DC  A C4    1 
ATOM   200 N  N4    . DC  A 1 10 ? 0.178   -6.453  -0.325  1.00 84.77  ? 10  DC  A N4    1 
ATOM   201 C  C5    . DC  A 1 10 ? -1.698  -6.393  1.167   1.00 87.55  ? 10  DC  A C5    1 
ATOM   202 C  C6    . DC  A 1 10 ? -2.116  -6.493  2.434   1.00 90.10  ? 10  DC  A C6    1 
ATOM   203 P  P     . DG  A 1 11 ? -3.572  -5.249  8.367   1.00 121.61 ? 11  DG  A P     1 
ATOM   204 O  OP1   . DG  A 1 11 ? -4.297  -5.753  9.554   1.00 118.07 ? 11  DG  A OP1   1 
ATOM   205 O  OP2   . DG  A 1 11 ? -4.223  -4.269  7.466   1.00 103.93 ? 11  DG  A OP2   1 
ATOM   206 O  "O5'" . DG  A 1 11 ? -2.177  -4.640  8.853   1.00 114.21 ? 11  DG  A "O5'" 1 
ATOM   207 C  "C5'" . DG  A 1 11 ? -1.339  -5.400  9.711   1.00 112.84 ? 11  DG  A "C5'" 1 
ATOM   208 C  "C4'" . DG  A 1 11 ? 0.106   -4.963  9.579   1.00 112.53 ? 11  DG  A "C4'" 1 
ATOM   209 O  "O4'" . DG  A 1 11 ? 0.519   -5.066  8.192   1.00 112.23 ? 11  DG  A "O4'" 1 
ATOM   210 C  "C3'" . DG  A 1 11 ? 0.388   -3.519  9.995   1.00 110.21 ? 11  DG  A "C3'" 1 
ATOM   211 O  "O3'" . DG  A 1 11 ? 1.639   -3.455  10.654  1.00 111.91 ? 11  DG  A "O3'" 1 
ATOM   212 C  "C2'" . DG  A 1 11 ? 0.422   -2.781  8.659   1.00 107.29 ? 11  DG  A "C2'" 1 
ATOM   213 C  "C1'" . DG  A 1 11 ? 1.053   -3.834  7.766   1.00 101.51 ? 11  DG  A "C1'" 1 
ATOM   214 N  N9    . DG  A 1 11 ? 0.757   -3.669  6.347   1.00 94.51  ? 11  DG  A N9    1 
ATOM   215 C  C8    . DG  A 1 11 ? -0.480  -3.517  5.765   1.00 92.14  ? 11  DG  A C8    1 
ATOM   216 N  N7    . DG  A 1 11 ? -0.429  -3.405  4.463   1.00 83.47  ? 11  DG  A N7    1 
ATOM   217 C  C5    . DG  A 1 11 ? 0.927   -3.492  4.170   1.00 78.54  ? 11  DG  A C5    1 
ATOM   218 C  C6    . DG  A 1 11 ? 1.597   -3.438  2.927   1.00 76.57  ? 11  DG  A C6    1 
ATOM   219 O  O6    . DG  A 1 11 ? 1.111   -3.297  1.798   1.00 84.32  ? 11  DG  A O6    1 
ATOM   220 N  N1    . DG  A 1 11 ? 2.975   -3.567  3.080   1.00 75.65  ? 11  DG  A N1    1 
ATOM   221 C  C2    . DG  A 1 11 ? 3.621   -3.732  4.283   1.00 80.04  ? 11  DG  A C2    1 
ATOM   222 N  N2    . DG  A 1 11 ? 4.956   -3.838  4.241   1.00 80.63  ? 11  DG  A N2    1 
ATOM   223 N  N3    . DG  A 1 11 ? 3.003   -3.785  5.452   1.00 79.36  ? 11  DG  A N3    1 
ATOM   224 C  C4    . DG  A 1 11 ? 1.664   -3.658  5.320   1.00 80.48  ? 11  DG  A C4    1 
ATOM   225 P  P     . DA  A 1 12 ? 1.988   -2.214  11.609  1.00 119.58 ? 12  DA  A P     1 
ATOM   226 O  OP1   . DA  A 1 12 ? 2.358   -2.762  12.934  1.00 122.32 ? 12  DA  A OP1   1 
ATOM   227 O  OP2   . DA  A 1 12 ? 0.889   -1.230  11.489  1.00 109.60 ? 12  DA  A OP2   1 
ATOM   228 O  "O5'" . DA  A 1 12 ? 3.291   -1.582  10.941  1.00 99.75  ? 12  DA  A "O5'" 1 
ATOM   229 C  "C5'" . DA  A 1 12 ? 4.395   -2.414  10.628  1.00 102.14 ? 12  DA  A "C5'" 1 
ATOM   230 C  "C4'" . DA  A 1 12 ? 5.251   -1.777  9.554   1.00 100.88 ? 12  DA  A "C4'" 1 
ATOM   231 O  "O4'" . DA  A 1 12 ? 4.577   -1.879  8.271   1.00 97.42  ? 12  DA  A "O4'" 1 
ATOM   232 C  "C3'" . DA  A 1 12 ? 5.543   -0.287  9.766   1.00 96.64  ? 12  DA  A "C3'" 1 
ATOM   233 O  "O3'" . DA  A 1 12 ? 6.931   -0.033  9.596   1.00 99.51  ? 12  DA  A "O3'" 1 
ATOM   234 C  "C2'" . DA  A 1 12 ? 4.711   0.397   8.683   1.00 89.77  ? 12  DA  A "C2'" 1 
ATOM   235 C  "C1'" . DA  A 1 12 ? 4.714   -0.657  7.593   1.00 86.89  ? 12  DA  A "C1'" 1 
ATOM   236 N  N9    . DA  A 1 12 ? 3.617   -0.518  6.640   1.00 81.76  ? 12  DA  A N9    1 
ATOM   237 C  C8    . DA  A 1 12 ? 2.280   -0.475  6.921   1.00 85.32  ? 12  DA  A C8    1 
ATOM   238 N  N7    . DA  A 1 12 ? 1.519   -0.338  5.859   1.00 79.95  ? 12  DA  A N7    1 
ATOM   239 C  C5    . DA  A 1 12 ? 2.421   -0.290  4.807   1.00 79.13  ? 12  DA  A C5    1 
ATOM   240 C  C6    . DA  A 1 12 ? 2.251   -0.154  3.413   1.00 78.66  ? 12  DA  A C6    1 
ATOM   241 N  N6    . DA  A 1 12 ? 1.055   -0.042  2.825   1.00 77.58  ? 12  DA  A N6    1 
ATOM   242 N  N1    . DA  A 1 12 ? 3.363   -0.142  2.644   1.00 79.34  ? 12  DA  A N1    1 
ATOM   243 C  C2    . DA  A 1 12 ? 4.556   -0.259  3.238   1.00 80.50  ? 12  DA  A C2    1 
ATOM   244 N  N3    . DA  A 1 12 ? 4.839   -0.390  4.535   1.00 82.41  ? 12  DA  A N3    1 
ATOM   245 C  C4    . DA  A 1 12 ? 3.717   -0.401  5.271   1.00 79.16  ? 12  DA  A C4    1 
ATOM   246 P  P     . DC  A 1 13 ? 7.605   1.263   10.268  1.00 111.29 ? 13  DC  A P     1 
ATOM   247 O  OP1   . DC  A 1 13 ? 9.044   1.255   9.925   1.00 108.44 ? 13  DC  A OP1   1 
ATOM   248 O  OP2   . DC  A 1 13 ? 7.188   1.294   11.689  1.00 88.35  ? 13  DC  A OP2   1 
ATOM   249 O  "O5'" . DC  A 1 13 ? 6.915   2.492   9.512   1.00 96.63  ? 13  DC  A "O5'" 1 
ATOM   250 C  "C5'" . DC  A 1 13 ? 7.717   3.448   8.830   1.00 96.07  ? 13  DC  A "C5'" 1 
ATOM   251 C  "C4'" . DC  A 1 13 ? 7.956   3.027   7.393   1.00 87.81  ? 13  DC  A "C4'" 1 
ATOM   252 O  "O4'" . DC  A 1 13 ? 6.823   2.269   6.924   1.00 76.20  ? 13  DC  A "O4'" 1 
ATOM   253 C  "C3'" . DC  A 1 13 ? 8.073   4.173   6.408   1.00 87.80  ? 13  DC  A "C3'" 1 
ATOM   254 O  "O3'" . DC  A 1 13 ? 9.405   4.639   6.344   1.00 74.41  ? 13  DC  A "O3'" 1 
ATOM   255 C  "C2'" . DC  A 1 13 ? 7.660   3.532   5.089   1.00 82.85  ? 13  DC  A "C2'" 1 
ATOM   256 C  "C1'" . DC  A 1 13 ? 6.708   2.417   5.519   1.00 80.47  ? 13  DC  A "C1'" 1 
ATOM   257 N  N1    . DC  A 1 13 ? 5.262   2.655   5.171   1.00 81.90  ? 13  DC  A N1    1 
ATOM   258 C  C2    . DC  A 1 13 ? 4.872   2.885   3.834   1.00 81.35  ? 13  DC  A C2    1 
ATOM   259 O  O2    . DC  A 1 13 ? 5.728   2.914   2.936   1.00 81.32  ? 13  DC  A O2    1 
ATOM   260 N  N3    . DC  A 1 13 ? 3.558   3.073   3.560   1.00 72.85  ? 13  DC  A N3    1 
ATOM   261 C  C4    . DC  A 1 13 ? 2.658   3.034   4.540   1.00 77.05  ? 13  DC  A C4    1 
ATOM   262 N  N4    . DC  A 1 13 ? 1.378   3.222   4.216   1.00 79.99  ? 13  DC  A N4    1 
ATOM   263 C  C5    . DC  A 1 13 ? 3.029   2.795   5.896   1.00 81.65  ? 13  DC  A C5    1 
ATOM   264 C  C6    . DC  A 1 13 ? 4.326   2.614   6.160   1.00 81.10  ? 13  DC  A C6    1 
ATOM   265 P  P     . DG  A 1 14 ? 9.687   6.128   5.819   1.00 94.78  ? 14  DG  A P     1 
ATOM   266 O  OP1   . DG  A 1 14 ? 10.413  6.833   6.897   1.00 122.53 ? 14  DG  A OP1   1 
ATOM   267 O  OP2   . DG  A 1 14 ? 8.401   6.666   5.324   1.00 84.45  ? 14  DG  A OP2   1 
ATOM   268 O  "O5'" . DG  A 1 14 ? 10.680  5.946   4.573   1.00 94.61  ? 14  DG  A "O5'" 1 
ATOM   269 C  "C5'" . DG  A 1 14 ? 10.395  4.995   3.554   1.00 92.47  ? 14  DG  A "C5'" 1 
ATOM   270 C  "C4'" . DG  A 1 14 ? 9.595   5.614   2.417   1.00 95.42  ? 14  DG  A "C4'" 1 
ATOM   271 O  "O4'" . DG  A 1 14 ? 8.204   5.257   2.543   1.00 98.01  ? 14  DG  A "O4'" 1 
ATOM   272 C  "C3'" . DG  A 1 14 ? 9.639   7.141   2.330   1.00 90.01  ? 14  DG  A "C3'" 1 
ATOM   273 O  "O3'" . DG  A 1 14 ? 10.334  7.529   1.143   1.00 97.65  ? 14  DG  A "O3'" 1 
ATOM   274 C  "C2'" . DG  A 1 14 ? 8.159   7.569   2.303   1.00 93.06  ? 14  DG  A "C2'" 1 
ATOM   275 C  "C1'" . DG  A 1 14 ? 7.425   6.277   1.978   1.00 93.67  ? 14  DG  A "C1'" 1 
ATOM   276 N  N9    . DG  A 1 14 ? 6.089   6.198   2.566   1.00 85.57  ? 14  DG  A N9    1 
ATOM   277 C  C8    . DG  A 1 14 ? 5.791   5.986   3.888   1.00 80.16  ? 14  DG  A C8    1 
ATOM   278 N  N7    . DG  A 1 14 ? 4.514   5.949   4.137   1.00 81.77  ? 14  DG  A N7    1 
ATOM   279 C  C5    . DG  A 1 14 ? 3.918   6.150   2.902   1.00 77.55  ? 14  DG  A C5    1 
ATOM   280 C  C6    . DG  A 1 14 ? 2.549   6.209   2.557   1.00 67.89  ? 14  DG  A C6    1 
ATOM   281 O  O6    . DG  A 1 14 ? 1.569   6.091   3.299   1.00 75.16  ? 14  DG  A O6    1 
ATOM   282 N  N1    . DG  A 1 14 ? 2.366   6.428   1.196   1.00 63.90  ? 14  DG  A N1    1 
ATOM   283 C  C2    . DG  A 1 14 ? 3.380   6.566   0.279   1.00 71.27  ? 14  DG  A C2    1 
ATOM   284 N  N2    . DG  A 1 14 ? 3.005   6.776   -0.993  1.00 68.63  ? 14  DG  A N2    1 
ATOM   285 N  N3    . DG  A 1 14 ? 4.675   6.514   0.588   1.00 80.60  ? 14  DG  A N3    1 
ATOM   286 C  C4    . DG  A 1 14 ? 4.870   6.304   1.917   1.00 82.79  ? 14  DG  A C4    1 
ATOM   287 P  P     . DG  A 1 15 ? 10.136  8.989   0.494   1.00 118.85 ? 15  DG  A P     1 
ATOM   288 O  OP1   . DG  A 1 15 ? 11.318  9.236   -0.361  1.00 112.74 ? 15  DG  A OP1   1 
ATOM   289 O  OP2   . DG  A 1 15 ? 9.794   9.972   1.550   1.00 109.28 ? 15  DG  A OP2   1 
ATOM   290 O  "O5'" . DG  A 1 15 ? 8.879   8.803   -0.471  1.00 91.93  ? 15  DG  A "O5'" 1 
ATOM   291 C  "C5'" . DG  A 1 15 ? 9.049   8.190   -1.741  1.00 91.26  ? 15  DG  A "C5'" 1 
ATOM   292 C  "C4'" . DG  A 1 15 ? 8.097   8.784   -2.767  1.00 91.93  ? 15  DG  A "C4'" 1 
ATOM   293 O  "O4'" . DG  A 1 15 ? 6.733   8.626   -2.312  1.00 98.49  ? 15  DG  A "O4'" 1 
ATOM   294 C  "C3'" . DG  A 1 15 ? 8.263   10.274  -3.026  1.00 85.40  ? 15  DG  A "C3'" 1 
ATOM   295 O  "O3'" . DG  A 1 15 ? 7.830   10.578  -4.345  1.00 82.49  ? 15  DG  A "O3'" 1 
ATOM   296 C  "C2'" . DG  A 1 15 ? 7.337   10.892  -1.985  1.00 89.81  ? 15  DG  A "C2'" 1 
ATOM   297 C  "C1'" . DG  A 1 15 ? 6.186   9.890   -1.971  1.00 95.33  ? 15  DG  A "C1'" 1 
ATOM   298 N  N9    . DG  A 1 15 ? 5.523   9.762   -0.674  1.00 88.75  ? 15  DG  A N9    1 
ATOM   299 C  C8    . DG  A 1 15 ? 6.121   9.594   0.555   1.00 87.38  ? 15  DG  A C8    1 
ATOM   300 N  N7    . DG  A 1 15 ? 5.268   9.494   1.540   1.00 84.85  ? 15  DG  A N7    1 
ATOM   301 C  C5    . DG  A 1 15 ? 4.026   9.601   0.924   1.00 81.73  ? 15  DG  A C5    1 
ATOM   302 C  C6    . DG  A 1 15 ? 2.724   9.564   1.479   1.00 76.70  ? 15  DG  A C6    1 
ATOM   303 O  O6    . DG  A 1 15 ? 2.397   9.427   2.669   1.00 77.32  ? 15  DG  A O6    1 
ATOM   304 N  N1    . DG  A 1 15 ? 1.744   9.706   0.497   1.00 68.98  ? 15  DG  A N1    1 
ATOM   305 C  C2    . DG  A 1 15 ? 1.994   9.863   -0.850  1.00 66.67  ? 15  DG  A C2    1 
ATOM   306 N  N2    . DG  A 1 15 ? 0.930   9.988   -1.651  1.00 64.11  ? 15  DG  A N2    1 
ATOM   307 N  N3    . DG  A 1 15 ? 3.206   9.897   -1.377  1.00 69.46  ? 15  DG  A N3    1 
ATOM   308 C  C4    . DG  A 1 15 ? 4.170   9.762   -0.439  1.00 78.18  ? 15  DG  A C4    1 
ATOM   309 P  P     . DC  A 1 16 ? 8.345   11.913  -5.071  1.00 99.57  ? 16  DC  A P     1 
ATOM   310 O  OP1   . DC  A 1 16 ? 9.062   11.511  -6.306  1.00 93.60  ? 16  DC  A OP1   1 
ATOM   311 O  OP2   . DC  A 1 16 ? 9.031   12.724  -4.040  1.00 96.13  ? 16  DC  A OP2   1 
ATOM   312 O  "O5'" . DC  A 1 16 ? 6.999   12.673  -5.481  1.00 85.51  ? 16  DC  A "O5'" 1 
ATOM   313 C  "C5'" . DC  A 1 16 ? 6.141   12.118  -6.467  1.00 84.33  ? 16  DC  A "C5'" 1 
ATOM   314 C  "C4'" . DC  A 1 16 ? 4.785   12.797  -6.442  1.00 91.56  ? 16  DC  A "C4'" 1 
ATOM   315 O  "O4'" . DC  A 1 16 ? 4.110   12.493  -5.190  1.00 95.63  ? 16  DC  A "O4'" 1 
ATOM   316 C  "C3'" . DC  A 1 16 ? 4.818   14.324  -6.546  1.00 95.32  ? 16  DC  A "C3'" 1 
ATOM   317 O  "O3'" . DC  A 1 16 ? 3.787   14.765  -7.429  1.00 107.86 ? 16  DC  A "O3'" 1 
ATOM   318 C  "C2'" . DC  A 1 16 ? 4.560   14.772  -5.107  1.00 87.87  ? 16  DC  A "C2'" 1 
ATOM   319 C  "C1'" . DC  A 1 16 ? 3.615   13.687  -4.630  1.00 85.70  ? 16  DC  A "C1'" 1 
ATOM   320 N  N1    . DC  A 1 16 ? 3.572   13.538  -3.148  1.00 78.35  ? 16  DC  A N1    1 
ATOM   321 C  C2    . DC  A 1 16 ? 2.341   13.587  -2.483  1.00 74.18  ? 16  DC  A C2    1 
ATOM   322 O  O2    . DC  A 1 16 ? 1.307   13.755  -3.142  1.00 72.45  ? 16  DC  A O2    1 
ATOM   323 N  N3    . DC  A 1 16 ? 2.316   13.450  -1.134  1.00 66.86  ? 16  DC  A N3    1 
ATOM   324 C  C4    . DC  A 1 16 ? 3.454   13.273  -0.461  1.00 69.62  ? 16  DC  A C4    1 
ATOM   325 N  N4    . DC  A 1 16 ? 3.378   13.142  0.867   1.00 69.51  ? 16  DC  A N4    1 
ATOM   326 C  C5    . DC  A 1 16 ? 4.719   13.220  -1.120  1.00 64.45  ? 16  DC  A C5    1 
ATOM   327 C  C6    . DC  A 1 16 ? 4.732   13.356  -2.450  1.00 68.09  ? 16  DC  A C6    1 
ATOM   328 P  P     . DA  A 1 17 ? 3.678   16.308  -7.873  1.00 112.95 ? 17  DA  A P     1 
ATOM   329 O  OP1   . DA  A 1 17 ? 3.906   16.370  -9.335  1.00 105.65 ? 17  DA  A OP1   1 
ATOM   330 O  OP2   . DA  A 1 17 ? 4.521   17.129  -6.975  1.00 99.38  ? 17  DA  A OP2   1 
ATOM   331 O  "O5'" . DA  A 1 17 ? 2.146   16.662  -7.590  1.00 88.57  ? 17  DA  A "O5'" 1 
ATOM   332 C  "C5'" . DA  A 1 17 ? 1.516   16.129  -6.443  1.00 82.55  ? 17  DA  A "C5'" 1 
ATOM   333 C  "C4'" . DA  A 1 17 ? 0.075   16.584  -6.344  1.00 86.39  ? 17  DA  A "C4'" 1 
ATOM   334 O  "O4'" . DA  A 1 17 ? -0.378  16.375  -4.992  1.00 86.01  ? 17  DA  A "O4'" 1 
ATOM   335 C  "C3'" . DA  A 1 17 ? -0.143  18.062  -6.564  1.00 82.29  ? 17  DA  A "C3'" 1 
ATOM   336 O  "O3'" . DA  A 1 17 ? -1.534  18.310  -6.778  1.00 86.20  ? 17  DA  A "O3'" 1 
ATOM   337 C  "C2'" . DA  A 1 17 ? 0.324   18.630  -5.227  1.00 79.21  ? 17  DA  A "C2'" 1 
ATOM   338 C  "C1'" . DA  A 1 17 ? -0.154  17.558  -4.243  1.00 79.02  ? 17  DA  A "C1'" 1 
ATOM   339 N  N9    . DA  A 1 17 ? 0.813   17.257  -3.198  1.00 68.54  ? 17  DA  A N9    1 
ATOM   340 C  C8    . DA  A 1 17 ? 2.173   17.235  -3.316  1.00 66.96  ? 17  DA  A C8    1 
ATOM   341 N  N7    . DA  A 1 17 ? 2.794   16.927  -2.202  1.00 61.13  ? 17  DA  A N7    1 
ATOM   342 C  C5    . DA  A 1 17 ? 1.767   16.731  -1.294  1.00 63.07  ? 17  DA  A C5    1 
ATOM   343 C  C6    . DA  A 1 17 ? 1.759   16.380  0.070   1.00 67.39  ? 17  DA  A C6    1 
ATOM   344 N  N6    . DA  A 1 17 ? 2.869   16.159  0.778   1.00 64.31  ? 17  DA  A N6    1 
ATOM   345 N  N1    . DA  A 1 17 ? 0.559   16.268  0.682   1.00 73.80  ? 17  DA  A N1    1 
ATOM   346 C  C2    . DA  A 1 17 ? -0.553  16.491  -0.032  1.00 75.23  ? 17  DA  A C2    1 
ATOM   347 N  N3    . DA  A 1 17 ? -0.669  16.826  -1.317  1.00 77.13  ? 17  DA  A N3    1 
ATOM   348 C  C4    . DA  A 1 17 ? 0.540   16.932  -1.894  1.00 69.52  ? 17  DA  A C4    1 
ATOM   349 P  P     . DC  A 1 18 ? -2.107  19.813  -6.821  1.00 101.87 ? 18  DC  A P     1 
ATOM   350 O  OP1   . DC  A 1 18 ? -3.367  19.776  -7.595  1.00 90.97  ? 18  DC  A OP1   1 
ATOM   351 O  OP2   . DC  A 1 18 ? -1.006  20.706  -7.250  1.00 102.51 ? 18  DC  A OP2   1 
ATOM   352 O  "O5'" . DC  A 1 18 ? -2.469  20.143  -5.292  1.00 91.93  ? 18  DC  A "O5'" 1 
ATOM   353 C  "C5'" . DC  A 1 18 ? -3.459  19.371  -4.620  1.00 91.61  ? 18  DC  A "C5'" 1 
ATOM   354 C  "C4'" . DC  A 1 18 ? -3.646  19.834  -3.182  1.00 84.23  ? 18  DC  A "C4'" 1 
ATOM   355 O  "O4'" . DC  A 1 18 ? -2.547  19.363  -2.362  1.00 81.79  ? 18  DC  A "O4'" 1 
ATOM   356 C  "C3'" . DC  A 1 18 ? -3.714  21.354  -2.981  1.00 81.48  ? 18  DC  A "C3'" 1 
ATOM   357 O  "O3'" . DC  A 1 18 ? -4.964  21.711  -2.368  1.00 89.38  ? 18  DC  A "O3'" 1 
ATOM   358 C  "C2'" . DC  A 1 18 ? -2.520  21.656  -2.069  1.00 94.63  ? 18  DC  A "C2'" 1 
ATOM   359 C  "C1'" . DC  A 1 18 ? -2.294  20.325  -1.375  1.00 85.16  ? 18  DC  A "C1'" 1 
ATOM   360 N  N1    . DC  A 1 18 ? -0.896  20.158  -0.880  1.00 78.99  ? 18  DC  A N1    1 
ATOM   361 C  C2    . DC  A 1 18 ? -0.658  19.818  0.465   1.00 75.86  ? 18  DC  A C2    1 
ATOM   362 O  O2    . DC  A 1 18 ? -1.618  19.636  1.228   1.00 75.81  ? 18  DC  A O2    1 
ATOM   363 N  N3    . DC  A 1 18 ? 0.629   19.685  0.886   1.00 73.63  ? 18  DC  A N3    1 
ATOM   364 C  C4    . DC  A 1 18 ? 1.635   19.885  0.031   1.00 74.32  ? 18  DC  A C4    1 
ATOM   365 N  N4    . DC  A 1 18 ? 2.885   19.745  0.484   1.00 63.67  ? 18  DC  A N4    1 
ATOM   366 C  C5    . DC  A 1 18 ? 1.408   20.240  -1.331  1.00 82.41  ? 18  DC  A C5    1 
ATOM   367 C  C6    . DC  A 1 18 ? 0.142   20.367  -1.738  1.00 79.51  ? 18  DC  A C6    1 
ATOM   368 P  P     . DT  A 1 19 ? -5.116  23.049  -1.480  1.00 104.99 ? 19  DT  A P     1 
ATOM   369 O  OP1   . DT  A 1 19 ? -6.563  23.331  -1.355  1.00 86.85  ? 19  DT  A OP1   1 
ATOM   370 O  OP2   . DT  A 1 19 ? -4.224  24.110  -2.004  1.00 92.64  ? 19  DT  A OP2   1 
ATOM   371 O  "O5'" . DT  A 1 19 ? -4.607  22.600  -0.036  1.00 92.69  ? 19  DT  A "O5'" 1 
ATOM   372 C  "C5'" . DT  A 1 19 ? -5.198  21.469  0.592   1.00 91.12  ? 19  DT  A "C5'" 1 
ATOM   373 C  "C4'" . DT  A 1 19 ? -5.344  21.681  2.089   1.00 96.98  ? 19  DT  A "C4'" 1 
ATOM   374 O  "O4'" . DT  A 1 19 ? -4.072  21.459  2.744   1.00 93.71  ? 19  DT  A "O4'" 1 
ATOM   375 C  "C3'" . DT  A 1 19 ? -5.788  23.071  2.517   1.00 100.29 ? 19  DT  A "C3'" 1 
ATOM   376 O  "O3'" . DT  A 1 19 ? -6.550  22.968  3.709   1.00 100.56 ? 19  DT  A "O3'" 1 
ATOM   377 C  "C2'" . DT  A 1 19 ? -4.460  23.792  2.753   1.00 98.18  ? 19  DT  A "C2'" 1 
ATOM   378 C  "C1'" . DT  A 1 19 ? -3.580  22.669  3.295   1.00 91.36  ? 19  DT  A "C1'" 1 
ATOM   379 N  N1    . DT  A 1 19 ? -2.132  22.781  2.922   1.00 80.95  ? 19  DT  A N1    1 
ATOM   380 C  C2    . DT  A 1 19 ? -1.175  22.492  3.867   1.00 82.56  ? 19  DT  A C2    1 
ATOM   381 O  O2    . DT  A 1 19 ? -1.443  22.169  5.012   1.00 85.69  ? 19  DT  A O2    1 
ATOM   382 N  N3    . DT  A 1 19 ? 0.119   22.602  3.425   1.00 80.06  ? 19  DT  A N3    1 
ATOM   383 C  C4    . DT  A 1 19 ? 0.542   22.957  2.157   1.00 78.86  ? 19  DT  A C4    1 
ATOM   384 O  O4    . DT  A 1 19 ? 1.729   23.027  1.857   1.00 83.53  ? 19  DT  A O4    1 
ATOM   385 C  C5    . DT  A 1 19 ? -0.511  23.238  1.210   1.00 75.36  ? 19  DT  A C5    1 
ATOM   386 C  C7    . DT  A 1 19 ? -0.172  23.633  -0.196  1.00 70.64  ? 19  DT  A C7    1 
ATOM   387 C  C6    . DT  A 1 19 ? -1.784  23.132  1.631   1.00 75.59  ? 19  DT  A C6    1 
ATOM   388 P  P     . DC  A 1 20 ? -7.289  24.255  4.317   1.00 105.69 ? 20  DC  A P     1 
ATOM   389 O  OP1   . DC  A 1 20 ? -8.627  23.819  4.777   1.00 109.68 ? 20  DC  A OP1   1 
ATOM   390 O  OP2   . DC  A 1 20 ? -7.166  25.357  3.337   1.00 95.99  ? 20  DC  A OP2   1 
ATOM   391 O  "O5'" . DC  A 1 20 ? -6.408  24.618  5.601   1.00 111.18 ? 20  DC  A "O5'" 1 
ATOM   392 C  "C5'" . DC  A 1 20 ? -6.169  23.625  6.590   1.00 101.59 ? 20  DC  A "C5'" 1 
ATOM   393 C  "C4'" . DC  A 1 20 ? -5.160  24.106  7.621   1.00 116.27 ? 20  DC  A "C4'" 1 
ATOM   394 O  "O4'" . DC  A 1 20 ? -3.820  24.086  7.059   1.00 110.32 ? 20  DC  A "O4'" 1 
ATOM   395 C  "C3'" . DC  A 1 20 ? -5.385  25.521  8.145   1.00 120.05 ? 20  DC  A "C3'" 1 
ATOM   396 O  "O3'" . DC  A 1 20 ? -5.215  25.531  9.550   1.00 128.67 ? 20  DC  A "O3'" 1 
ATOM   397 C  "C2'" . DC  A 1 20 ? -4.305  26.343  7.435   1.00 110.36 ? 20  DC  A "C2'" 1 
ATOM   398 C  "C1'" . DC  A 1 20 ? -3.183  25.327  7.283   1.00 104.42 ? 20  DC  A "C1'" 1 
ATOM   399 N  N1    . DC  A 1 20 ? -2.285  25.595  6.117   1.00 99.61  ? 20  DC  A N1    1 
ATOM   400 C  C2    . DC  A 1 20 ? -0.891  25.474  6.259   1.00 89.71  ? 20  DC  A C2    1 
ATOM   401 O  O2    . DC  A 1 20 ? -0.419  25.156  7.360   1.00 83.07  ? 20  DC  A O2    1 
ATOM   402 N  N3    . DC  A 1 20 ? -0.102  25.716  5.177   1.00 87.73  ? 20  DC  A N3    1 
ATOM   403 C  C4    . DC  A 1 20 ? -0.654  26.055  4.006   1.00 84.12  ? 20  DC  A C4    1 
ATOM   404 N  N4    . DC  A 1 20 ? 0.159   26.280  2.968   1.00 77.02  ? 20  DC  A N4    1 
ATOM   405 C  C5    . DC  A 1 20 ? -2.064  26.179  3.848   1.00 89.83  ? 20  DC  A C5    1 
ATOM   406 C  C6    . DC  A 1 20 ? -2.832  25.943  4.917   1.00 95.81  ? 20  DC  A C6    1 
ATOM   407 P  P     . DA  A 1 21 ? -5.649  26.807  10.418  1.00 136.70 ? 21  DA  A P     1 
ATOM   408 O  OP1   . DA  A 1 21 ? -6.606  26.333  11.445  1.00 132.63 ? 21  DA  A OP1   1 
ATOM   409 O  OP2   . DA  A 1 21 ? -6.046  27.888  9.485   1.00 118.76 ? 21  DA  A OP2   1 
ATOM   410 O  "O5'" . DA  A 1 21 ? -4.288  27.244  11.139  1.00 123.51 ? 21  DA  A "O5'" 1 
ATOM   411 C  "C5'" . DA  A 1 21 ? -3.511  26.274  11.835  1.00 110.01 ? 21  DA  A "C5'" 1 
ATOM   412 C  "C4'" . DA  A 1 21 ? -2.092  26.770  12.058  1.00 112.57 ? 21  DA  A "C4'" 1 
ATOM   413 O  "O4'" . DA  A 1 21 ? -1.420  26.922  10.780  1.00 109.60 ? 21  DA  A "O4'" 1 
ATOM   414 C  "C3'" . DA  A 1 21 ? -1.980  28.124  12.754  1.00 111.83 ? 21  DA  A "C3'" 1 
ATOM   415 O  "O3'" . DA  A 1 21 ? -0.857  28.126  13.627  1.00 119.90 ? 21  DA  A "O3'" 1 
ATOM   416 C  "C2'" . DA  A 1 21 ? -1.785  29.091  11.590  1.00 104.99 ? 21  DA  A "C2'" 1 
ATOM   417 C  "C1'" . DA  A 1 21 ? -0.955  28.248  10.637  1.00 96.22  ? 21  DA  A "C1'" 1 
ATOM   418 N  N9    . DA  A 1 21 ? -1.101  28.626  9.238   1.00 89.59  ? 21  DA  A N9    1 
ATOM   419 C  C8    . DA  A 1 21 ? -2.264  28.891  8.568   1.00 92.20  ? 21  DA  A C8    1 
ATOM   420 N  N7    . DA  A 1 21 ? -2.090  29.193  7.301   1.00 91.28  ? 21  DA  A N7    1 
ATOM   421 C  C5    . DA  A 1 21 ? -0.717  29.111  7.128   1.00 93.17  ? 21  DA  A C5    1 
ATOM   422 C  C6    . DA  A 1 21 ? 0.116   29.314  6.007   1.00 91.85  ? 21  DA  A C6    1 
ATOM   423 N  N6    . DA  A 1 21 ? -0.343  29.657  4.798   1.00 86.89  ? 21  DA  A N6    1 
ATOM   424 N  N1    . DA  A 1 21 ? 1.447   29.151  6.179   1.00 87.63  ? 21  DA  A N1    1 
ATOM   425 C  C2    . DA  A 1 21 ? 1.903   28.806  7.390   1.00 89.21  ? 21  DA  A C2    1 
ATOM   426 N  N3    . DA  A 1 21 ? 1.221   28.590  8.514   1.00 89.94  ? 21  DA  A N3    1 
ATOM   427 C  C4    . DA  A 1 21 ? -0.094  28.760  8.313   1.00 92.06  ? 21  DA  A C4    1 
ATOM   428 P  P     . DC  B 2 1  ? -6.691  3.452   -3.179  1.00 77.25  ? 1   DC  B P     1 
ATOM   429 O  OP1   . DC  B 2 1  ? -7.974  4.175   -3.329  1.00 57.54  ? 1   DC  B OP1   1 
ATOM   430 O  OP2   . DC  B 2 1  ? -6.236  3.056   -1.824  1.00 69.73  ? 1   DC  B OP2   1 
ATOM   431 O  "O5'" . DC  B 2 1  ? -5.492  4.254   -3.896  1.00 73.10  ? 1   DC  B "O5'" 1 
ATOM   432 C  "C5'" . DC  B 2 1  ? -5.506  5.690   -3.970  1.00 63.83  ? 1   DC  B "C5'" 1 
ATOM   433 C  "C4'" . DC  B 2 1  ? -4.100  6.237   -4.185  1.00 56.12  ? 1   DC  B "C4'" 1 
ATOM   434 O  "O4'" . DC  B 2 1  ? -3.653  6.928   -2.999  1.00 48.54  ? 1   DC  B "O4'" 1 
ATOM   435 C  "C3'" . DC  B 2 1  ? -3.040  5.186   -4.444  1.00 64.25  ? 1   DC  B "C3'" 1 
ATOM   436 O  "O3'" . DC  B 2 1  ? -2.991  4.884   -5.833  1.00 69.00  ? 1   DC  B "O3'" 1 
ATOM   437 C  "C2'" . DC  B 2 1  ? -1.758  5.874   -3.981  1.00 59.02  ? 1   DC  B "C2'" 1 
ATOM   438 C  "C1'" . DC  B 2 1  ? -2.245  6.838   -2.891  1.00 45.50  ? 1   DC  B "C1'" 1 
ATOM   439 N  N1    . DC  B 2 1  ? -1.918  6.413   -1.499  1.00 45.88  ? 1   DC  B N1    1 
ATOM   440 C  C2    . DC  B 2 1  ? -0.577  6.283   -1.085  1.00 54.32  ? 1   DC  B C2    1 
ATOM   441 O  O2    . DC  B 2 1  ? 0.340   6.510   -1.884  1.00 60.00  ? 1   DC  B O2    1 
ATOM   442 N  N3    . DC  B 2 1  ? -0.323  5.903   0.191   1.00 52.77  ? 1   DC  B N3    1 
ATOM   443 C  C4    . DC  B 2 1  ? -1.332  5.667   1.031   1.00 55.72  ? 1   DC  B C4    1 
ATOM   444 N  N4    . DC  B 2 1  ? -1.031  5.297   2.280   1.00 58.59  ? 1   DC  B N4    1 
ATOM   445 C  C5    . DC  B 2 1  ? -2.693  5.801   0.629   1.00 55.98  ? 1   DC  B C5    1 
ATOM   446 C  C6    . DC  B 2 1  ? -2.934  6.173   -0.629  1.00 49.13  ? 1   DC  B C6    1 
ATOM   447 P  P     . DG  B 2 2  ? -2.778  3.370   -6.323  1.00 70.26  ? 2   DG  B P     1 
ATOM   448 O  OP1   . DG  B 2 2  ? -2.955  3.358   -7.792  1.00 72.34  ? 2   DG  B OP1   1 
ATOM   449 O  OP2   . DG  B 2 2  ? -3.610  2.493   -5.469  1.00 73.44  ? 2   DG  B OP2   1 
ATOM   450 O  "O5'" . DG  B 2 2  ? -1.241  3.070   -5.998  1.00 60.43  ? 2   DG  B "O5'" 1 
ATOM   451 C  "C5'" . DG  B 2 2  ? -0.243  3.384   -6.960  1.00 70.10  ? 2   DG  B "C5'" 1 
ATOM   452 C  "C4'" . DG  B 2 2  ? 1.122   3.430   -6.309  1.00 71.83  ? 2   DG  B "C4'" 1 
ATOM   453 O  "O4'" . DG  B 2 2  ? 0.984   4.005   -5.000  1.00 67.21  ? 2   DG  B "O4'" 1 
ATOM   454 C  "C3'" . DG  B 2 2  ? 1.761   2.073   -6.074  1.00 79.19  ? 2   DG  B "C3'" 1 
ATOM   455 O  "O3'" . DG  B 2 2  ? 2.551   1.710   -7.205  1.00 86.59  ? 2   DG  B "O3'" 1 
ATOM   456 C  "C2'" . DG  B 2 2  ? 2.637   2.305   -4.840  1.00 72.67  ? 2   DG  B "C2'" 1 
ATOM   457 C  "C1'" . DG  B 2 2  ? 1.995   3.505   -4.152  1.00 65.41  ? 2   DG  B "C1'" 1 
ATOM   458 N  N9    . DG  B 2 2  ? 1.389   3.203   -2.861  1.00 63.11  ? 2   DG  B N9    1 
ATOM   459 C  C8    . DG  B 2 2  ? 0.053   3.036   -2.601  1.00 62.45  ? 2   DG  B C8    1 
ATOM   460 N  N7    . DG  B 2 2  ? -0.205  2.797   -1.348  1.00 64.38  ? 2   DG  B N7    1 
ATOM   461 C  C5    . DG  B 2 2  ? 1.040   2.815   -0.735  1.00 62.95  ? 2   DG  B C5    1 
ATOM   462 C  C6    . DG  B 2 2  ? 1.387   2.615   0.618   1.00 68.82  ? 2   DG  B C6    1 
ATOM   463 O  O6    . DG  B 2 2  ? 0.642   2.383   1.577   1.00 75.60  ? 2   DG  B O6    1 
ATOM   464 N  N1    . DG  B 2 2  ? 2.759   2.717   0.820   1.00 68.61  ? 2   DG  B N1    1 
ATOM   465 C  C2    . DG  B 2 2  ? 3.682   2.976   -0.163  1.00 69.97  ? 2   DG  B C2    1 
ATOM   466 N  N2    . DG  B 2 2  ? 4.964   3.035   0.228   1.00 78.43  ? 2   DG  B N2    1 
ATOM   467 N  N3    . DG  B 2 2  ? 3.370   3.164   -1.441  1.00 63.63  ? 2   DG  B N3    1 
ATOM   468 C  C4    . DG  B 2 2  ? 2.034   3.068   -1.652  1.00 62.41  ? 2   DG  B C4    1 
ATOM   469 P  P     . DT  B 2 3  ? 3.095   0.206   -7.371  1.00 91.58  ? 3   DT  B P     1 
ATOM   470 O  OP1   . DT  B 2 3  ? 3.700   0.107   -8.717  1.00 75.53  ? 3   DT  B OP1   1 
ATOM   471 O  OP2   . DT  B 2 3  ? 1.997   -0.711  -6.994  1.00 86.72  ? 3   DT  B OP2   1 
ATOM   472 O  "O5'" . DT  B 2 3  ? 4.252   0.074   -6.268  1.00 73.96  ? 3   DT  B "O5'" 1 
ATOM   473 C  "C5'" . DT  B 2 3  ? 5.439   0.856   -6.377  1.00 70.22  ? 3   DT  B "C5'" 1 
ATOM   474 C  "C4'" . DT  B 2 3  ? 6.334   0.661   -5.163  1.00 72.68  ? 3   DT  B "C4'" 1 
ATOM   475 O  "O4'" . DT  B 2 3  ? 5.583   0.922   -3.948  1.00 71.88  ? 3   DT  B "O4'" 1 
ATOM   476 C  "C3'" . DT  B 2 3  ? 6.923   -0.740  -5.007  1.00 74.02  ? 3   DT  B "C3'" 1 
ATOM   477 O  "O3'" . DT  B 2 3  ? 8.295   -0.646  -4.641  1.00 77.56  ? 3   DT  B "O3'" 1 
ATOM   478 C  "C2'" . DT  B 2 3  ? 6.077   -1.359  -3.893  1.00 74.79  ? 3   DT  B "C2'" 1 
ATOM   479 C  "C1'" . DT  B 2 3  ? 5.757   -0.144  -3.039  1.00 65.22  ? 3   DT  B "C1'" 1 
ATOM   480 N  N1    . DT  B 2 3  ? 4.499   -0.276  -2.225  1.00 64.82  ? 3   DT  B N1    1 
ATOM   481 C  C2    . DT  B 2 3  ? 4.580   -0.335  -0.850  1.00 65.84  ? 3   DT  B C2    1 
ATOM   482 O  O2    . DT  B 2 3  ? 5.635   -0.306  -0.241  1.00 72.42  ? 3   DT  B O2    1 
ATOM   483 N  N3    . DT  B 2 3  ? 3.372   -0.440  -0.208  1.00 66.12  ? 3   DT  B N3    1 
ATOM   484 C  C4    . DT  B 2 3  ? 2.117   -0.484  -0.789  1.00 68.33  ? 3   DT  B C4    1 
ATOM   485 O  O4    . DT  B 2 3  ? 1.087   -0.579  -0.127  1.00 63.97  ? 3   DT  B O4    1 
ATOM   486 C  C5    . DT  B 2 3  ? 2.103   -0.411  -2.229  1.00 67.91  ? 3   DT  B C5    1 
ATOM   487 C  C7    . DT  B 2 3  ? 0.801   -0.450  -2.971  1.00 69.40  ? 3   DT  B C7    1 
ATOM   488 C  C6    . DT  B 2 3  ? 3.280   -0.314  -2.869  1.00 65.28  ? 3   DT  B C6    1 
ATOM   489 P  P     . DC  B 2 4  ? 9.282   -1.895  -4.860  1.00 81.92  ? 4   DC  B P     1 
ATOM   490 O  OP1   . DC  B 2 4  ? 10.622  -1.372  -5.208  1.00 73.67  ? 4   DC  B OP1   1 
ATOM   491 O  OP2   . DC  B 2 4  ? 8.593   -2.852  -5.759  1.00 78.97  ? 4   DC  B OP2   1 
ATOM   492 O  "O5'" . DC  B 2 4  ? 9.373   -2.556  -3.412  1.00 74.93  ? 4   DC  B "O5'" 1 
ATOM   493 C  "C5'" . DC  B 2 4  ? 9.442   -1.725  -2.267  1.00 70.67  ? 4   DC  B "C5'" 1 
ATOM   494 C  "C4'" . DC  B 2 4  ? 9.778   -2.536  -1.033  1.00 71.42  ? 4   DC  B "C4'" 1 
ATOM   495 O  "O4'" . DC  B 2 4  ? 8.611   -2.645  -0.180  1.00 80.24  ? 4   DC  B "O4'" 1 
ATOM   496 C  "C3'" . DC  B 2 4  ? 10.215  -3.963  -1.297  1.00 66.24  ? 4   DC  B "C3'" 1 
ATOM   497 O  "O3'" . DC  B 2 4  ? 11.077  -4.372  -0.266  1.00 60.19  ? 4   DC  B "O3'" 1 
ATOM   498 C  "C2'" . DC  B 2 4  ? 8.892   -4.726  -1.253  1.00 76.13  ? 4   DC  B "C2'" 1 
ATOM   499 C  "C1'" . DC  B 2 4  ? 8.155   -3.986  -0.142  1.00 75.50  ? 4   DC  B "C1'" 1 
ATOM   500 N  N1    . DC  B 2 4  ? 6.676   -3.954  -0.305  1.00 65.00  ? 4   DC  B N1    1 
ATOM   501 C  C2    . DC  B 2 4  ? 5.863   -3.956  0.832   1.00 67.17  ? 4   DC  B C2    1 
ATOM   502 O  O2    . DC  B 2 4  ? 6.396   -4.015  1.943   1.00 71.66  ? 4   DC  B O2    1 
ATOM   503 N  N3    . DC  B 2 4  ? 4.517   -3.903  0.679   1.00 67.44  ? 4   DC  B N3    1 
ATOM   504 C  C4    . DC  B 2 4  ? 3.989   -3.839  -0.544  1.00 69.25  ? 4   DC  B C4    1 
ATOM   505 N  N4    . DC  B 2 4  ? 2.657   -3.788  -0.649  1.00 66.49  ? 4   DC  B N4    1 
ATOM   506 C  C5    . DC  B 2 4  ? 4.804   -3.827  -1.716  1.00 73.27  ? 4   DC  B C5    1 
ATOM   507 C  C6    . DC  B 2 4  ? 6.131   -3.881  -1.550  1.00 66.21  ? 4   DC  B C6    1 
ATOM   508 P  P     . DG  B 2 5  ? 12.225  -5.447  -0.562  1.00 74.36  ? 5   DG  B P     1 
ATOM   509 O  OP1   . DG  B 2 5  ? 13.509  -4.914  -0.047  1.00 75.38  ? 5   DG  B OP1   1 
ATOM   510 O  OP2   . DG  B 2 5  ? 12.089  -5.836  -1.985  1.00 72.12  ? 5   DG  B OP2   1 
ATOM   511 O  "O5'" . DG  B 2 5  ? 11.805  -6.681  0.346   1.00 56.35  ? 5   DG  B "O5'" 1 
ATOM   512 C  "C5'" . DG  B 2 5  ? 11.485  -6.466  1.702   1.00 60.93  ? 5   DG  B "C5'" 1 
ATOM   513 C  "C4'" . DG  B 2 5  ? 10.479  -7.489  2.165   1.00 63.90  ? 5   DG  B "C4'" 1 
ATOM   514 O  "O4'" . DG  B 2 5  ? 9.158   -6.982  1.973   1.00 69.86  ? 5   DG  B "O4'" 1 
ATOM   515 C  "C3'" . DG  B 2 5  ? 10.475  -8.767  1.365   1.00 64.00  ? 5   DG  B "C3'" 1 
ATOM   516 O  "O3'" . DG  B 2 5  ? 11.491  -9.624  1.822   1.00 64.53  ? 5   DG  B "O3'" 1 
ATOM   517 C  "C2'" . DG  B 2 5  ? 9.085   -9.331  1.659   1.00 56.87  ? 5   DG  B "C2'" 1 
ATOM   518 C  "C1'" . DG  B 2 5  ? 8.270   -8.075  1.990   1.00 61.07  ? 5   DG  B "C1'" 1 
ATOM   519 N  N9    . DG  B 2 5  ? 7.183   -7.818  1.060   1.00 59.17  ? 5   DG  B N9    1 
ATOM   520 C  C8    . DG  B 2 5  ? 7.245   -7.759  -0.310  1.00 62.06  ? 5   DG  B C8    1 
ATOM   521 N  N7    . DG  B 2 5  ? 6.089   -7.514  -0.868  1.00 63.40  ? 5   DG  B N7    1 
ATOM   522 C  C5    . DG  B 2 5  ? 5.215   -7.401  0.203   1.00 65.68  ? 5   DG  B C5    1 
ATOM   523 C  C6    . DG  B 2 5  ? 3.825   -7.135  0.230   1.00 65.93  ? 5   DG  B C6    1 
ATOM   524 O  O6    . DG  B 2 5  ? 3.059   -6.941  -0.723  1.00 64.42  ? 5   DG  B O6    1 
ATOM   525 N  N1    . DG  B 2 5  ? 3.335   -7.108  1.535   1.00 65.05  ? 5   DG  B N1    1 
ATOM   526 C  C2    . DG  B 2 5  ? 4.092   -7.311  2.664   1.00 68.95  ? 5   DG  B C2    1 
ATOM   527 N  N2    . DG  B 2 5  ? 3.458   -7.246  3.841   1.00 72.05  ? 5   DG  B N2    1 
ATOM   528 N  N3    . DG  B 2 5  ? 5.387   -7.557  2.647   1.00 69.55  ? 5   DG  B N3    1 
ATOM   529 C  C4    . DG  B 2 5  ? 5.879   -7.589  1.392   1.00 65.94  ? 5   DG  B C4    1 
ATOM   530 O  "O5'" . DT  C 3 1  ? 0.020   36.304  -2.687  1.00 110.12 ? 1   DT  C "O5'" 1 
ATOM   531 C  "C5'" . DT  C 3 1  ? 0.769   37.269  -3.421  1.00 109.04 ? 1   DT  C "C5'" 1 
ATOM   532 C  "C4'" . DT  C 3 1  ? 2.246   37.201  -3.068  1.00 94.93  ? 1   DT  C "C4'" 1 
ATOM   533 O  "O4'" . DT  C 3 1  ? 2.425   37.514  -1.661  1.00 94.50  ? 1   DT  C "O4'" 1 
ATOM   534 C  "C3'" . DT  C 3 1  ? 2.898   35.841  -3.286  1.00 96.31  ? 1   DT  C "C3'" 1 
ATOM   535 O  "O3'" . DT  C 3 1  ? 4.237   36.006  -3.747  1.00 102.95 ? 1   DT  C "O3'" 1 
ATOM   536 C  "C2'" . DT  C 3 1  ? 2.848   35.207  -1.900  1.00 92.66  ? 1   DT  C "C2'" 1 
ATOM   537 C  "C1'" . DT  C 3 1  ? 3.005   36.415  -0.986  1.00 88.33  ? 1   DT  C "C1'" 1 
ATOM   538 N  N1    . DT  C 3 1  ? 2.315   36.258  0.328   1.00 82.96  ? 1   DT  C N1    1 
ATOM   539 C  C2    . DT  C 3 1  ? 3.064   36.141  1.476   1.00 88.76  ? 1   DT  C C2    1 
ATOM   540 O  O2    . DT  C 3 1  ? 4.283   36.154  1.483   1.00 91.02  ? 1   DT  C O2    1 
ATOM   541 N  N3    . DT  C 3 1  ? 2.330   36.002  2.625   1.00 90.45  ? 1   DT  C N3    1 
ATOM   542 C  C4    . DT  C 3 1  ? 0.951   35.976  2.739   1.00 85.93  ? 1   DT  C C4    1 
ATOM   543 O  O4    . DT  C 3 1  ? 0.382   35.849  3.817   1.00 83.62  ? 1   DT  C O4    1 
ATOM   544 C  C5    . DT  C 3 1  ? 0.228   36.107  1.501   1.00 83.29  ? 1   DT  C C5    1 
ATOM   545 C  C7    . DT  C 3 1  ? -1.270  36.093  1.501   1.00 90.57  ? 1   DT  C C7    1 
ATOM   546 C  C6    . DT  C 3 1  ? 0.935   36.240  0.368   1.00 85.26  ? 1   DT  C C6    1 
ATOM   547 P  P     . DC  C 3 2  ? 5.142   34.720  -4.085  1.00 104.02 ? 2   DC  C P     1 
ATOM   548 O  OP1   . DC  C 3 2  ? 6.124   35.116  -5.118  1.00 108.65 ? 2   DC  C OP1   1 
ATOM   549 O  OP2   . DC  C 3 2  ? 4.242   33.571  -4.326  1.00 87.72  ? 2   DC  C OP2   1 
ATOM   550 O  "O5'" . DC  C 3 2  ? 5.921   34.441  -2.721  1.00 91.62  ? 2   DC  C "O5'" 1 
ATOM   551 C  "C5'" . DC  C 3 2  ? 6.943   33.465  -2.674  1.00 90.67  ? 2   DC  C "C5'" 1 
ATOM   552 C  "C4'" . DC  C 3 2  ? 7.575   33.436  -1.299  1.00 94.13  ? 2   DC  C "C4'" 1 
ATOM   553 O  "O4'" . DC  C 3 2  ? 6.601   33.864  -0.310  1.00 96.05  ? 2   DC  C "O4'" 1 
ATOM   554 C  "C3'" . DC  C 3 2  ? 8.068   32.064  -0.850  1.00 92.46  ? 2   DC  C "C3'" 1 
ATOM   555 O  "O3'" . DC  C 3 2  ? 9.321   32.193  -0.210  1.00 94.03  ? 2   DC  C "O3'" 1 
ATOM   556 C  "C2'" . DC  C 3 2  ? 6.982   31.600  0.122   1.00 93.95  ? 2   DC  C "C2'" 1 
ATOM   557 C  "C1'" . DC  C 3 2  ? 6.530   32.917  0.732   1.00 92.04  ? 2   DC  C "C1'" 1 
ATOM   558 N  N1    . DC  C 3 2  ? 5.123   32.887  1.248   1.00 90.09  ? 2   DC  C N1    1 
ATOM   559 C  C2    . DC  C 3 2  ? 4.885   32.764  2.624   1.00 88.24  ? 2   DC  C C2    1 
ATOM   560 O  O2    . DC  C 3 2  ? 5.845   32.679  3.399   1.00 90.93  ? 2   DC  C O2    1 
ATOM   561 N  N3    . DC  C 3 2  ? 3.602   32.741  3.069   1.00 85.43  ? 2   DC  C N3    1 
ATOM   562 C  C4    . DC  C 3 2  ? 2.592   32.838  2.202   1.00 86.92  ? 2   DC  C C4    1 
ATOM   563 N  N4    . DC  C 3 2  ? 1.347   32.813  2.684   1.00 87.02  ? 2   DC  C N4    1 
ATOM   564 C  C5    . DC  C 3 2  ? 2.816   32.965  0.799   1.00 90.06  ? 2   DC  C C5    1 
ATOM   565 C  C6    . DC  C 3 2  ? 4.083   32.987  0.372   1.00 91.69  ? 2   DC  C C6    1 
ATOM   566 P  P     . DT  C 3 3  ? 10.291  30.923  -0.082  1.00 109.02 ? 3   DT  C P     1 
ATOM   567 O  OP1   . DT  C 3 3  ? 11.669  31.414  0.155   1.00 113.15 ? 3   DT  C OP1   1 
ATOM   568 O  OP2   . DT  C 3 3  ? 10.017  30.042  -1.239  1.00 109.75 ? 3   DT  C OP2   1 
ATOM   569 O  "O5'" . DT  C 3 3  ? 9.765   30.184  1.231   1.00 90.02  ? 3   DT  C "O5'" 1 
ATOM   570 C  "C5'" . DT  C 3 3  ? 9.607   30.916  2.428   1.00 81.33  ? 3   DT  C "C5'" 1 
ATOM   571 C  "C4'" . DT  C 3 3  ? 9.079   30.025  3.532   1.00 92.59  ? 3   DT  C "C4'" 1 
ATOM   572 O  "O4'" . DT  C 3 3  ? 7.648   30.220  3.687   1.00 100.98 ? 3   DT  C "O4'" 1 
ATOM   573 C  "C3'" . DT  C 3 3  ? 9.279   28.524  3.307   1.00 96.98  ? 3   DT  C "C3'" 1 
ATOM   574 O  "O3'" . DT  C 3 3  ? 9.808   27.937  4.490   1.00 103.68 ? 3   DT  C "O3'" 1 
ATOM   575 C  "C2'" . DT  C 3 3  ? 7.858   28.021  3.016   1.00 96.77  ? 3   DT  C "C2'" 1 
ATOM   576 C  "C1'" . DT  C 3 3  ? 7.049   28.964  3.884   1.00 94.42  ? 3   DT  C "C1'" 1 
ATOM   577 N  N1    . DT  C 3 3  ? 5.590   29.057  3.529   1.00 93.09  ? 3   DT  C N1    1 
ATOM   578 C  C2    . DT  C 3 3  ? 4.651   28.973  4.536   1.00 92.73  ? 3   DT  C C2    1 
ATOM   579 O  O2    . DT  C 3 3  ? 4.941   28.816  5.710   1.00 90.95  ? 3   DT  C O2    1 
ATOM   580 N  N3    . DT  C 3 3  ? 3.350   29.082  4.119   1.00 87.30  ? 3   DT  C N3    1 
ATOM   581 C  C4    . DT  C 3 3  ? 2.899   29.263  2.825   1.00 88.32  ? 3   DT  C C4    1 
ATOM   582 O  O4    . DT  C 3 3  ? 1.705   29.348  2.554   1.00 89.25  ? 3   DT  C O4    1 
ATOM   583 C  C5    . DT  C 3 3  ? 3.933   29.345  1.816   1.00 92.74  ? 3   DT  C C5    1 
ATOM   584 C  C7    . DT  C 3 3  ? 3.565   29.539  0.375   1.00 85.39  ? 3   DT  C C7    1 
ATOM   585 C  C6    . DT  C 3 3  ? 5.215   29.241  2.213   1.00 94.65  ? 3   DT  C C6    1 
ATOM   586 P  P     . DG  C 3 4  ? 11.063  26.937  4.413   1.00 106.68 ? 4   DG  C P     1 
ATOM   587 O  OP1   . DG  C 3 4  ? 12.262  27.663  4.892   1.00 102.68 ? 4   DG  C OP1   1 
ATOM   588 O  OP2   . DG  C 3 4  ? 11.052  26.344  3.056   1.00 96.20  ? 4   DG  C OP2   1 
ATOM   589 O  "O5'" . DG  C 3 4  ? 10.705  25.789  5.477   1.00 102.73 ? 4   DG  C "O5'" 1 
ATOM   590 C  "C5'" . DG  C 3 4  ? 10.870  26.035  6.873   1.00 90.07  ? 4   DG  C "C5'" 1 
ATOM   591 C  "C4'" . DG  C 3 4  ? 9.719   25.446  7.677   1.00 91.73  ? 4   DG  C "C4'" 1 
ATOM   592 O  "O4'" . DG  C 3 4  ? 8.450   25.849  7.096   1.00 99.47  ? 4   DG  C "O4'" 1 
ATOM   593 C  "C3'" . DG  C 3 4  ? 9.680   23.919  7.755   1.00 87.55  ? 4   DG  C "C3'" 1 
ATOM   594 O  "O3'" . DG  C 3 4  ? 9.343   23.521  9.078   1.00 97.15  ? 4   DG  C "O3'" 1 
ATOM   595 C  "C2'" . DG  C 3 4  ? 8.573   23.552  6.765   1.00 89.04  ? 4   DG  C "C2'" 1 
ATOM   596 C  "C1'" . DG  C 3 4  ? 7.619   24.715  6.963   1.00 95.21  ? 4   DG  C "C1'" 1 
ATOM   597 N  N9    . DG  C 3 4  ? 6.699   24.938  5.844   1.00 96.64  ? 4   DG  C N9    1 
ATOM   598 C  C8    . DG  C 3 4  ? 7.031   25.119  4.522   1.00 93.21  ? 4   DG  C C8    1 
ATOM   599 N  N7    . DG  C 3 4  ? 6.000   25.312  3.746   1.00 85.38  ? 4   DG  C N7    1 
ATOM   600 C  C5    . DG  C 3 4  ? 4.911   25.261  4.606   1.00 91.91  ? 4   DG  C C5    1 
ATOM   601 C  C6    . DG  C 3 4  ? 3.530   25.405  4.334   1.00 91.34  ? 4   DG  C C6    1 
ATOM   602 O  O6    . DG  C 3 4  ? 2.983   25.610  3.240   1.00 89.10  ? 4   DG  C O6    1 
ATOM   603 N  N1    . DG  C 3 4  ? 2.758   25.287  5.490   1.00 89.16  ? 4   DG  C N1    1 
ATOM   604 C  C2    . DG  C 3 4  ? 3.259   25.058  6.753   1.00 86.39  ? 4   DG  C C2    1 
ATOM   605 N  N2    . DG  C 3 4  ? 2.361   24.972  7.750   1.00 85.37  ? 4   DG  C N2    1 
ATOM   606 N  N3    . DG  C 3 4  ? 4.556   24.921  7.022   1.00 83.13  ? 4   DG  C N3    1 
ATOM   607 C  C4    . DG  C 3 4  ? 5.321   25.034  5.904   1.00 92.80  ? 4   DG  C C4    1 
ATOM   608 P  P     . DA  C 3 5  ? 9.606   22.013  9.566   1.00 117.46 ? 5   DA  C P     1 
ATOM   609 O  OP1   . DA  C 3 5  ? 10.501  22.068  10.745  1.00 101.49 ? 5   DA  C OP1   1 
ATOM   610 O  OP2   . DA  C 3 5  ? 9.992   21.219  8.378   1.00 107.28 ? 5   DA  C OP2   1 
ATOM   611 O  "O5'" . DA  C 3 5  ? 8.167   21.504  10.041  1.00 101.80 ? 5   DA  C "O5'" 1 
ATOM   612 C  "C5'" . DA  C 3 5  ? 7.614   21.963  11.267  1.00 94.29  ? 5   DA  C "C5'" 1 
ATOM   613 C  "C4'" . DA  C 3 5  ? 6.175   21.501  11.419  1.00 97.00  ? 5   DA  C "C4'" 1 
ATOM   614 O  "O4'" . DA  C 3 5  ? 5.395   21.968  10.286  1.00 93.99  ? 5   DA  C "O4'" 1 
ATOM   615 C  "C3'" . DA  C 3 5  ? 5.981   19.990  11.459  1.00 93.51  ? 5   DA  C "C3'" 1 
ATOM   616 O  "O3'" . DA  C 3 5  ? 4.886   19.668  12.301  1.00 101.87 ? 5   DA  C "O3'" 1 
ATOM   617 C  "C2'" . DA  C 3 5  ? 5.675   19.658  10.004  1.00 94.40  ? 5   DA  C "C2'" 1 
ATOM   618 C  "C1'" . DA  C 3 5  ? 4.847   20.866  9.595   1.00 85.59  ? 5   DA  C "C1'" 1 
ATOM   619 N  N9    . DA  C 3 5  ? 4.905   21.147  8.167   1.00 77.62  ? 5   DA  C N9    1 
ATOM   620 C  C8    . DA  C 3 5  ? 6.022   21.198  7.382   1.00 83.72  ? 5   DA  C C8    1 
ATOM   621 N  N7    . DA  C 3 5  ? 5.771   21.475  6.124   1.00 79.86  ? 5   DA  C N7    1 
ATOM   622 C  C5    . DA  C 3 5  ? 4.395   21.615  6.083   1.00 80.66  ? 5   DA  C C5    1 
ATOM   623 C  C6    . DA  C 3 5  ? 3.502   21.914  5.034   1.00 81.75  ? 5   DA  C C6    1 
ATOM   624 N  N6    . DA  C 3 5  ? 3.894   22.131  3.774   1.00 75.77  ? 5   DA  C N6    1 
ATOM   625 N  N1    . DA  C 3 5  ? 2.185   21.982  5.334   1.00 83.14  ? 5   DA  C N1    1 
ATOM   626 C  C2    . DA  C 3 5  ? 1.801   21.766  6.601   1.00 81.22  ? 5   DA  C C2    1 
ATOM   627 N  N3    . DA  C 3 5  ? 2.548   21.478  7.668   1.00 79.08  ? 5   DA  C N3    1 
ATOM   628 C  C4    . DA  C 3 5  ? 3.847   21.417  7.337   1.00 77.91  ? 5   DA  C C4    1 
ATOM   629 P  P     . DG  C 3 6  ? 4.870   18.279  13.110  1.00 128.70 ? 6   DG  C P     1 
ATOM   630 O  OP1   . DG  C 3 6  ? 4.691   18.600  14.545  1.00 131.10 ? 6   DG  C OP1   1 
ATOM   631 O  OP2   . DG  C 3 6  ? 6.041   17.491  12.665  1.00 116.16 ? 6   DG  C OP2   1 
ATOM   632 O  "O5'" . DG  C 3 6  ? 3.546   17.541  12.592  1.00 114.85 ? 6   DG  C "O5'" 1 
ATOM   633 C  "C5'" . DG  C 3 6  ? 3.275   17.453  11.199  1.00 98.90  ? 6   DG  C "C5'" 1 
ATOM   634 C  "C4'" . DG  C 3 6  ? 1.817   17.765  10.915  1.00 89.49  ? 6   DG  C "C4'" 1 
ATOM   635 O  "O4'" . DG  C 3 6  ? 1.716   18.601  9.733   1.00 78.20  ? 6   DG  C "O4'" 1 
ATOM   636 C  "C3'" . DG  C 3 6  ? 0.947   16.549  10.646  1.00 88.29  ? 6   DG  C "C3'" 1 
ATOM   637 O  "O3'" . DG  C 3 6  ? -0.362  16.766  11.145  1.00 92.75  ? 6   DG  C "O3'" 1 
ATOM   638 C  "C2'" . DG  C 3 6  ? 0.965   16.443  9.122   1.00 85.68  ? 6   DG  C "C2'" 1 
ATOM   639 C  "C1'" . DG  C 3 6  ? 1.069   17.904  8.684   1.00 74.51  ? 6   DG  C "C1'" 1 
ATOM   640 N  N9    . DG  C 3 6  ? 1.861   18.089  7.466   1.00 70.54  ? 6   DG  C N9    1 
ATOM   641 C  C8    . DG  C 3 6  ? 3.227   17.978  7.354   1.00 73.59  ? 6   DG  C C8    1 
ATOM   642 N  N7    . DG  C 3 6  ? 3.673   18.199  6.150   1.00 62.76  ? 6   DG  C N7    1 
ATOM   643 C  C5    . DG  C 3 6  ? 2.534   18.477  5.409   1.00 63.20  ? 6   DG  C C5    1 
ATOM   644 C  C6    . DG  C 3 6  ? 2.402   18.792  4.039   1.00 60.83  ? 6   DG  C C6    1 
ATOM   645 O  O6    . DG  C 3 6  ? 3.296   18.887  3.193   1.00 68.84  ? 6   DG  C O6    1 
ATOM   646 N  N1    . DG  C 3 6  ? 1.078   19.004  3.680   1.00 63.05  ? 6   DG  C N1    1 
ATOM   647 C  C2    . DG  C 3 6  ? 0.007   18.924  4.540   1.00 71.55  ? 6   DG  C C2    1 
ATOM   648 N  N2    . DG  C 3 6  ? -1.204  19.165  4.007   1.00 75.35  ? 6   DG  C N2    1 
ATOM   649 N  N3    . DG  C 3 6  ? 0.114   18.626  5.836   1.00 71.84  ? 6   DG  C N3    1 
ATOM   650 C  C4    . DG  C 3 6  ? 1.406   18.415  6.200   1.00 69.70  ? 6   DG  C C4    1 
ATOM   651 P  P     . DT  C 3 7  ? -1.398  15.542  11.241  1.00 117.23 ? 7   DT  C P     1 
ATOM   652 O  OP1   . DT  C 3 7  ? -2.450  15.903  12.219  1.00 122.84 ? 7   DT  C OP1   1 
ATOM   653 O  OP2   . DT  C 3 7  ? -0.618  14.298  11.431  1.00 106.20 ? 7   DT  C OP2   1 
ATOM   654 O  "O5'" . DT  C 3 7  ? -2.052  15.496  9.787   1.00 91.16  ? 7   DT  C "O5'" 1 
ATOM   655 C  "C5'" . DT  C 3 7  ? -2.618  16.669  9.229   1.00 89.08  ? 7   DT  C "C5'" 1 
ATOM   656 C  "C4'" . DT  C 3 7  ? -3.354  16.337  7.951   1.00 90.19  ? 7   DT  C "C4'" 1 
ATOM   657 O  "O4'" . DT  C 3 7  ? -2.511  16.630  6.805   1.00 79.55  ? 7   DT  C "O4'" 1 
ATOM   658 C  "C3'" . DT  C 3 7  ? -3.762  14.870  7.819   1.00 80.08  ? 7   DT  C "C3'" 1 
ATOM   659 O  "O3'" . DT  C 3 7  ? -5.077  14.790  7.302   1.00 75.47  ? 7   DT  C "O3'" 1 
ATOM   660 C  "C2'" . DT  C 3 7  ? -2.730  14.308  6.843   1.00 79.06  ? 7   DT  C "C2'" 1 
ATOM   661 C  "C1'" . DT  C 3 7  ? -2.465  15.509  5.952   1.00 73.70  ? 7   DT  C "C1'" 1 
ATOM   662 N  N1    . DT  C 3 7  ? -1.129  15.478  5.291   1.00 60.44  ? 7   DT  C N1    1 
ATOM   663 C  C2    . DT  C 3 7  ? -1.024  15.814  3.958   1.00 65.67  ? 7   DT  C C2    1 
ATOM   664 O  O2    . DT  C 3 7  ? -1.977  16.141  3.269   1.00 70.65  ? 7   DT  C O2    1 
ATOM   665 N  N3    . DT  C 3 7  ? 0.250   15.756  3.455   1.00 68.21  ? 7   DT  C N3    1 
ATOM   666 C  C4    . DT  C 3 7  ? 1.402   15.404  4.135   1.00 67.64  ? 7   DT  C C4    1 
ATOM   667 O  O4    . DT  C 3 7  ? 2.504   15.382  3.595   1.00 60.38  ? 7   DT  C O4    1 
ATOM   668 C  C5    . DT  C 3 7  ? 1.220   15.063  5.525   1.00 63.85  ? 7   DT  C C5    1 
ATOM   669 C  C7    . DT  C 3 7  ? 2.398   14.665  6.362   1.00 60.77  ? 7   DT  C C7    1 
ATOM   670 C  C6    . DT  C 3 7  ? -0.023  15.116  6.030   1.00 59.01  ? 7   DT  C C6    1 
ATOM   671 P  P     . DG  C 3 8  ? -5.820  13.373  7.161   1.00 83.75  ? 8   DG  C P     1 
ATOM   672 O  OP1   . DG  C 3 8  ? -7.126  13.507  7.846   1.00 93.63  ? 8   DG  C OP1   1 
ATOM   673 O  OP2   . DG  C 3 8  ? -4.893  12.285  7.553   1.00 80.90  ? 8   DG  C OP2   1 
ATOM   674 O  "O5'" . DG  C 3 8  ? -6.098  13.261  5.594   1.00 64.68  ? 8   DG  C "O5'" 1 
ATOM   675 C  "C5'" . DG  C 3 8  ? -6.846  14.277  4.948   1.00 70.38  ? 8   DG  C "C5'" 1 
ATOM   676 C  "C4'" . DG  C 3 8  ? -6.931  14.037  3.449   1.00 67.95  ? 8   DG  C "C4'" 1 
ATOM   677 O  "O4'" . DG  C 3 8  ? -5.607  14.044  2.867   1.00 62.11  ? 8   DG  C "O4'" 1 
ATOM   678 C  "C3'" . DG  C 3 8  ? -7.550  12.721  3.027   1.00 55.72  ? 8   DG  C "C3'" 1 
ATOM   679 O  "O3'" . DG  C 3 8  ? -8.157  12.900  1.767   1.00 54.86  ? 8   DG  C "O3'" 1 
ATOM   680 C  "C2'" . DG  C 3 8  ? -6.337  11.794  2.943   1.00 59.08  ? 8   DG  C "C2'" 1 
ATOM   681 C  "C1'" . DG  C 3 8  ? -5.260  12.743  2.421   1.00 61.27  ? 8   DG  C "C1'" 1 
ATOM   682 N  N9    . DG  C 3 8  ? -3.916  12.476  2.915   1.00 60.96  ? 8   DG  C N9    1 
ATOM   683 C  C8    . DG  C 3 8  ? -3.548  12.139  4.196   1.00 59.38  ? 8   DG  C C8    1 
ATOM   684 N  N7    . DG  C 3 8  ? -2.256  12.008  4.348   1.00 60.35  ? 8   DG  C N7    1 
ATOM   685 C  C5    . DG  C 3 8  ? -1.737  12.298  3.090   1.00 62.59  ? 8   DG  C C5    1 
ATOM   686 C  C6    . DG  C 3 8  ? -0.394  12.323  2.638   1.00 60.61  ? 8   DG  C C6    1 
ATOM   687 O  O6    . DG  C 3 8  ? 0.641   12.084  3.281   1.00 57.65  ? 8   DG  C O6    1 
ATOM   688 N  N1    . DG  C 3 8  ? -0.312  12.667  1.289   1.00 60.11  ? 8   DG  C N1    1 
ATOM   689 C  C2    . DG  C 3 8  ? -1.391  12.950  0.482   1.00 60.37  ? 8   DG  C C2    1 
ATOM   690 N  N2    . DG  C 3 8  ? -1.117  13.263  -0.793  1.00 58.59  ? 8   DG  C N2    1 
ATOM   691 N  N3    . DG  C 3 8  ? -2.649  12.929  0.893   1.00 61.17  ? 8   DG  C N3    1 
ATOM   692 C  C4    . DG  C 3 8  ? -2.747  12.595  2.203   1.00 61.27  ? 8   DG  C C4    1 
ATOM   693 P  P     . DC  C 3 9  ? -9.020  11.727  1.099   1.00 68.64  ? 9   DC  C P     1 
ATOM   694 O  OP1   . DC  C 3 9  ? -9.984  12.356  0.162   1.00 62.36  ? 9   DC  C OP1   1 
ATOM   695 O  OP2   . DC  C 3 9  ? -9.498  10.858  2.202   1.00 64.91  ? 9   DC  C OP2   1 
ATOM   696 O  "O5'" . DC  C 3 9  ? -7.948  10.925  0.228   1.00 56.59  ? 9   DC  C "O5'" 1 
ATOM   697 C  "C5'" . DC  C 3 9  ? -7.058  11.635  -0.616  1.00 55.94  ? 9   DC  C "C5'" 1 
ATOM   698 C  "C4'" . DC  C 3 9  ? -6.033  10.698  -1.220  1.00 58.23  ? 9   DC  C "C4'" 1 
ATOM   699 O  "O4'" . DC  C 3 9  ? -4.807  10.726  -0.444  1.00 64.70  ? 9   DC  C "O4'" 1 
ATOM   700 C  "C3'" . DC  C 3 9  ? -6.460  9.226   -1.272  1.00 53.00  ? 9   DC  C "C3'" 1 
ATOM   701 O  "O3'" . DC  C 3 9  ? -6.316  8.733   -2.591  1.00 38.52  ? 9   DC  C "O3'" 1 
ATOM   702 C  "C2'" . DC  C 3 9  ? -5.489  8.536   -0.306  1.00 52.15  ? 9   DC  C "C2'" 1 
ATOM   703 C  "C1'" . DC  C 3 9  ? -4.280  9.429   -0.447  1.00 53.87  ? 9   DC  C "C1'" 1 
ATOM   704 N  N1    . DC  C 3 9  ? -3.270  9.291   0.641   1.00 56.51  ? 9   DC  C N1    1 
ATOM   705 C  C2    . DC  C 3 9  ? -1.930  9.529   0.342   1.00 58.96  ? 9   DC  C C2    1 
ATOM   706 O  O2    . DC  C 3 9  ? -1.634  9.862   -0.810  1.00 58.70  ? 9   DC  C O2    1 
ATOM   707 N  N3    . DC  C 3 9  ? -1.001  9.399   1.322   1.00 57.53  ? 9   DC  C N3    1 
ATOM   708 C  C4    . DC  C 3 9  ? -1.375  9.037   2.552   1.00 60.39  ? 9   DC  C C4    1 
ATOM   709 N  N4    . DC  C 3 9  ? -0.424  8.918   3.489   1.00 66.37  ? 9   DC  C N4    1 
ATOM   710 C  C5    . DC  C 3 9  ? -2.742  8.784   2.877   1.00 57.44  ? 9   DC  C C5    1 
ATOM   711 C  C6    . DC  C 3 9  ? -3.649  8.920   1.897   1.00 56.65  ? 9   DC  C C6    1 
ATOM   712 P  P     . DG  D 4 1  ? 9.049   -14.282 0.426   1.00 55.84  ? 10  DG  D P     1 
ATOM   713 O  OP1   . DG  D 4 1  ? 10.334  -14.707 1.031   1.00 58.25  ? 10  DG  D OP1   1 
ATOM   714 O  OP2   . DG  D 4 1  ? 8.996   -13.750 -0.953  1.00 42.82  ? 10  DG  D OP2   1 
ATOM   715 O  "O5'" . DG  D 4 1  ? 8.392   -13.201 1.400   1.00 60.56  ? 10  DG  D "O5'" 1 
ATOM   716 C  "C5'" . DG  D 4 1  ? 8.844   -13.096 2.742   1.00 66.20  ? 10  DG  D "C5'" 1 
ATOM   717 C  "C4'" . DG  D 4 1  ? 7.712   -12.680 3.664   1.00 57.20  ? 10  DG  D "C4'" 1 
ATOM   718 O  "O4'" . DG  D 4 1  ? 7.253   -11.359 3.300   1.00 60.38  ? 10  DG  D "O4'" 1 
ATOM   719 C  "C3'" . DG  D 4 1  ? 6.483   -13.563 3.599   1.00 66.21  ? 10  DG  D "C3'" 1 
ATOM   720 O  "O3'" . DG  D 4 1  ? 6.611   -14.609 4.532   1.00 76.99  ? 10  DG  D "O3'" 1 
ATOM   721 C  "C2'" . DG  D 4 1  ? 5.362   -12.608 3.990   1.00 67.72  ? 10  DG  D "C2'" 1 
ATOM   722 C  "C1'" . DG  D 4 1  ? 5.843   -11.290 3.396   1.00 60.99  ? 10  DG  D "C1'" 1 
ATOM   723 N  N9    . DG  D 4 1  ? 5.314   -11.018 2.069   1.00 59.10  ? 10  DG  D N9    1 
ATOM   724 C  C8    . DG  D 4 1  ? 6.015   -11.009 0.895   1.00 61.16  ? 10  DG  D C8    1 
ATOM   725 N  N7    . DG  D 4 1  ? 5.284   -10.721 -0.142  1.00 66.18  ? 10  DG  D N7    1 
ATOM   726 C  C5    . DG  D 4 1  ? 4.017   -10.523 0.379   1.00 60.16  ? 10  DG  D C5    1 
ATOM   727 C  C6    . DG  D 4 1  ? 2.813   -10.185 -0.271  1.00 69.47  ? 10  DG  D C6    1 
ATOM   728 O  O6    . DG  D 4 1  ? 2.627   -9.989  -1.479  1.00 79.30  ? 10  DG  D O6    1 
ATOM   729 N  N1    . DG  D 4 1  ? 1.756   -10.076 0.626   1.00 69.97  ? 10  DG  D N1    1 
ATOM   730 C  C2    . DG  D 4 1  ? 1.854   -10.270 1.984   1.00 74.59  ? 10  DG  D C2    1 
ATOM   731 N  N2    . DG  D 4 1  ? 0.726   -10.120 2.697   1.00 79.71  ? 10  DG  D N2    1 
ATOM   732 N  N3    . DG  D 4 1  ? 2.983   -10.588 2.605   1.00 71.76  ? 10  DG  D N3    1 
ATOM   733 C  C4    . DG  D 4 1  ? 4.019   -10.698 1.742   1.00 63.08  ? 10  DG  D C4    1 
ATOM   734 P  P     . DG  D 4 2  ? 5.978   -16.044 4.211   1.00 88.52  ? 11  DG  D P     1 
ATOM   735 O  OP1   . DG  D 4 2  ? 6.343   -16.946 5.327   1.00 79.12  ? 11  DG  D OP1   1 
ATOM   736 O  OP2   . DG  D 4 2  ? 6.368   -16.389 2.823   1.00 86.17  ? 11  DG  D OP2   1 
ATOM   737 O  "O5'" . DG  D 4 2  ? 4.400   -15.776 4.229   1.00 68.80  ? 11  DG  D "O5'" 1 
ATOM   738 C  "C5'" . DG  D 4 2  ? 3.745   -15.467 5.451   1.00 71.60  ? 11  DG  D "C5'" 1 
ATOM   739 C  "C4'" . DG  D 4 2  ? 2.320   -15.018 5.195   1.00 77.72  ? 11  DG  D "C4'" 1 
ATOM   740 O  "O4'" . DG  D 4 2  ? 2.319   -14.000 4.181   1.00 66.84  ? 11  DG  D "O4'" 1 
ATOM   741 C  "C3'" . DG  D 4 2  ? 1.399   -16.098 4.658   1.00 83.76  ? 11  DG  D "C3'" 1 
ATOM   742 O  "O3'" . DG  D 4 2  ? 0.808   -16.805 5.738   1.00 85.59  ? 11  DG  D "O3'" 1 
ATOM   743 C  "C2'" . DG  D 4 2  ? 0.350   -15.304 3.876   1.00 73.52  ? 11  DG  D "C2'" 1 
ATOM   744 C  "C1'" . DG  D 4 2  ? 1.082   -14.017 3.498   1.00 68.74  ? 11  DG  D "C1'" 1 
ATOM   745 N  N9    . DG  D 4 2  ? 1.343   -13.877 2.070   1.00 71.92  ? 11  DG  D N9    1 
ATOM   746 C  C8    . DG  D 4 2  ? 2.532   -14.099 1.421   1.00 71.92  ? 11  DG  D C8    1 
ATOM   747 N  N7    . DG  D 4 2  ? 2.471   -13.874 0.137   1.00 65.71  ? 11  DG  D N7    1 
ATOM   748 C  C5    . DG  D 4 2  ? 1.160   -13.472 -0.075  1.00 70.91  ? 11  DG  D C5    1 
ATOM   749 C  C6    . DG  D 4 2  ? 0.505   -13.095 -1.271  1.00 82.81  ? 11  DG  D C6    1 
ATOM   750 O  O6    . DG  D 4 2  ? 0.971   -13.042 -2.418  1.00 79.78  ? 11  DG  D O6    1 
ATOM   751 N  N1    . DG  D 4 2  ? -0.827  -12.757 -1.043  1.00 83.16  ? 11  DG  D N1    1 
ATOM   752 C  C2    . DG  D 4 2  ? -1.446  -12.783 0.186   1.00 79.43  ? 11  DG  D C2    1 
ATOM   753 N  N2    . DG  D 4 2  ? -2.736  -12.424 0.216   1.00 87.73  ? 11  DG  D N2    1 
ATOM   754 N  N3    . DG  D 4 2  ? -0.841  -13.134 1.313   1.00 71.69  ? 11  DG  D N3    1 
ATOM   755 C  C4    . DG  D 4 2  ? 0.454   -13.466 1.107   1.00 70.85  ? 11  DG  D C4    1 
ATOM   756 P  P     . DT  D 4 3  ? 0.034   -18.186 5.473   1.00 96.91  ? 12  DT  D P     1 
ATOM   757 O  OP1   . DT  D 4 3  ? -0.253  -18.779 6.799   1.00 99.06  ? 12  DT  D OP1   1 
ATOM   758 O  OP2   . DT  D 4 3  ? 0.808   -18.956 4.474   1.00 80.57  ? 12  DT  D OP2   1 
ATOM   759 O  "O5'" . DT  D 4 3  ? -1.345  -17.734 4.791   1.00 77.57  ? 12  DT  D "O5'" 1 
ATOM   760 C  "C5'" . DT  D 4 3  ? -2.290  -16.971 5.534   1.00 75.87  ? 12  DT  D "C5'" 1 
ATOM   761 C  "C4'" . DT  D 4 3  ? -3.425  -16.503 4.642   1.00 81.26  ? 12  DT  D "C4'" 1 
ATOM   762 O  "O4'" . DT  D 4 3  ? -2.877  -15.899 3.440   1.00 83.69  ? 12  DT  D "O4'" 1 
ATOM   763 C  "C3'" . DT  D 4 3  ? -4.374  -17.608 4.165   1.00 85.65  ? 12  DT  D "C3'" 1 
ATOM   764 O  "O3'" . DT  D 4 3  ? -5.720  -17.154 4.226   1.00 84.21  ? 12  DT  D "O3'" 1 
ATOM   765 C  "C2'" . DT  D 4 3  ? -3.933  -17.841 2.725   1.00 79.50  ? 12  DT  D "C2'" 1 
ATOM   766 C  "C1'" . DT  D 4 3  ? -3.522  -16.441 2.314   1.00 81.07  ? 12  DT  D "C1'" 1 
ATOM   767 N  N1    . DT  D 4 3  ? -2.577  -16.424 1.172   1.00 83.89  ? 12  DT  D N1    1 
ATOM   768 C  C2    . DT  D 4 3  ? -2.996  -15.925 -0.039  1.00 84.02  ? 12  DT  D C2    1 
ATOM   769 O  O2    . DT  D 4 3  ? -4.114  -15.480 -0.227  1.00 81.36  ? 12  DT  D O2    1 
ATOM   770 N  N3    . DT  D 4 3  ? -2.050  -15.961 -1.030  1.00 82.25  ? 12  DT  D N3    1 
ATOM   771 C  C4    . DT  D 4 3  ? -0.756  -16.442 -0.930  1.00 81.41  ? 12  DT  D C4    1 
ATOM   772 O  O4    . DT  D 4 3  ? 0.022   -16.434 -1.877  1.00 81.56  ? 12  DT  D O4    1 
ATOM   773 C  C5    . DT  D 4 3  ? -0.385  -16.954 0.370   1.00 72.60  ? 12  DT  D C5    1 
ATOM   774 C  C7    . DT  D 4 3  ? 0.994   -17.498 0.599   1.00 67.68  ? 12  DT  D C7    1 
ATOM   775 C  C6    . DT  D 4 3  ? -1.303  -16.923 1.345   1.00 73.64  ? 12  DT  D C6    1 
ATOM   776 P  P     . DC  D 4 4  ? -6.936  -18.204 4.172   1.00 79.27  ? 13  DC  D P     1 
ATOM   777 O  OP1   . DC  D 4 4  ? -7.593  -18.189 5.497   1.00 91.32  ? 13  DC  D OP1   1 
ATOM   778 O  OP2   . DC  D 4 4  ? -6.434  -19.476 3.609   1.00 74.12  ? 13  DC  D OP2   1 
ATOM   779 O  "O5'" . DC  D 4 4  ? -7.932  -17.569 3.101   1.00 70.43  ? 13  DC  D "O5'" 1 
ATOM   780 C  "C5'" . DC  D 4 4  ? -7.402  -16.870 1.998   1.00 73.22  ? 13  DC  D "C5'" 1 
ATOM   781 C  "C4'" . DC  D 4 4  ? -8.436  -16.715 0.906   1.00 81.93  ? 13  DC  D "C4'" 1 
ATOM   782 O  "O4'" . DC  D 4 4  ? -7.754  -16.585 -0.364  1.00 88.18  ? 13  DC  D "O4'" 1 
ATOM   783 C  "C3'" . DC  D 4 4  ? -9.350  -17.907 0.718   1.00 75.08  ? 13  DC  D "C3'" 1 
ATOM   784 O  "O3'" . DC  D 4 4  ? -10.516 -17.502 0.011   1.00 80.14  ? 13  DC  D "O3'" 1 
ATOM   785 C  "C2'" . DC  D 4 4  ? -8.478  -18.830 -0.124  1.00 85.09  ? 13  DC  D "C2'" 1 
ATOM   786 C  "C1'" . DC  D 4 4  ? -7.749  -17.837 -1.031  1.00 83.22  ? 13  DC  D "C1'" 1 
ATOM   787 N  N1    . DC  D 4 4  ? -6.330  -18.210 -1.319  1.00 86.02  ? 13  DC  D N1    1 
ATOM   788 C  C2    . DC  D 4 4  ? -5.822  -18.035 -2.609  1.00 86.76  ? 13  DC  D C2    1 
ATOM   789 O  O2    . DC  D 4 4  ? -6.565  -17.577 -3.485  1.00 89.08  ? 13  DC  D O2    1 
ATOM   790 N  N3    . DC  D 4 4  ? -4.530  -18.372 -2.859  1.00 79.24  ? 13  DC  D N3    1 
ATOM   791 C  C4    . DC  D 4 4  ? -3.766  -18.862 -1.881  1.00 80.24  ? 13  DC  D C4    1 
ATOM   792 N  N4    . DC  D 4 4  ? -2.500  -19.180 -2.172  1.00 84.67  ? 13  DC  D N4    1 
ATOM   793 C  C5    . DC  D 4 4  ? -4.268  -19.047 -0.560  1.00 84.26  ? 13  DC  D C5    1 
ATOM   794 C  C6    . DC  D 4 4  ? -5.541  -18.708 -0.324  1.00 87.21  ? 13  DC  D C6    1 
ATOM   795 P  P     . DT  D 4 5  ? -11.581 -18.588 -0.513  1.00 93.88  ? 14  DT  D P     1 
ATOM   796 O  OP1   . DT  D 4 5  ? -12.901 -17.917 -0.538  1.00 84.70  ? 14  DT  D OP1   1 
ATOM   797 O  OP2   . DT  D 4 5  ? -11.407 -19.831 0.273   1.00 82.93  ? 14  DT  D OP2   1 
ATOM   798 O  "O5'" . DT  D 4 5  ? -11.129 -18.881 -2.022  1.00 79.25  ? 14  DT  D "O5'" 1 
ATOM   799 C  "C5'" . DT  D 4 5  ? -11.199 -17.846 -3.001  1.00 73.86  ? 14  DT  D "C5'" 1 
ATOM   800 C  "C4'" . DT  D 4 5  ? -11.053 -18.404 -4.410  1.00 81.76  ? 14  DT  D "C4'" 1 
ATOM   801 O  "O4'" . DT  D 4 5  ? -9.655  -18.691 -4.691  1.00 87.95  ? 14  DT  D "O4'" 1 
ATOM   802 C  "C3'" . DT  D 4 5  ? -11.800 -19.708 -4.675  1.00 85.85  ? 14  DT  D "C3'" 1 
ATOM   803 O  "O3'" . DT  D 4 5  ? -12.240 -19.738 -6.025  1.00 86.23  ? 14  DT  D "O3'" 1 
ATOM   804 C  "C2'" . DT  D 4 5  ? -10.715 -20.750 -4.429  1.00 94.75  ? 14  DT  D "C2'" 1 
ATOM   805 C  "C1'" . DT  D 4 5  ? -9.518  -20.053 -5.048  1.00 86.07  ? 14  DT  D "C1'" 1 
ATOM   806 N  N1    . DT  D 4 5  ? -8.199  -20.536 -4.550  1.00 82.23  ? 14  DT  D N1    1 
ATOM   807 C  C2    . DT  D 4 5  ? -7.127  -20.559 -5.412  1.00 85.58  ? 14  DT  D C2    1 
ATOM   808 O  O2    . DT  D 4 5  ? -7.200  -20.215 -6.579  1.00 79.37  ? 14  DT  D O2    1 
ATOM   809 N  N3    . DT  D 4 5  ? -5.954  -21.007 -4.855  1.00 90.82  ? 14  DT  D N3    1 
ATOM   810 C  C4    . DT  D 4 5  ? -5.752  -21.420 -3.551  1.00 85.41  ? 14  DT  D C4    1 
ATOM   811 O  O4    . DT  D 4 5  ? -4.660  -21.805 -3.145  1.00 86.39  ? 14  DT  D O4    1 
ATOM   812 C  C5    . DT  D 4 5  ? -6.915  -21.368 -2.700  1.00 85.01  ? 14  DT  D C5    1 
ATOM   813 C  C7    . DT  D 4 5  ? -6.816  -21.796 -1.266  1.00 72.86  ? 14  DT  D C7    1 
ATOM   814 C  C6    . DT  D 4 5  ? -8.071  -20.933 -3.233  1.00 84.37  ? 14  DT  D C6    1 
ATOM   815 P  P     . DG  D 4 6  ? -13.809 -19.740 -6.366  1.00 103.09 ? 15  DG  D P     1 
ATOM   816 O  OP1   . DG  D 4 6  ? -14.221 -18.356 -6.701  1.00 99.06  ? 15  DG  D OP1   1 
ATOM   817 O  OP2   . DG  D 4 6  ? -14.483 -20.468 -5.267  1.00 89.53  ? 15  DG  D OP2   1 
ATOM   818 O  "O5'" . DG  D 4 6  ? -13.910 -20.627 -7.693  1.00 94.63  ? 15  DG  D "O5'" 1 
ATOM   819 C  "C5'" . DG  D 4 6  ? -13.037 -20.379 -8.786  1.00 86.37  ? 15  DG  D "C5'" 1 
ATOM   820 C  "C4'" . DG  D 4 6  ? -12.301 -21.646 -9.172  1.00 84.59  ? 15  DG  D "C4'" 1 
ATOM   821 O  "O4'" . DG  D 4 6  ? -11.098 -21.759 -8.393  1.00 92.17  ? 15  DG  D "O4'" 1 
ATOM   822 C  "C3'" . DG  D 4 6  ? -13.059 -22.931 -8.874  1.00 86.18  ? 15  DG  D "C3'" 1 
ATOM   823 O  "O3'" . DG  D 4 6  ? -13.885 -23.354 -9.998  1.00 94.09  ? 15  DG  D "O3'" 1 
ATOM   824 C  "C2'" . DG  D 4 6  ? -11.960 -23.950 -8.529  1.00 81.07  ? 15  DG  D "C2'" 1 
ATOM   825 C  "C1'" . DG  D 4 6  ? -10.685 -23.101 -8.435  1.00 89.22  ? 15  DG  D "C1'" 1 
ATOM   826 N  N9    . DG  D 4 6  ? -9.891  -23.404 -7.248  1.00 88.96  ? 15  DG  D N9    1 
ATOM   827 C  C8    . DG  D 4 6  ? -10.366 -23.605 -5.977  1.00 88.46  ? 15  DG  D C8    1 
ATOM   828 N  N7    . DG  D 4 6  ? -9.434  -23.881 -5.109  1.00 87.98  ? 15  DG  D N7    1 
ATOM   829 C  C5    . DG  D 4 6  ? -8.263  -23.883 -5.852  1.00 86.15  ? 15  DG  D C5    1 
ATOM   830 C  C6    . DG  D 4 6  ? -6.930  -24.124 -5.445  1.00 82.41  ? 15  DG  D C6    1 
ATOM   831 O  O6    . DG  D 4 6  ? -6.511  -24.389 -4.309  1.00 77.48  ? 15  DG  D O6    1 
ATOM   832 N  N1    . DG  D 4 6  ? -6.040  -24.031 -6.514  1.00 86.66  ? 15  DG  D N1    1 
ATOM   833 C  C2    . DG  D 4 6  ? -6.394  -23.741 -7.812  1.00 87.01  ? 15  DG  D C2    1 
ATOM   834 N  N2    . DG  D 4 6  ? -5.390  -23.695 -8.703  1.00 74.78  ? 15  DG  D N2    1 
ATOM   835 N  N3    . DG  D 4 6  ? -7.644  -23.510 -8.208  1.00 83.83  ? 15  DG  D N3    1 
ATOM   836 C  C4    . DG  D 4 6  ? -8.525  -23.598 -7.177  1.00 86.58  ? 15  DG  D C4    1 
ATOM   837 P  P     . DC  D 4 7  ? -13.398 -23.260 -11.533 1.00 102.44 ? 16  DC  D P     1 
ATOM   838 O  OP1   . DC  D 4 7  ? -13.430 -21.849 -11.978 1.00 96.05  ? 16  DC  D OP1   1 
ATOM   839 O  OP2   . DC  D 4 7  ? -14.215 -24.251 -12.269 1.00 96.08  ? 16  DC  D OP2   1 
ATOM   840 O  "O5'" . DC  D 4 7  ? -11.895 -23.814 -11.531 1.00 105.36 ? 16  DC  D "O5'" 1 
ATOM   841 C  "C5'" . DC  D 4 7  ? -11.640 -25.210 -11.738 1.00 102.70 ? 16  DC  D "C5'" 1 
ATOM   842 C  "C4'" . DC  D 4 7  ? -10.144 -25.490 -11.749 1.00 103.64 ? 16  DC  D "C4'" 1 
ATOM   843 O  "O4'" . DC  D 4 7  ? -9.617  -25.430 -10.397 1.00 102.77 ? 16  DC  D "O4'" 1 
ATOM   844 C  "C3'" . DC  D 4 7  ? -9.744  -26.864 -12.301 1.00 105.45 ? 16  DC  D "C3'" 1 
ATOM   845 O  "O3'" . DC  D 4 7  ? -8.756  -26.707 -13.309 1.00 108.90 ? 16  DC  D "O3'" 1 
ATOM   846 C  "C2'" . DC  D 4 7  ? -9.189  -27.604 -11.078 1.00 96.53  ? 16  DC  D "C2'" 1 
ATOM   847 C  "C1'" . DC  D 4 7  ? -8.668  -26.453 -10.239 1.00 93.02  ? 16  DC  D "C1'" 1 
ATOM   848 N  N1    . DC  D 4 7  ? -8.531  -26.773 -8.780  1.00 85.87  ? 16  DC  D N1    1 
ATOM   849 C  C2    . DC  D 4 7  ? -7.275  -27.106 -8.264  1.00 82.20  ? 16  DC  D C2    1 
ATOM   850 O  O2    . DC  D 4 7  ? -6.305  -27.136 -9.029  1.00 86.19  ? 16  DC  D O2    1 
ATOM   851 N  N3    . DC  D 4 7  ? -7.161  -27.389 -6.943  1.00 76.16  ? 16  DC  D N3    1 
ATOM   852 C  C4    . DC  D 4 7  ? -8.238  -27.344 -6.156  1.00 74.78  ? 16  DC  D C4    1 
ATOM   853 N  N4    . DC  D 4 7  ? -8.080  -27.630 -4.862  1.00 71.95  ? 16  DC  D N4    1 
ATOM   854 C  C5    . DC  D 4 7  ? -9.525  -27.004 -6.664  1.00 81.17  ? 16  DC  D C5    1 
ATOM   855 C  C6    . DC  D 4 7  ? -9.625  -26.729 -7.969  1.00 85.91  ? 16  DC  D C6    1 
HETATM 856 MG MG    . MG  E 5 .  ? 3.961   -7.874  -4.305  1.00 57.34  ? 101 MG  B MG    1 
HETATM 857 AS AS    . CAC F 6 .  ? 4.749   -14.553 -2.863  1.00 138.91 ? 101 CAC D AS    1 
# 
loop_
_pdbx_poly_seq_scheme.asym_id 
_pdbx_poly_seq_scheme.entity_id 
_pdbx_poly_seq_scheme.seq_id 
_pdbx_poly_seq_scheme.mon_id 
_pdbx_poly_seq_scheme.ndb_seq_num 
_pdbx_poly_seq_scheme.pdb_seq_num 
_pdbx_poly_seq_scheme.auth_seq_num 
_pdbx_poly_seq_scheme.pdb_mon_id 
_pdbx_poly_seq_scheme.auth_mon_id 
_pdbx_poly_seq_scheme.pdb_strand_id 
_pdbx_poly_seq_scheme.pdb_ins_code 
_pdbx_poly_seq_scheme.hetero 
A 1 1  DG 1  1  1  DG DG A . n 
A 1 2  DA 2  2  2  DA DA A . n 
A 1 3  DG 3  3  3  DG DG A . n 
A 1 4  DC 4  4  4  DC DC A . n 
A 1 5  DA 5  5  5  DA DA A . n 
A 1 6  DG 6  6  6  DG DG A . n 
A 1 7  DA 7  7  7  DA DA A . n 
A 1 8  DC 8  8  8  DC DC A . n 
A 1 9  DC 9  9  9  DC DC A . n 
A 1 10 DC 10 10 10 DC DC A . n 
A 1 11 DG 11 11 11 DG DG A . n 
A 1 12 DA 12 12 12 DA DA A . n 
A 1 13 DC 13 13 13 DC DC A . n 
A 1 14 DG 14 14 14 DG DG A . n 
A 1 15 DG 15 15 15 DG DG A . n 
A 1 16 DC 16 16 16 DC DC A . n 
A 1 17 DA 17 17 17 DA DA A . n 
A 1 18 DC 18 18 18 DC DC A . n 
A 1 19 DT 19 19 19 DT DT A . n 
A 1 20 DC 20 20 20 DC DC A . n 
A 1 21 DA 21 21 21 DA DA A . n 
B 2 1  DC 1  1  1  DC DC B . n 
B 2 2  DG 2  2  2  DG DG B . n 
B 2 3  DT 3  3  3  DT DT B . n 
B 2 4  DC 4  4  4  DC DC B . n 
B 2 5  DG 5  5  5  DG DG B . n 
C 3 1  DT 1  1  1  DT DT C . n 
C 3 2  DC 2  2  2  DC DC C . n 
C 3 3  DT 3  3  3  DT DT C . n 
C 3 4  DG 4  4  4  DG DG C . n 
C 3 5  DA 5  5  5  DA DA C . n 
C 3 6  DG 6  6  6  DG DG C . n 
C 3 7  DT 7  7  7  DT DT C . n 
C 3 8  DG 8  8  8  DG DG C . n 
C 3 9  DC 9  9  9  DC DC C . n 
D 4 1  DG 1  10 10 DG DG D . n 
D 4 2  DG 2  11 11 DG DG D . n 
D 4 3  DT 3  12 12 DT DT D . n 
D 4 4  DC 4  13 13 DC DC D . n 
D 4 5  DT 5  14 14 DT DT D . n 
D 4 6  DG 6  15 15 DG DG D . n 
D 4 7  DC 7  16 16 DC DC D . n 
# 
loop_
_pdbx_nonpoly_scheme.asym_id 
_pdbx_nonpoly_scheme.entity_id 
_pdbx_nonpoly_scheme.mon_id 
_pdbx_nonpoly_scheme.ndb_seq_num 
_pdbx_nonpoly_scheme.pdb_seq_num 
_pdbx_nonpoly_scheme.auth_seq_num 
_pdbx_nonpoly_scheme.pdb_mon_id 
_pdbx_nonpoly_scheme.auth_mon_id 
_pdbx_nonpoly_scheme.pdb_strand_id 
_pdbx_nonpoly_scheme.pdb_ins_code 
E 5 MG  1 101 1 MG  MG B . 
F 6 CAC 1 101 1 CAC AS D . 
# 
_pdbx_struct_assembly.id                   1 
_pdbx_struct_assembly.details              author_defined_assembly 
_pdbx_struct_assembly.method_details       ? 
_pdbx_struct_assembly.oligomeric_details   tetrameric 
_pdbx_struct_assembly.oligomeric_count     4 
# 
_pdbx_struct_assembly_gen.assembly_id       1 
_pdbx_struct_assembly_gen.oper_expression   1 
_pdbx_struct_assembly_gen.asym_id_list      A,B,C,D,E,F 
# 
_pdbx_struct_oper_list.id                   1 
_pdbx_struct_oper_list.type                 'identity operation' 
_pdbx_struct_oper_list.name                 1_555 
_pdbx_struct_oper_list.symmetry_operation   x,y,z 
_pdbx_struct_oper_list.matrix[1][1]         1.0000000000 
_pdbx_struct_oper_list.matrix[1][2]         0.0000000000 
_pdbx_struct_oper_list.matrix[1][3]         0.0000000000 
_pdbx_struct_oper_list.vector[1]            0.0000000000 
_pdbx_struct_oper_list.matrix[2][1]         0.0000000000 
_pdbx_struct_oper_list.matrix[2][2]         1.0000000000 
_pdbx_struct_oper_list.matrix[2][3]         0.0000000000 
_pdbx_struct_oper_list.vector[2]            0.0000000000 
_pdbx_struct_oper_list.matrix[3][1]         0.0000000000 
_pdbx_struct_oper_list.matrix[3][2]         0.0000000000 
_pdbx_struct_oper_list.matrix[3][3]         1.0000000000 
_pdbx_struct_oper_list.vector[3]            0.0000000000 
# 
loop_
_pdbx_audit_revision_history.ordinal 
_pdbx_audit_revision_history.data_content_type 
_pdbx_audit_revision_history.major_revision 
_pdbx_audit_revision_history.minor_revision 
_pdbx_audit_revision_history.revision_date 
1 'Structure model' 1 0 2021-07-14 
2 'Structure model' 1 1 2022-07-06 
3 'Structure model' 1 2 2023-10-18 
# 
_pdbx_audit_revision_details.ordinal             1 
_pdbx_audit_revision_details.revision_ordinal    1 
_pdbx_audit_revision_details.data_content_type   'Structure model' 
_pdbx_audit_revision_details.provider            repository 
_pdbx_audit_revision_details.type                'Initial release' 
_pdbx_audit_revision_details.description         ? 
_pdbx_audit_revision_details.details             ? 
# 
loop_
_pdbx_audit_revision_group.ordinal 
_pdbx_audit_revision_group.revision_ordinal 
_pdbx_audit_revision_group.data_content_type 
_pdbx_audit_revision_group.group 
1 2 'Structure model' 'Database references'    
2 3 'Structure model' 'Data collection'        
3 3 'Structure model' 'Refinement description' 
# 
loop_
_pdbx_audit_revision_category.ordinal 
_pdbx_audit_revision_category.revision_ordinal 
_pdbx_audit_revision_category.data_content_type 
_pdbx_audit_revision_category.category 
1 2 'Structure model' citation                      
2 2 'Structure model' citation_author               
3 2 'Structure model' database_2                    
4 3 'Structure model' chem_comp_atom                
5 3 'Structure model' chem_comp_bond                
6 3 'Structure model' pdbx_initial_refinement_model 
# 
loop_
_pdbx_audit_revision_item.ordinal 
_pdbx_audit_revision_item.revision_ordinal 
_pdbx_audit_revision_item.data_content_type 
_pdbx_audit_revision_item.item 
1  2 'Structure model' '_citation.country'                   
2  2 'Structure model' '_citation.journal_abbrev'            
3  2 'Structure model' '_citation.journal_id_CSD'            
4  2 'Structure model' '_citation.journal_id_ISSN'           
5  2 'Structure model' '_citation.journal_volume'            
6  2 'Structure model' '_citation.page_first'                
7  2 'Structure model' '_citation.page_last'                 
8  2 'Structure model' '_citation.pdbx_database_id_DOI'      
9  2 'Structure model' '_citation.pdbx_database_id_PubMed'   
10 2 'Structure model' '_citation.title'                     
11 2 'Structure model' '_citation.year'                      
12 2 'Structure model' '_database_2.pdbx_DOI'                
13 2 'Structure model' '_database_2.pdbx_database_accession' 
# 
loop_
_software.citation_id 
_software.classification 
_software.compiler_name 
_software.compiler_version 
_software.contact_author 
_software.contact_author_email 
_software.date 
_software.description 
_software.dependencies 
_software.hardware 
_software.language 
_software.location 
_software.mods 
_software.name 
_software.os 
_software.os_version 
_software.type 
_software.version 
_software.pdbx_ordinal 
? refinement        ? ? ? ? ? ? ? ? ? ? ? PHENIX      ? ? ? 1.11.1_2575 1 
? 'data reduction'  ? ? ? ? ? ? ? ? ? ? ? HKL-2000    ? ? ? .           2 
? 'data scaling'    ? ? ? ? ? ? ? ? ? ? ? HKL-2000    ? ? ? .           3 
? 'data extraction' ? ? ? ? ? ? ? ? ? ? ? PDB_EXTRACT ? ? ? 3.25        4 
? phasing           ? ? ? ? ? ? ? ? ? ? ? PHENIX      ? ? ? .           5 
# 
_pdbx_entry_details.entry_id                 6WRB 
_pdbx_entry_details.nonpolymer_details       ? 
_pdbx_entry_details.sequence_details         ? 
_pdbx_entry_details.compound_details         ? 
_pdbx_entry_details.source_details           ? 
_pdbx_entry_details.has_ligand_of_interest   N 
# 
loop_
_pdbx_unobs_or_zero_occ_atoms.id 
_pdbx_unobs_or_zero_occ_atoms.PDB_model_num 
_pdbx_unobs_or_zero_occ_atoms.polymer_flag 
_pdbx_unobs_or_zero_occ_atoms.occupancy_flag 
_pdbx_unobs_or_zero_occ_atoms.auth_asym_id 
_pdbx_unobs_or_zero_occ_atoms.auth_comp_id 
_pdbx_unobs_or_zero_occ_atoms.auth_seq_id 
_pdbx_unobs_or_zero_occ_atoms.PDB_ins_code 
_pdbx_unobs_or_zero_occ_atoms.auth_atom_id 
_pdbx_unobs_or_zero_occ_atoms.label_alt_id 
_pdbx_unobs_or_zero_occ_atoms.label_asym_id 
_pdbx_unobs_or_zero_occ_atoms.label_comp_id 
_pdbx_unobs_or_zero_occ_atoms.label_seq_id 
_pdbx_unobs_or_zero_occ_atoms.label_atom_id 
1 1 N 1 D CAC 101 ? O1 ? F CAC 1 O1 
2 1 N 1 D CAC 101 ? O2 ? F CAC 1 O2 
3 1 N 1 D CAC 101 ? C1 ? F CAC 1 C1 
4 1 N 1 D CAC 101 ? C2 ? F CAC 1 C2 
# 
loop_
_chem_comp_atom.comp_id 
_chem_comp_atom.atom_id 
_chem_comp_atom.type_symbol 
_chem_comp_atom.pdbx_aromatic_flag 
_chem_comp_atom.pdbx_stereo_config 
_chem_comp_atom.pdbx_ordinal 
CAC AS     AS N N 1   
CAC O1     O  N N 2   
CAC O2     O  N N 3   
CAC C1     C  N N 4   
CAC C2     C  N N 5   
CAC H11    H  N N 6   
CAC H12    H  N N 7   
CAC H13    H  N N 8   
CAC H21    H  N N 9   
CAC H22    H  N N 10  
CAC H23    H  N N 11  
DA  OP3    O  N N 12  
DA  P      P  N N 13  
DA  OP1    O  N N 14  
DA  OP2    O  N N 15  
DA  "O5'"  O  N N 16  
DA  "C5'"  C  N N 17  
DA  "C4'"  C  N R 18  
DA  "O4'"  O  N N 19  
DA  "C3'"  C  N S 20  
DA  "O3'"  O  N N 21  
DA  "C2'"  C  N N 22  
DA  "C1'"  C  N R 23  
DA  N9     N  Y N 24  
DA  C8     C  Y N 25  
DA  N7     N  Y N 26  
DA  C5     C  Y N 27  
DA  C6     C  Y N 28  
DA  N6     N  N N 29  
DA  N1     N  Y N 30  
DA  C2     C  Y N 31  
DA  N3     N  Y N 32  
DA  C4     C  Y N 33  
DA  HOP3   H  N N 34  
DA  HOP2   H  N N 35  
DA  "H5'"  H  N N 36  
DA  "H5''" H  N N 37  
DA  "H4'"  H  N N 38  
DA  "H3'"  H  N N 39  
DA  "HO3'" H  N N 40  
DA  "H2'"  H  N N 41  
DA  "H2''" H  N N 42  
DA  "H1'"  H  N N 43  
DA  H8     H  N N 44  
DA  H61    H  N N 45  
DA  H62    H  N N 46  
DA  H2     H  N N 47  
DC  OP3    O  N N 48  
DC  P      P  N N 49  
DC  OP1    O  N N 50  
DC  OP2    O  N N 51  
DC  "O5'"  O  N N 52  
DC  "C5'"  C  N N 53  
DC  "C4'"  C  N R 54  
DC  "O4'"  O  N N 55  
DC  "C3'"  C  N S 56  
DC  "O3'"  O  N N 57  
DC  "C2'"  C  N N 58  
DC  "C1'"  C  N R 59  
DC  N1     N  N N 60  
DC  C2     C  N N 61  
DC  O2     O  N N 62  
DC  N3     N  N N 63  
DC  C4     C  N N 64  
DC  N4     N  N N 65  
DC  C5     C  N N 66  
DC  C6     C  N N 67  
DC  HOP3   H  N N 68  
DC  HOP2   H  N N 69  
DC  "H5'"  H  N N 70  
DC  "H5''" H  N N 71  
DC  "H4'"  H  N N 72  
DC  "H3'"  H  N N 73  
DC  "HO3'" H  N N 74  
DC  "H2'"  H  N N 75  
DC  "H2''" H  N N 76  
DC  "H1'"  H  N N 77  
DC  H41    H  N N 78  
DC  H42    H  N N 79  
DC  H5     H  N N 80  
DC  H6     H  N N 81  
DG  OP3    O  N N 82  
DG  P      P  N N 83  
DG  OP1    O  N N 84  
DG  OP2    O  N N 85  
DG  "O5'"  O  N N 86  
DG  "C5'"  C  N N 87  
DG  "C4'"  C  N R 88  
DG  "O4'"  O  N N 89  
DG  "C3'"  C  N S 90  
DG  "O3'"  O  N N 91  
DG  "C2'"  C  N N 92  
DG  "C1'"  C  N R 93  
DG  N9     N  Y N 94  
DG  C8     C  Y N 95  
DG  N7     N  Y N 96  
DG  C5     C  Y N 97  
DG  C6     C  N N 98  
DG  O6     O  N N 99  
DG  N1     N  N N 100 
DG  C2     C  N N 101 
DG  N2     N  N N 102 
DG  N3     N  N N 103 
DG  C4     C  Y N 104 
DG  HOP3   H  N N 105 
DG  HOP2   H  N N 106 
DG  "H5'"  H  N N 107 
DG  "H5''" H  N N 108 
DG  "H4'"  H  N N 109 
DG  "H3'"  H  N N 110 
DG  "HO3'" H  N N 111 
DG  "H2'"  H  N N 112 
DG  "H2''" H  N N 113 
DG  "H1'"  H  N N 114 
DG  H8     H  N N 115 
DG  H1     H  N N 116 
DG  H21    H  N N 117 
DG  H22    H  N N 118 
DT  OP3    O  N N 119 
DT  P      P  N N 120 
DT  OP1    O  N N 121 
DT  OP2    O  N N 122 
DT  "O5'"  O  N N 123 
DT  "C5'"  C  N N 124 
DT  "C4'"  C  N R 125 
DT  "O4'"  O  N N 126 
DT  "C3'"  C  N S 127 
DT  "O3'"  O  N N 128 
DT  "C2'"  C  N N 129 
DT  "C1'"  C  N R 130 
DT  N1     N  N N 131 
DT  C2     C  N N 132 
DT  O2     O  N N 133 
DT  N3     N  N N 134 
DT  C4     C  N N 135 
DT  O4     O  N N 136 
DT  C5     C  N N 137 
DT  C7     C  N N 138 
DT  C6     C  N N 139 
DT  HOP3   H  N N 140 
DT  HOP2   H  N N 141 
DT  "H5'"  H  N N 142 
DT  "H5''" H  N N 143 
DT  "H4'"  H  N N 144 
DT  "H3'"  H  N N 145 
DT  "HO3'" H  N N 146 
DT  "H2'"  H  N N 147 
DT  "H2''" H  N N 148 
DT  "H1'"  H  N N 149 
DT  H3     H  N N 150 
DT  H71    H  N N 151 
DT  H72    H  N N 152 
DT  H73    H  N N 153 
DT  H6     H  N N 154 
MG  MG     MG N N 155 
# 
loop_
_chem_comp_bond.comp_id 
_chem_comp_bond.atom_id_1 
_chem_comp_bond.atom_id_2 
_chem_comp_bond.value_order 
_chem_comp_bond.pdbx_aromatic_flag 
_chem_comp_bond.pdbx_stereo_config 
_chem_comp_bond.pdbx_ordinal 
CAC AS    O1     doub N N 1   
CAC AS    O2     sing N N 2   
CAC AS    C1     sing N N 3   
CAC AS    C2     sing N N 4   
CAC C1    H11    sing N N 5   
CAC C1    H12    sing N N 6   
CAC C1    H13    sing N N 7   
CAC C2    H21    sing N N 8   
CAC C2    H22    sing N N 9   
CAC C2    H23    sing N N 10  
DA  OP3   P      sing N N 11  
DA  OP3   HOP3   sing N N 12  
DA  P     OP1    doub N N 13  
DA  P     OP2    sing N N 14  
DA  P     "O5'"  sing N N 15  
DA  OP2   HOP2   sing N N 16  
DA  "O5'" "C5'"  sing N N 17  
DA  "C5'" "C4'"  sing N N 18  
DA  "C5'" "H5'"  sing N N 19  
DA  "C5'" "H5''" sing N N 20  
DA  "C4'" "O4'"  sing N N 21  
DA  "C4'" "C3'"  sing N N 22  
DA  "C4'" "H4'"  sing N N 23  
DA  "O4'" "C1'"  sing N N 24  
DA  "C3'" "O3'"  sing N N 25  
DA  "C3'" "C2'"  sing N N 26  
DA  "C3'" "H3'"  sing N N 27  
DA  "O3'" "HO3'" sing N N 28  
DA  "C2'" "C1'"  sing N N 29  
DA  "C2'" "H2'"  sing N N 30  
DA  "C2'" "H2''" sing N N 31  
DA  "C1'" N9     sing N N 32  
DA  "C1'" "H1'"  sing N N 33  
DA  N9    C8     sing Y N 34  
DA  N9    C4     sing Y N 35  
DA  C8    N7     doub Y N 36  
DA  C8    H8     sing N N 37  
DA  N7    C5     sing Y N 38  
DA  C5    C6     sing Y N 39  
DA  C5    C4     doub Y N 40  
DA  C6    N6     sing N N 41  
DA  C6    N1     doub Y N 42  
DA  N6    H61    sing N N 43  
DA  N6    H62    sing N N 44  
DA  N1    C2     sing Y N 45  
DA  C2    N3     doub Y N 46  
DA  C2    H2     sing N N 47  
DA  N3    C4     sing Y N 48  
DC  OP3   P      sing N N 49  
DC  OP3   HOP3   sing N N 50  
DC  P     OP1    doub N N 51  
DC  P     OP2    sing N N 52  
DC  P     "O5'"  sing N N 53  
DC  OP2   HOP2   sing N N 54  
DC  "O5'" "C5'"  sing N N 55  
DC  "C5'" "C4'"  sing N N 56  
DC  "C5'" "H5'"  sing N N 57  
DC  "C5'" "H5''" sing N N 58  
DC  "C4'" "O4'"  sing N N 59  
DC  "C4'" "C3'"  sing N N 60  
DC  "C4'" "H4'"  sing N N 61  
DC  "O4'" "C1'"  sing N N 62  
DC  "C3'" "O3'"  sing N N 63  
DC  "C3'" "C2'"  sing N N 64  
DC  "C3'" "H3'"  sing N N 65  
DC  "O3'" "HO3'" sing N N 66  
DC  "C2'" "C1'"  sing N N 67  
DC  "C2'" "H2'"  sing N N 68  
DC  "C2'" "H2''" sing N N 69  
DC  "C1'" N1     sing N N 70  
DC  "C1'" "H1'"  sing N N 71  
DC  N1    C2     sing N N 72  
DC  N1    C6     sing N N 73  
DC  C2    O2     doub N N 74  
DC  C2    N3     sing N N 75  
DC  N3    C4     doub N N 76  
DC  C4    N4     sing N N 77  
DC  C4    C5     sing N N 78  
DC  N4    H41    sing N N 79  
DC  N4    H42    sing N N 80  
DC  C5    C6     doub N N 81  
DC  C5    H5     sing N N 82  
DC  C6    H6     sing N N 83  
DG  OP3   P      sing N N 84  
DG  OP3   HOP3   sing N N 85  
DG  P     OP1    doub N N 86  
DG  P     OP2    sing N N 87  
DG  P     "O5'"  sing N N 88  
DG  OP2   HOP2   sing N N 89  
DG  "O5'" "C5'"  sing N N 90  
DG  "C5'" "C4'"  sing N N 91  
DG  "C5'" "H5'"  sing N N 92  
DG  "C5'" "H5''" sing N N 93  
DG  "C4'" "O4'"  sing N N 94  
DG  "C4'" "C3'"  sing N N 95  
DG  "C4'" "H4'"  sing N N 96  
DG  "O4'" "C1'"  sing N N 97  
DG  "C3'" "O3'"  sing N N 98  
DG  "C3'" "C2'"  sing N N 99  
DG  "C3'" "H3'"  sing N N 100 
DG  "O3'" "HO3'" sing N N 101 
DG  "C2'" "C1'"  sing N N 102 
DG  "C2'" "H2'"  sing N N 103 
DG  "C2'" "H2''" sing N N 104 
DG  "C1'" N9     sing N N 105 
DG  "C1'" "H1'"  sing N N 106 
DG  N9    C8     sing Y N 107 
DG  N9    C4     sing Y N 108 
DG  C8    N7     doub Y N 109 
DG  C8    H8     sing N N 110 
DG  N7    C5     sing Y N 111 
DG  C5    C6     sing N N 112 
DG  C5    C4     doub Y N 113 
DG  C6    O6     doub N N 114 
DG  C6    N1     sing N N 115 
DG  N1    C2     sing N N 116 
DG  N1    H1     sing N N 117 
DG  C2    N2     sing N N 118 
DG  C2    N3     doub N N 119 
DG  N2    H21    sing N N 120 
DG  N2    H22    sing N N 121 
DG  N3    C4     sing N N 122 
DT  OP3   P      sing N N 123 
DT  OP3   HOP3   sing N N 124 
DT  P     OP1    doub N N 125 
DT  P     OP2    sing N N 126 
DT  P     "O5'"  sing N N 127 
DT  OP2   HOP2   sing N N 128 
DT  "O5'" "C5'"  sing N N 129 
DT  "C5'" "C4'"  sing N N 130 
DT  "C5'" "H5'"  sing N N 131 
DT  "C5'" "H5''" sing N N 132 
DT  "C4'" "O4'"  sing N N 133 
DT  "C4'" "C3'"  sing N N 134 
DT  "C4'" "H4'"  sing N N 135 
DT  "O4'" "C1'"  sing N N 136 
DT  "C3'" "O3'"  sing N N 137 
DT  "C3'" "C2'"  sing N N 138 
DT  "C3'" "H3'"  sing N N 139 
DT  "O3'" "HO3'" sing N N 140 
DT  "C2'" "C1'"  sing N N 141 
DT  "C2'" "H2'"  sing N N 142 
DT  "C2'" "H2''" sing N N 143 
DT  "C1'" N1     sing N N 144 
DT  "C1'" "H1'"  sing N N 145 
DT  N1    C2     sing N N 146 
DT  N1    C6     sing N N 147 
DT  C2    O2     doub N N 148 
DT  C2    N3     sing N N 149 
DT  N3    C4     sing N N 150 
DT  N3    H3     sing N N 151 
DT  C4    O4     doub N N 152 
DT  C4    C5     sing N N 153 
DT  C5    C7     sing N N 154 
DT  C5    C6     doub N N 155 
DT  C7    H71    sing N N 156 
DT  C7    H72    sing N N 157 
DT  C7    H73    sing N N 158 
DT  C6    H6     sing N N 159 
# 
loop_
_ndb_struct_conf_na.entry_id 
_ndb_struct_conf_na.feature 
6WRB 'double helix'        
6WRB 'a-form double helix' 
6WRB 'b-form double helix' 
# 
loop_
_ndb_struct_na_base_pair.model_number 
_ndb_struct_na_base_pair.i_label_asym_id 
_ndb_struct_na_base_pair.i_label_comp_id 
_ndb_struct_na_base_pair.i_label_seq_id 
_ndb_struct_na_base_pair.i_symmetry 
_ndb_struct_na_base_pair.j_label_asym_id 
_ndb_struct_na_base_pair.j_label_comp_id 
_ndb_struct_na_base_pair.j_label_seq_id 
_ndb_struct_na_base_pair.j_symmetry 
_ndb_struct_na_base_pair.shear 
_ndb_struct_na_base_pair.stretch 
_ndb_struct_na_base_pair.stagger 
_ndb_struct_na_base_pair.buckle 
_ndb_struct_na_base_pair.propeller 
_ndb_struct_na_base_pair.opening 
_ndb_struct_na_base_pair.pair_number 
_ndb_struct_na_base_pair.pair_name 
_ndb_struct_na_base_pair.i_auth_asym_id 
_ndb_struct_na_base_pair.i_auth_seq_id 
_ndb_struct_na_base_pair.i_PDB_ins_code 
_ndb_struct_na_base_pair.j_auth_asym_id 
_ndb_struct_na_base_pair.j_auth_seq_id 
_ndb_struct_na_base_pair.j_PDB_ins_code 
_ndb_struct_na_base_pair.hbond_type_28 
_ndb_struct_na_base_pair.hbond_type_12 
1 A DG 3  1_555 D DC 7 1_555 -0.198 -0.186 0.569  -2.471 -4.020  0.056  1  A_DG3:DC16_D A 3  ? D 16 ? 19 1 
1 A DC 4  1_555 D DG 6 1_555 -0.691 0.533  0.198  -8.836 -3.121  -3.122 2  A_DC4:DG15_D A 4  ? D 15 ? 19 1 
1 A DA 5  1_555 D DT 5 1_555 0.134  -0.114 0.289  -1.109 -1.593  1.040  3  A_DA5:DT14_D A 5  ? D 14 ? 20 1 
1 A DG 6  1_555 D DC 4 1_555 -0.171 -0.157 0.225  2.068  -3.289  1.191  4  A_DG6:DC13_D A 6  ? D 13 ? 19 1 
1 A DA 7  1_555 D DT 3 1_555 0.082  -0.123 -0.211 -1.127 -5.319  -0.115 5  A_DA7:DT12_D A 7  ? D 12 ? 20 1 
1 A DC 8  1_555 D DG 2 1_555 0.215  -0.154 -0.098 2.074  -7.095  1.500  6  A_DC8:DG11_D A 8  ? D 11 ? 19 1 
1 A DC 9  1_555 D DG 1 1_555 0.179  -0.149 0.134  -4.958 -4.752  0.359  7  A_DC9:DG10_D A 9  ? D 10 ? 19 1 
1 A DC 10 1_555 B DG 5 1_555 0.196  -0.175 0.042  -4.719 -2.557  3.481  8  A_DC10:DG5_B A 10 ? B 5  ? 19 1 
1 A DG 11 1_555 B DC 4 1_555 -0.187 -0.171 0.420  -0.410 -4.007  0.807  9  A_DG11:DC4_B A 11 ? B 4  ? 19 1 
1 A DA 12 1_555 B DT 3 1_555 0.176  -0.130 0.517  -1.876 -6.455  -1.322 10 A_DA12:DT3_B A 12 ? B 3  ? 20 1 
1 A DC 13 1_555 B DG 2 1_555 0.083  -0.300 0.931  -3.915 -11.241 -4.981 11 A_DC13:DG2_B A 13 ? B 2  ? 19 1 
1 A DG 14 1_555 B DC 1 1_555 -0.118 -0.227 0.858  3.729  -6.312  -3.133 12 A_DG14:DC1_B A 14 ? B 1  ? 19 1 
1 A DG 15 1_555 C DC 9 1_555 -0.238 -0.113 -0.055 -9.097 -6.245  2.304  13 A_DG15:DC9_C A 15 ? C 9  ? 19 1 
1 A DC 16 1_555 C DG 8 1_555 -0.903 0.610  0.703  -6.272 -6.098  2.371  14 A_DC16:DG8_C A 16 ? C 8  ? 19 1 
1 A DA 17 1_555 C DT 7 1_555 0.106  -0.126 -0.111 0.939  -6.131  -0.649 15 A_DA17:DT7_C A 17 ? C 7  ? 20 1 
1 A DC 18 1_555 C DG 6 1_555 0.174  -0.132 0.030  0.259  -5.059  -2.118 16 A_DC18:DG6_C A 18 ? C 6  ? 19 1 
1 A DT 19 1_555 C DA 5 1_555 -0.091 -0.071 0.111  -0.919 -6.388  -0.115 17 A_DT19:DA5_C A 19 ? C 5  ? 20 1 
1 A DC 20 1_555 C DG 4 1_555 0.168  -0.126 0.242  -1.167 -6.060  -1.164 18 A_DC20:DG4_C A 20 ? C 4  ? 19 1 
1 A DA 21 1_555 C DT 3 1_555 0.064  -0.142 0.339  -2.461 -6.809  2.196  19 A_DA21:DT3_C A 21 ? C 3  ? 20 1 
# 
loop_
_ndb_struct_na_base_pair_step.model_number 
_ndb_struct_na_base_pair_step.i_label_asym_id_1 
_ndb_struct_na_base_pair_step.i_label_comp_id_1 
_ndb_struct_na_base_pair_step.i_label_seq_id_1 
_ndb_struct_na_base_pair_step.i_symmetry_1 
_ndb_struct_na_base_pair_step.j_label_asym_id_1 
_ndb_struct_na_base_pair_step.j_label_comp_id_1 
_ndb_struct_na_base_pair_step.j_label_seq_id_1 
_ndb_struct_na_base_pair_step.j_symmetry_1 
_ndb_struct_na_base_pair_step.i_label_asym_id_2 
_ndb_struct_na_base_pair_step.i_label_comp_id_2 
_ndb_struct_na_base_pair_step.i_label_seq_id_2 
_ndb_struct_na_base_pair_step.i_symmetry_2 
_ndb_struct_na_base_pair_step.j_label_asym_id_2 
_ndb_struct_na_base_pair_step.j_label_comp_id_2 
_ndb_struct_na_base_pair_step.j_label_seq_id_2 
_ndb_struct_na_base_pair_step.j_symmetry_2 
_ndb_struct_na_base_pair_step.shift 
_ndb_struct_na_base_pair_step.slide 
_ndb_struct_na_base_pair_step.rise 
_ndb_struct_na_base_pair_step.tilt 
_ndb_struct_na_base_pair_step.roll 
_ndb_struct_na_base_pair_step.twist 
_ndb_struct_na_base_pair_step.x_displacement 
_ndb_struct_na_base_pair_step.y_displacement 
_ndb_struct_na_base_pair_step.helical_rise 
_ndb_struct_na_base_pair_step.inclination 
_ndb_struct_na_base_pair_step.tip 
_ndb_struct_na_base_pair_step.helical_twist 
_ndb_struct_na_base_pair_step.step_number 
_ndb_struct_na_base_pair_step.step_name 
_ndb_struct_na_base_pair_step.i_auth_asym_id_1 
_ndb_struct_na_base_pair_step.i_auth_seq_id_1 
_ndb_struct_na_base_pair_step.i_PDB_ins_code_1 
_ndb_struct_na_base_pair_step.j_auth_asym_id_1 
_ndb_struct_na_base_pair_step.j_auth_seq_id_1 
_ndb_struct_na_base_pair_step.j_PDB_ins_code_1 
_ndb_struct_na_base_pair_step.i_auth_asym_id_2 
_ndb_struct_na_base_pair_step.i_auth_seq_id_2 
_ndb_struct_na_base_pair_step.i_PDB_ins_code_2 
_ndb_struct_na_base_pair_step.j_auth_asym_id_2 
_ndb_struct_na_base_pair_step.j_auth_seq_id_2 
_ndb_struct_na_base_pair_step.j_PDB_ins_code_2 
1 A DG 3  1_555 D DC 7 1_555 A DC 4  1_555 D DG 6 1_555 -0.965 -0.825 3.377 1.009  -0.055 26.679 -1.772 2.359  3.341 -0.119 -2.186 
26.697 1  AA_DG3DC4:DG15DC16_DD A 3  ? D 16 ? A 4  ? D 15 ? 
1 A DC 4  1_555 D DG 6 1_555 A DA 5  1_555 D DT 5 1_555 -0.126 0.748  3.242 -0.943 5.081  36.241 0.487  0.070  3.315 8.117  1.506  
36.596 2  AA_DC4DA5:DT14DG15_DD A 4  ? D 15 ? A 5  ? D 14 ? 
1 A DA 5  1_555 D DT 5 1_555 A DG 6  1_555 D DC 4 1_555 0.089  -0.353 3.159 -0.969 0.888  30.165 -0.852 -0.361 3.143 1.706  1.861  
30.193 3  AA_DA5DG6:DC13DT14_DD A 5  ? D 14 ? A 6  ? D 13 ? 
1 A DG 6  1_555 D DC 4 1_555 A DA 7  1_555 D DT 3 1_555 0.196  -0.528 3.267 1.633  1.222  41.289 -0.879 -0.104 3.256 1.732  -2.314 
41.337 4  AA_DG6DA7:DT12DC13_DD A 6  ? D 13 ? A 7  ? D 12 ? 
1 A DA 7  1_555 D DT 3 1_555 A DC 8  1_555 D DG 2 1_555 0.401  -0.881 3.195 -4.270 -0.200 31.096 -1.593 -1.520 3.118 -0.370 7.918  
31.381 5  AA_DA7DC8:DG11DT12_DD A 7  ? D 12 ? A 8  ? D 11 ? 
1 A DC 8  1_555 D DG 2 1_555 A DC 9  1_555 D DG 1 1_555 -0.307 -1.822 3.502 -5.881 0.520  31.438 -3.409 -0.586 3.471 0.950  10.734 
31.974 6  AA_DC8DC9:DG10DG11_DD A 8  ? D 11 ? A 9  ? D 10 ? 
1 A DC 9  1_555 D DG 1 1_555 A DC 10 1_555 B DG 5 1_555 -0.814 -0.690 3.171 0.097  4.152  30.404 -2.084 1.557  3.049 7.870  -0.183 
30.680 7  AA_DC9DC10:DG5DG10_BD A 9  ? D 10 ? A 10 ? B 5  ? 
1 A DC 10 1_555 B DG 5 1_555 A DG 11 1_555 B DC 4 1_555 -0.720 0.680  3.309 -3.930 3.870  30.235 0.494  0.558  3.431 7.343  7.456  
30.722 8  AA_DC10DG11:DC4DG5_BB A 10 ? B 5  ? A 11 ? B 4  ? 
1 A DG 11 1_555 B DC 4 1_555 A DA 12 1_555 B DT 3 1_555 0.122  -0.198 3.353 -1.874 3.200  38.701 -0.695 -0.416 3.317 4.815  2.820  
38.871 9  AA_DG11DA12:DT3DC4_BB A 11 ? B 4  ? A 12 ? B 3  ? 
1 A DA 12 1_555 B DT 3 1_555 A DC 13 1_555 B DG 2 1_555 0.307  -0.903 3.263 -4.917 0.395  30.943 -1.746 -1.485 3.167 0.734  9.142  
31.325 10 AA_DA12DC13:DG2DT3_BB A 12 ? B 3  ? A 13 ? B 2  ? 
1 A DC 13 1_555 B DG 2 1_555 A DG 14 1_555 B DC 1 1_555 0.103  -1.091 2.835 -2.703 2.632  36.147 -2.064 -0.488 2.737 4.227  4.342  
36.337 11 AA_DC13DG14:DC1DG2_BB A 13 ? B 2  ? A 14 ? B 1  ? 
1 A DG 14 1_555 B DC 1 1_555 A DG 15 1_555 C DC 9 1_555 -0.802 -0.326 3.601 3.474  -1.494 34.957 -0.297 1.894  3.518 -2.479 -5.762 
35.155 12 AA_DG14DG15:DC9DC1_CB A 14 ? B 1  ? A 15 ? C 9  ? 
1 A DG 15 1_555 C DC 9 1_555 A DC 16 1_555 C DG 8 1_555 -1.147 -0.320 3.230 -6.989 2.211  26.843 -1.213 0.662  3.378 4.654  14.709 
27.808 13 AA_DG15DC16:DG8DC9_CC A 15 ? C 9  ? A 16 ? C 8  ? 
1 A DC 16 1_555 C DG 8 1_555 A DA 17 1_555 C DT 7 1_555 -0.114 0.472  3.166 3.333  2.967  43.919 0.359  0.456  3.174 3.955  -4.442 
44.134 14 AA_DC16DA17:DT7DG8_CC A 16 ? C 8  ? A 17 ? C 7  ? 
1 A DA 17 1_555 C DT 7 1_555 A DC 18 1_555 C DG 6 1_555 0.253  -0.870 3.323 -1.324 -1.793 31.007 -1.273 -0.731 3.353 -3.349 2.473  
31.085 15 AA_DA17DC18:DG6DT7_CC A 17 ? C 7  ? A 18 ? C 6  ? 
1 A DC 18 1_555 C DG 6 1_555 A DT 19 1_555 C DA 5 1_555 -0.217 -0.975 3.380 0.052  -0.246 32.636 -1.692 0.395  3.386 -0.437 -0.093 
32.637 16 AA_DC18DT19:DA5DG6_CC A 18 ? C 6  ? A 19 ? C 5  ? 
1 A DT 19 1_555 C DA 5 1_555 A DC 20 1_555 C DG 4 1_555 0.435  0.379  3.334 -0.002 1.967  40.317 0.324  -0.631 3.348 2.852  0.003  
40.363 17 AA_DT19DC20:DG4DA5_CC A 19 ? C 5  ? A 20 ? C 4  ? 
1 A DC 20 1_555 C DG 4 1_555 A DA 21 1_555 C DT 3 1_555 0.471  0.933  3.605 0.462  1.061  38.649 1.265  -0.648 3.634 1.602  -0.698 
38.666 18 AA_DC20DA21:DT3DG4_CC A 20 ? C 4  ? A 21 ? C 3  ? 
# 
loop_
_pdbx_audit_support.funding_organization 
_pdbx_audit_support.country 
_pdbx_audit_support.grant_number 
_pdbx_audit_support.ordinal 
'National Science Foundation (NSF, United States)'                                         'United States' 1360635     1 
'National Institutes of Health/National Institute of General Medical Sciences (NIH/NIGMS)' 'United States' R01GM104960 2 
'National Science Foundation (NSF, United States)'                                         'United States' NSF2004250  3 
# 
loop_
_pdbx_entity_nonpoly.entity_id 
_pdbx_entity_nonpoly.name 
_pdbx_entity_nonpoly.comp_id 
5 'MAGNESIUM ION'  MG  
6 'CACODYLATE ION' CAC 
# 
_pdbx_initial_refinement_model.id               1 
_pdbx_initial_refinement_model.entity_id_list   ? 
_pdbx_initial_refinement_model.type             'experimental model' 
_pdbx_initial_refinement_model.source_name      PDB 
_pdbx_initial_refinement_model.accession_code   5KEK 
_pdbx_initial_refinement_model.details          ? 
# 
_pdbx_struct_assembly_auth_evidence.id                     1 
_pdbx_struct_assembly_auth_evidence.assembly_id            1 
_pdbx_struct_assembly_auth_evidence.experimental_support   none 
_pdbx_struct_assembly_auth_evidence.details                ? 
# 
